data_2COA
#
_entry.id   2COA
#
_entity_poly.entity_id   1
_entity_poly.type   'polypeptide(L)'
_entity_poly.pdbx_seq_one_letter_code
;GSSGSSGTLREGWVVHYSNKDTLRKRHYWRLDCKCITLFQNNTTNRYYKEIPLSEILTVESAQNFSLVPPGTNPHCFEIV
TANATYFVGEMPGGTPGGPSGQGAEAARGWETAIRQALMSGPSSG
;
_entity_poly.pdbx_strand_id   A
#
# COMPACT_ATOMS: atom_id res chain seq x y z
N GLY A 1 16.94 -13.13 21.53
CA GLY A 1 15.61 -12.95 20.97
C GLY A 1 15.34 -13.91 19.82
N SER A 2 14.12 -14.40 19.75
CA SER A 2 13.73 -15.34 18.69
C SER A 2 14.21 -14.85 17.33
N SER A 3 15.01 -15.67 16.66
CA SER A 3 15.53 -15.32 15.34
C SER A 3 14.90 -16.18 14.25
N GLY A 4 13.77 -15.73 13.73
CA GLY A 4 13.07 -16.47 12.69
C GLY A 4 12.30 -15.56 11.76
N SER A 5 12.44 -15.80 10.45
CA SER A 5 11.75 -14.99 9.46
C SER A 5 10.70 -15.82 8.71
N SER A 6 9.48 -15.84 9.25
CA SER A 6 8.40 -16.60 8.64
C SER A 6 8.26 -16.28 7.16
N GLY A 7 8.27 -14.98 6.83
CA GLY A 7 8.15 -14.56 5.45
C GLY A 7 7.42 -13.24 5.31
N THR A 8 6.42 -13.21 4.45
CA THR A 8 5.64 -11.99 4.21
C THR A 8 5.25 -11.33 5.53
N LEU A 9 5.65 -10.07 5.69
CA LEU A 9 5.34 -9.33 6.91
C LEU A 9 3.87 -8.92 6.94
N ARG A 10 3.36 -8.52 5.79
CA ARG A 10 1.96 -8.10 5.68
C ARG A 10 1.30 -8.69 4.44
N GLU A 11 -0.01 -8.83 4.49
CA GLU A 11 -0.76 -9.38 3.36
C GLU A 11 -2.26 -9.07 3.48
N GLY A 12 -2.86 -8.65 2.38
CA GLY A 12 -4.27 -8.32 2.39
C GLY A 12 -4.66 -7.40 1.25
N TRP A 13 -5.95 -7.38 0.93
CA TRP A 13 -6.45 -6.54 -0.15
C TRP A 13 -6.20 -5.06 0.14
N VAL A 14 -5.44 -4.40 -0.73
CA VAL A 14 -5.14 -2.98 -0.56
C VAL A 14 -5.22 -2.24 -1.89
N VAL A 15 -5.72 -1.01 -1.84
CA VAL A 15 -5.85 -0.18 -3.04
C VAL A 15 -4.90 1.01 -2.99
N HIS A 16 -4.38 1.38 -4.16
CA HIS A 16 -3.45 2.50 -4.25
C HIS A 16 -3.60 3.21 -5.60
N TYR A 17 -3.08 4.43 -5.68
CA TYR A 17 -3.15 5.20 -6.91
C TYR A 17 -2.09 6.31 -6.93
N SER A 18 -1.74 6.77 -8.13
CA SER A 18 -0.74 7.82 -8.27
C SER A 18 -1.40 9.16 -8.56
N ASN A 19 -0.58 10.20 -8.71
CA ASN A 19 -1.09 11.53 -8.99
C ASN A 19 -0.94 11.88 -10.46
N LYS A 20 -1.19 10.90 -11.32
CA LYS A 20 -1.08 11.09 -12.76
C LYS A 20 -2.32 10.53 -13.47
N ASP A 21 -2.68 9.30 -13.13
CA ASP A 21 -3.84 8.65 -13.74
C ASP A 21 -4.92 8.39 -12.69
N THR A 22 -4.52 8.34 -11.42
CA THR A 22 -5.44 8.09 -10.34
C THR A 22 -6.31 6.87 -10.61
N LEU A 23 -5.69 5.80 -11.10
CA LEU A 23 -6.40 4.57 -11.41
C LEU A 23 -6.31 3.58 -10.26
N ARG A 24 -6.96 3.91 -9.14
CA ARG A 24 -6.95 3.04 -7.96
C ARG A 24 -6.85 1.58 -8.37
N LYS A 25 -5.80 0.91 -7.91
CA LYS A 25 -5.58 -0.50 -8.22
C LYS A 25 -5.78 -1.36 -6.99
N ARG A 26 -6.74 -2.29 -7.08
CA ARG A 26 -7.04 -3.18 -5.96
C ARG A 26 -6.45 -4.56 -6.20
N HIS A 27 -5.66 -5.04 -5.24
CA HIS A 27 -5.03 -6.35 -5.34
C HIS A 27 -4.41 -6.76 -4.01
N TYR A 28 -4.19 -8.06 -3.84
CA TYR A 28 -3.60 -8.59 -2.62
C TYR A 28 -2.17 -8.09 -2.43
N TRP A 29 -2.02 -7.03 -1.64
CA TRP A 29 -0.71 -6.45 -1.39
C TRP A 29 0.10 -7.33 -0.44
N ARG A 30 1.33 -7.63 -0.82
CA ARG A 30 2.21 -8.46 0.00
C ARG A 30 3.51 -7.74 0.33
N LEU A 31 3.81 -7.64 1.62
CA LEU A 31 5.02 -6.97 2.08
C LEU A 31 6.03 -7.98 2.60
N ASP A 32 7.31 -7.68 2.38
CA ASP A 32 8.39 -8.57 2.83
C ASP A 32 9.53 -7.76 3.43
N CYS A 33 10.61 -8.44 3.78
CA CYS A 33 11.78 -7.79 4.37
C CYS A 33 12.70 -7.24 3.28
N LYS A 34 12.24 -7.31 2.03
CA LYS A 34 13.02 -6.82 0.91
C LYS A 34 12.20 -5.87 0.04
N CYS A 35 10.99 -6.29 -0.31
CA CYS A 35 10.10 -5.47 -1.13
C CYS A 35 8.64 -5.82 -0.86
N ILE A 36 7.74 -5.10 -1.52
CA ILE A 36 6.31 -5.34 -1.36
C ILE A 36 5.70 -5.90 -2.64
N THR A 37 5.45 -7.21 -2.64
CA THR A 37 4.87 -7.87 -3.81
C THR A 37 3.41 -7.45 -4.00
N LEU A 38 2.89 -7.68 -5.21
CA LEU A 38 1.52 -7.32 -5.53
C LEU A 38 0.86 -8.41 -6.36
N PHE A 39 -0.21 -9.00 -5.81
CA PHE A 39 -0.93 -10.06 -6.51
C PHE A 39 -2.27 -9.55 -7.03
N GLN A 40 -2.33 -9.28 -8.33
CA GLN A 40 -3.55 -8.78 -8.96
C GLN A 40 -4.79 -9.34 -8.26
N ASN A 41 -4.72 -10.61 -7.88
CA ASN A 41 -5.83 -11.27 -7.20
C ASN A 41 -5.32 -12.27 -6.17
N ASN A 42 -6.24 -12.98 -5.54
CA ASN A 42 -5.89 -13.98 -4.53
C ASN A 42 -5.63 -15.34 -5.18
N THR A 43 -6.47 -15.69 -6.15
CA THR A 43 -6.33 -16.97 -6.85
C THR A 43 -5.11 -16.96 -7.75
N THR A 44 -4.87 -15.84 -8.41
CA THR A 44 -3.73 -15.70 -9.31
C THR A 44 -2.55 -16.54 -8.84
N ASN A 45 -1.76 -17.03 -9.79
CA ASN A 45 -0.60 -17.84 -9.47
C ASN A 45 0.66 -16.99 -9.36
N ARG A 46 0.81 -16.05 -10.28
CA ARG A 46 1.97 -15.15 -10.29
C ARG A 46 1.65 -13.83 -9.60
N TYR A 47 2.58 -12.90 -9.67
CA TYR A 47 2.40 -11.59 -9.03
C TYR A 47 2.30 -10.49 -10.09
N TYR A 48 1.40 -9.54 -9.85
CA TYR A 48 1.20 -8.43 -10.77
C TYR A 48 2.47 -7.61 -10.93
N LYS A 49 2.90 -7.00 -9.84
CA LYS A 49 4.11 -6.17 -9.85
C LYS A 49 4.83 -6.25 -8.50
N GLU A 50 6.05 -5.72 -8.46
CA GLU A 50 6.84 -5.73 -7.23
C GLU A 50 7.33 -4.32 -6.89
N ILE A 51 7.07 -3.89 -5.67
CA ILE A 51 7.49 -2.57 -5.23
C ILE A 51 8.71 -2.65 -4.33
N PRO A 52 9.89 -2.43 -4.92
CA PRO A 52 11.16 -2.47 -4.20
C PRO A 52 11.32 -1.29 -3.24
N LEU A 53 11.53 -1.61 -1.96
CA LEU A 53 11.70 -0.58 -0.94
C LEU A 53 12.67 0.50 -1.40
N SER A 54 13.56 0.13 -2.32
CA SER A 54 14.55 1.07 -2.85
C SER A 54 13.87 2.22 -3.57
N GLU A 55 12.83 1.89 -4.34
CA GLU A 55 12.09 2.90 -5.10
C GLU A 55 11.51 3.96 -4.17
N ILE A 56 10.97 3.50 -3.04
CA ILE A 56 10.38 4.42 -2.06
C ILE A 56 11.38 5.47 -1.62
N LEU A 57 10.94 6.73 -1.64
CA LEU A 57 11.80 7.84 -1.22
C LEU A 57 11.44 8.32 0.17
N THR A 58 10.14 8.40 0.45
CA THR A 58 9.67 8.84 1.76
C THR A 58 8.24 8.40 2.00
N VAL A 59 7.87 8.28 3.27
CA VAL A 59 6.52 7.86 3.64
C VAL A 59 5.83 8.92 4.49
N GLU A 60 4.69 9.40 4.01
CA GLU A 60 3.93 10.42 4.73
C GLU A 60 2.48 9.99 4.92
N SER A 61 1.75 10.70 5.78
CA SER A 61 0.35 10.40 6.04
C SER A 61 -0.56 11.21 5.13
N ALA A 62 -1.74 10.65 4.84
CA ALA A 62 -2.70 11.31 3.99
C ALA A 62 -2.91 12.76 4.41
N GLN A 63 -2.52 13.69 3.53
CA GLN A 63 -2.65 15.11 3.82
C GLN A 63 -3.21 15.85 2.62
N ASN A 64 -2.90 15.36 1.43
CA ASN A 64 -3.38 15.98 0.19
C ASN A 64 -4.65 15.31 -0.30
N PHE A 65 -5.70 16.10 -0.48
CA PHE A 65 -6.98 15.58 -0.96
C PHE A 65 -7.50 16.39 -2.13
N SER A 66 -6.62 16.72 -3.06
CA SER A 66 -6.99 17.51 -4.23
C SER A 66 -7.30 16.60 -5.41
N LEU A 67 -6.61 15.47 -5.48
CA LEU A 67 -6.82 14.51 -6.57
C LEU A 67 -8.25 13.97 -6.56
N VAL A 68 -8.57 13.19 -5.53
CA VAL A 68 -9.90 12.61 -5.40
C VAL A 68 -10.91 13.66 -4.94
N PRO A 69 -12.17 13.51 -5.36
CA PRO A 69 -13.25 14.43 -5.01
C PRO A 69 -13.64 14.32 -3.54
N PRO A 70 -14.46 15.28 -3.07
CA PRO A 70 -14.93 15.31 -1.68
C PRO A 70 -15.89 14.17 -1.35
N GLY A 71 -16.11 13.30 -2.33
CA GLY A 71 -17.00 12.17 -2.14
C GLY A 71 -16.37 10.85 -2.52
N THR A 72 -15.06 10.75 -2.33
CA THR A 72 -14.33 9.53 -2.65
C THR A 72 -13.35 9.16 -1.54
N ASN A 73 -13.62 8.03 -0.88
CA ASN A 73 -12.75 7.56 0.19
C ASN A 73 -11.30 7.91 -0.08
N PRO A 74 -10.70 8.72 0.82
CA PRO A 74 -9.31 9.15 0.70
C PRO A 74 -8.33 8.00 0.93
N HIS A 75 -7.06 8.35 1.12
CA HIS A 75 -6.02 7.35 1.35
C HIS A 75 -5.52 7.41 2.79
N CYS A 76 -4.66 6.46 3.15
CA CYS A 76 -4.11 6.40 4.50
C CYS A 76 -2.72 7.02 4.54
N PHE A 77 -1.83 6.52 3.69
CA PHE A 77 -0.47 7.03 3.63
C PHE A 77 0.01 7.13 2.18
N GLU A 78 0.99 7.99 1.95
CA GLU A 78 1.55 8.19 0.62
C GLU A 78 2.99 7.69 0.54
N ILE A 79 3.30 6.94 -0.52
CA ILE A 79 4.64 6.42 -0.71
C ILE A 79 5.38 7.17 -1.81
N VAL A 80 5.89 8.34 -1.48
CA VAL A 80 6.63 9.16 -2.43
C VAL A 80 7.73 8.35 -3.12
N THR A 81 7.50 8.02 -4.39
CA THR A 81 8.47 7.25 -5.15
C THR A 81 9.19 8.12 -6.18
N ALA A 82 10.07 7.51 -6.95
CA ALA A 82 10.83 8.24 -7.97
C ALA A 82 10.07 8.28 -9.29
N ASN A 83 8.75 8.13 -9.22
CA ASN A 83 7.91 8.14 -10.40
C ASN A 83 6.66 8.99 -10.18
N ALA A 84 6.11 8.90 -8.97
CA ALA A 84 4.92 9.67 -8.61
C ALA A 84 4.53 9.46 -7.15
N THR A 85 3.57 10.23 -6.68
CA THR A 85 3.11 10.12 -5.30
C THR A 85 2.05 9.03 -5.16
N TYR A 86 2.37 8.01 -4.38
CA TYR A 86 1.45 6.90 -4.15
C TYR A 86 0.38 7.28 -3.15
N PHE A 87 -0.80 6.66 -3.27
CA PHE A 87 -1.91 6.93 -2.37
C PHE A 87 -2.57 5.63 -1.91
N VAL A 88 -2.02 5.04 -0.86
CA VAL A 88 -2.55 3.80 -0.31
C VAL A 88 -3.46 4.06 0.89
N GLY A 89 -4.64 3.45 0.86
CA GLY A 89 -5.59 3.63 1.95
C GLY A 89 -6.86 2.81 1.76
N GLU A 90 -7.99 3.40 2.12
CA GLU A 90 -9.27 2.73 2.00
C GLU A 90 -9.81 2.84 0.57
N MET A 91 -10.81 2.03 0.25
CA MET A 91 -11.40 2.03 -1.08
C MET A 91 -12.75 2.75 -1.06
N PRO A 92 -13.09 3.40 -2.19
CA PRO A 92 -14.35 4.14 -2.33
C PRO A 92 -15.56 3.21 -2.38
N GLY A 93 -16.25 3.10 -1.25
CA GLY A 93 -17.42 2.24 -1.17
C GLY A 93 -18.28 2.55 0.04
N GLY A 94 -18.90 3.72 0.05
CA GLY A 94 -19.73 4.10 1.18
C GLY A 94 -21.22 4.07 0.82
N THR A 95 -21.88 2.98 1.18
CA THR A 95 -23.30 2.82 0.90
C THR A 95 -23.99 1.98 1.96
N PRO A 96 -25.27 2.28 2.23
CA PRO A 96 -26.06 1.54 3.22
C PRO A 96 -26.38 0.12 2.77
N GLY A 97 -26.71 -0.74 3.74
CA GLY A 97 -27.04 -2.12 3.42
C GLY A 97 -25.94 -3.08 3.83
N GLY A 98 -26.24 -3.91 4.83
CA GLY A 98 -25.26 -4.87 5.31
C GLY A 98 -23.86 -4.29 5.39
N PRO A 99 -23.65 -3.41 6.39
CA PRO A 99 -22.35 -2.76 6.60
C PRO A 99 -21.28 -3.74 7.09
N SER A 100 -20.07 -3.58 6.59
CA SER A 100 -18.96 -4.44 6.98
C SER A 100 -18.44 -4.07 8.36
N GLY A 101 -18.30 -2.77 8.60
CA GLY A 101 -17.82 -2.31 9.89
C GLY A 101 -16.33 -2.54 10.07
N GLN A 102 -15.55 -2.24 9.03
CA GLN A 102 -14.11 -2.43 9.07
C GLN A 102 -13.42 -1.57 8.02
N GLY A 103 -12.40 -0.84 8.44
CA GLY A 103 -11.65 0.01 7.51
C GLY A 103 -10.96 1.16 8.22
N ALA A 104 -10.22 0.85 9.27
CA ALA A 104 -9.50 1.86 10.03
C ALA A 104 -8.07 1.41 10.33
N GLU A 105 -7.94 0.32 11.09
CA GLU A 105 -6.64 -0.22 11.45
C GLU A 105 -5.99 -0.93 10.26
N ALA A 106 -6.79 -1.69 9.53
CA ALA A 106 -6.30 -2.42 8.38
C ALA A 106 -5.24 -1.62 7.63
N ALA A 107 -5.58 -0.38 7.27
CA ALA A 107 -4.65 0.48 6.56
C ALA A 107 -3.50 0.92 7.46
N ARG A 108 -3.83 1.37 8.66
CA ARG A 108 -2.83 1.81 9.62
C ARG A 108 -1.67 0.82 9.69
N GLY A 109 -2.00 -0.45 9.93
CA GLY A 109 -0.97 -1.47 10.02
C GLY A 109 0.06 -1.35 8.92
N TRP A 110 -0.40 -1.11 7.70
CA TRP A 110 0.50 -0.98 6.55
C TRP A 110 1.45 0.20 6.74
N GLU A 111 0.89 1.38 6.98
CA GLU A 111 1.68 2.59 7.18
C GLU A 111 2.93 2.28 7.99
N THR A 112 2.74 1.62 9.14
CA THR A 112 3.86 1.27 10.01
C THR A 112 4.67 0.12 9.43
N ALA A 113 3.99 -0.97 9.12
CA ALA A 113 4.65 -2.14 8.55
C ALA A 113 5.60 -1.75 7.42
N ILE A 114 5.05 -1.17 6.36
CA ILE A 114 5.85 -0.74 5.22
C ILE A 114 7.07 0.04 5.68
N ARG A 115 6.86 1.01 6.56
CA ARG A 115 7.95 1.84 7.06
C ARG A 115 9.01 0.97 7.74
N GLN A 116 8.57 -0.04 8.48
CA GLN A 116 9.49 -0.93 9.17
C GLN A 116 10.32 -1.73 8.18
N ALA A 117 9.65 -2.36 7.22
CA ALA A 117 10.33 -3.15 6.21
C ALA A 117 11.27 -2.30 5.38
N LEU A 118 10.86 -1.07 5.10
CA LEU A 118 11.66 -0.14 4.32
C LEU A 118 12.90 0.29 5.09
N MET A 119 12.96 -0.07 6.36
CA MET A 119 14.09 0.28 7.21
C MET A 119 15.41 -0.12 6.55
N SER A 120 15.35 -1.16 5.71
CA SER A 120 16.54 -1.65 5.02
C SER A 120 16.99 -0.65 3.94
N GLY A 121 16.02 -0.03 3.28
CA GLY A 121 16.34 0.93 2.25
C GLY A 121 17.51 1.82 2.62
N PRO A 122 18.09 2.48 1.60
CA PRO A 122 19.24 3.38 1.80
C PRO A 122 18.85 4.65 2.53
N SER A 123 17.60 4.72 2.97
CA SER A 123 17.10 5.89 3.69
C SER A 123 17.63 5.92 5.12
N SER A 124 18.84 6.43 5.29
CA SER A 124 19.46 6.51 6.61
C SER A 124 19.77 7.96 6.98
N GLY A 125 19.42 8.33 8.20
CA GLY A 125 19.66 9.70 8.66
C GLY A 125 20.80 9.78 9.64
N GLY A 1 20.13 -24.27 12.84
CA GLY A 1 19.48 -23.33 13.74
C GLY A 1 18.79 -22.21 13.00
N SER A 2 17.72 -22.54 12.27
CA SER A 2 16.97 -21.56 11.50
C SER A 2 16.38 -20.49 12.42
N SER A 3 17.01 -19.33 12.45
CA SER A 3 16.56 -18.22 13.30
C SER A 3 15.27 -17.62 12.74
N GLY A 4 14.15 -18.28 13.01
CA GLY A 4 12.87 -17.80 12.54
C GLY A 4 12.87 -17.51 11.05
N SER A 5 12.28 -18.43 10.27
CA SER A 5 12.23 -18.26 8.82
C SER A 5 11.62 -16.92 8.44
N SER A 6 12.32 -16.18 7.59
CA SER A 6 11.85 -14.88 7.14
C SER A 6 10.88 -15.01 5.98
N GLY A 7 9.68 -14.47 6.14
CA GLY A 7 8.67 -14.54 5.09
C GLY A 7 7.98 -13.22 4.88
N THR A 8 6.72 -13.29 4.43
CA THR A 8 5.94 -12.08 4.17
C THR A 8 5.55 -11.40 5.47
N LEU A 9 5.91 -10.12 5.60
CA LEU A 9 5.59 -9.35 6.79
C LEU A 9 4.10 -9.02 6.85
N ARG A 10 3.57 -8.46 5.76
CA ARG A 10 2.17 -8.11 5.69
C ARG A 10 1.57 -8.53 4.36
N GLU A 11 0.24 -8.70 4.34
CA GLU A 11 -0.45 -9.11 3.13
C GLU A 11 -1.96 -8.86 3.26
N GLY A 12 -2.62 -8.74 2.12
CA GLY A 12 -4.06 -8.50 2.12
C GLY A 12 -4.50 -7.57 1.01
N TRP A 13 -5.79 -7.59 0.70
CA TRP A 13 -6.33 -6.75 -0.36
C TRP A 13 -6.14 -5.27 -0.02
N VAL A 14 -5.46 -4.55 -0.91
CA VAL A 14 -5.21 -3.13 -0.71
C VAL A 14 -5.34 -2.36 -2.02
N VAL A 15 -5.86 -1.14 -1.93
CA VAL A 15 -6.03 -0.30 -3.11
C VAL A 15 -5.13 0.93 -3.05
N HIS A 16 -4.58 1.31 -4.20
CA HIS A 16 -3.70 2.47 -4.29
C HIS A 16 -3.84 3.17 -5.63
N TYR A 17 -3.16 4.29 -5.78
CA TYR A 17 -3.22 5.06 -7.02
C TYR A 17 -2.17 6.18 -7.02
N SER A 18 -1.63 6.48 -8.20
CA SER A 18 -0.62 7.51 -8.33
C SER A 18 -1.26 8.86 -8.65
N ASN A 19 -0.44 9.89 -8.77
CA ASN A 19 -0.93 11.23 -9.07
C ASN A 19 -0.73 11.56 -10.55
N LYS A 20 -0.93 10.56 -11.40
CA LYS A 20 -0.79 10.74 -12.84
C LYS A 20 -2.04 10.26 -13.57
N ASP A 21 -2.56 9.12 -13.16
CA ASP A 21 -3.76 8.56 -13.78
C ASP A 21 -4.77 8.13 -12.72
N THR A 22 -4.38 8.23 -11.46
CA THR A 22 -5.24 7.86 -10.35
C THR A 22 -5.94 6.53 -10.63
N LEU A 23 -5.17 5.54 -11.05
CA LEU A 23 -5.72 4.22 -11.35
C LEU A 23 -6.00 3.45 -10.07
N ARG A 24 -7.09 3.81 -9.38
CA ARG A 24 -7.46 3.14 -8.15
C ARG A 24 -7.73 1.66 -8.38
N LYS A 25 -6.71 0.84 -8.19
CA LYS A 25 -6.84 -0.60 -8.38
C LYS A 25 -6.54 -1.35 -7.08
N ARG A 26 -7.49 -2.19 -6.66
CA ARG A 26 -7.34 -2.96 -5.44
C ARG A 26 -6.86 -4.38 -5.75
N HIS A 27 -5.83 -4.81 -5.02
CA HIS A 27 -5.27 -6.15 -5.22
C HIS A 27 -4.56 -6.62 -3.96
N TYR A 28 -4.44 -7.94 -3.81
CA TYR A 28 -3.78 -8.53 -2.65
C TYR A 28 -2.33 -8.09 -2.57
N TRP A 29 -2.07 -7.06 -1.76
CA TRP A 29 -0.72 -6.54 -1.59
C TRP A 29 0.11 -7.47 -0.71
N ARG A 30 1.43 -7.43 -0.90
CA ARG A 30 2.33 -8.26 -0.12
C ARG A 30 3.61 -7.49 0.24
N LEU A 31 3.93 -7.44 1.53
CA LEU A 31 5.11 -6.74 1.99
C LEU A 31 6.11 -7.71 2.63
N ASP A 32 7.36 -7.62 2.20
CA ASP A 32 8.41 -8.49 2.74
C ASP A 32 9.54 -7.67 3.35
N CYS A 33 10.60 -8.36 3.76
CA CYS A 33 11.74 -7.70 4.37
C CYS A 33 12.70 -7.16 3.31
N LYS A 34 12.27 -7.24 2.05
CA LYS A 34 13.09 -6.77 0.94
C LYS A 34 12.30 -5.81 0.05
N CYS A 35 11.10 -6.24 -0.34
CA CYS A 35 10.24 -5.42 -1.19
C CYS A 35 8.77 -5.77 -0.97
N ILE A 36 7.88 -4.99 -1.57
CA ILE A 36 6.45 -5.21 -1.44
C ILE A 36 5.86 -5.74 -2.74
N THR A 37 5.63 -7.05 -2.78
CA THR A 37 5.06 -7.69 -3.96
C THR A 37 3.55 -7.52 -4.01
N LEU A 38 3.00 -7.57 -5.22
CA LEU A 38 1.55 -7.41 -5.41
C LEU A 38 0.95 -8.67 -6.03
N PHE A 39 -0.38 -8.73 -6.04
CA PHE A 39 -1.09 -9.88 -6.61
C PHE A 39 -2.51 -9.51 -6.98
N GLN A 40 -2.78 -9.46 -8.28
CA GLN A 40 -4.11 -9.11 -8.77
C GLN A 40 -5.19 -9.66 -7.83
N ASN A 41 -5.02 -10.90 -7.38
CA ASN A 41 -5.98 -11.53 -6.49
C ASN A 41 -5.28 -12.47 -5.51
N ASN A 42 -6.07 -13.17 -4.71
CA ASN A 42 -5.52 -14.11 -3.74
C ASN A 42 -5.33 -15.49 -4.36
N THR A 43 -6.30 -15.91 -5.15
CA THR A 43 -6.24 -17.21 -5.80
C THR A 43 -5.04 -17.31 -6.73
N THR A 44 -4.85 -16.28 -7.56
CA THR A 44 -3.74 -16.25 -8.51
C THR A 44 -2.43 -16.55 -7.80
N ASN A 45 -1.45 -17.04 -8.56
CA ASN A 45 -0.14 -17.37 -8.01
C ASN A 45 0.91 -16.36 -8.47
N ARG A 46 0.97 -16.13 -9.77
CA ARG A 46 1.93 -15.19 -10.35
C ARG A 46 1.61 -13.77 -9.92
N TYR A 47 2.59 -13.10 -9.30
CA TYR A 47 2.41 -11.73 -8.84
C TYR A 47 1.96 -10.83 -9.98
N TYR A 48 1.74 -9.55 -9.66
CA TYR A 48 1.31 -8.58 -10.66
C TYR A 48 2.27 -7.40 -10.72
N LYS A 49 2.70 -6.95 -9.54
CA LYS A 49 3.62 -5.82 -9.46
C LYS A 49 4.55 -5.97 -8.26
N GLU A 50 5.75 -5.41 -8.38
CA GLU A 50 6.74 -5.49 -7.31
C GLU A 50 7.25 -4.09 -6.94
N ILE A 51 7.00 -3.67 -5.70
CA ILE A 51 7.43 -2.37 -5.24
C ILE A 51 8.67 -2.48 -4.35
N PRO A 52 9.84 -2.24 -4.96
CA PRO A 52 11.12 -2.31 -4.25
C PRO A 52 11.29 -1.17 -3.24
N LEU A 53 11.51 -1.54 -1.98
CA LEU A 53 11.69 -0.56 -0.92
C LEU A 53 12.71 0.51 -1.32
N SER A 54 13.62 0.13 -2.22
CA SER A 54 14.65 1.04 -2.69
C SER A 54 14.03 2.23 -3.44
N GLU A 55 13.03 1.93 -4.26
CA GLU A 55 12.36 2.97 -5.04
C GLU A 55 11.73 4.02 -4.12
N ILE A 56 11.18 3.55 -3.00
CA ILE A 56 10.55 4.45 -2.04
C ILE A 56 11.51 5.53 -1.57
N LEU A 57 11.07 6.77 -1.60
CA LEU A 57 11.90 7.90 -1.18
C LEU A 57 11.53 8.33 0.23
N THR A 58 10.24 8.42 0.51
CA THR A 58 9.76 8.83 1.82
C THR A 58 8.32 8.38 2.05
N VAL A 59 7.95 8.21 3.31
CA VAL A 59 6.60 7.77 3.66
C VAL A 59 5.90 8.82 4.51
N GLU A 60 4.75 9.29 4.05
CA GLU A 60 3.98 10.29 4.77
C GLU A 60 2.53 9.86 4.93
N SER A 61 1.79 10.56 5.79
CA SER A 61 0.39 10.24 6.03
C SER A 61 -0.53 11.07 5.15
N ALA A 62 -1.64 10.48 4.74
CA ALA A 62 -2.61 11.17 3.89
C ALA A 62 -2.81 12.61 4.35
N GLN A 63 -2.40 13.55 3.50
CA GLN A 63 -2.53 14.98 3.82
C GLN A 63 -3.08 15.75 2.62
N ASN A 64 -2.77 15.27 1.42
CA ASN A 64 -3.23 15.92 0.20
C ASN A 64 -4.47 15.23 -0.35
N PHE A 65 -5.52 16.01 -0.60
CA PHE A 65 -6.76 15.47 -1.13
C PHE A 65 -7.26 16.30 -2.30
N SER A 66 -6.35 16.69 -3.18
CA SER A 66 -6.69 17.50 -4.34
C SER A 66 -6.98 16.61 -5.56
N LEU A 67 -6.27 15.49 -5.65
CA LEU A 67 -6.44 14.56 -6.76
C LEU A 67 -7.87 14.01 -6.79
N VAL A 68 -8.22 13.25 -5.75
CA VAL A 68 -9.54 12.66 -5.65
C VAL A 68 -10.54 13.65 -5.07
N PRO A 69 -11.82 13.50 -5.47
CA PRO A 69 -12.90 14.39 -4.99
C PRO A 69 -13.22 14.17 -3.52
N PRO A 70 -14.05 15.06 -2.95
CA PRO A 70 -14.46 14.98 -1.56
C PRO A 70 -15.39 13.80 -1.28
N GLY A 71 -15.88 13.19 -2.35
CA GLY A 71 -16.78 12.05 -2.20
C GLY A 71 -16.06 10.72 -2.37
N THR A 72 -14.83 10.78 -2.85
CA THR A 72 -14.04 9.57 -3.07
C THR A 72 -13.14 9.28 -1.87
N ASN A 73 -13.43 8.20 -1.16
CA ASN A 73 -12.64 7.82 0.01
C ASN A 73 -11.17 8.12 -0.21
N PRO A 74 -10.57 8.86 0.74
CA PRO A 74 -9.15 9.23 0.68
C PRO A 74 -8.23 8.04 0.89
N HIS A 75 -6.94 8.32 1.07
CA HIS A 75 -5.95 7.27 1.29
C HIS A 75 -5.46 7.26 2.73
N CYS A 76 -4.57 6.33 3.04
CA CYS A 76 -4.02 6.22 4.39
C CYS A 76 -2.62 6.84 4.45
N PHE A 77 -1.73 6.35 3.60
CA PHE A 77 -0.36 6.85 3.55
C PHE A 77 0.12 7.00 2.12
N GLU A 78 1.11 7.87 1.92
CA GLU A 78 1.67 8.10 0.59
C GLU A 78 3.12 7.63 0.51
N ILE A 79 3.43 6.86 -0.53
CA ILE A 79 4.77 6.34 -0.72
C ILE A 79 5.52 7.14 -1.79
N VAL A 80 6.00 8.32 -1.42
CA VAL A 80 6.72 9.18 -2.36
C VAL A 80 7.86 8.40 -3.04
N THR A 81 7.69 8.13 -4.33
CA THR A 81 8.69 7.40 -5.09
C THR A 81 9.38 8.32 -6.10
N ALA A 82 10.28 7.73 -6.89
CA ALA A 82 11.01 8.50 -7.89
C ALA A 82 10.27 8.49 -9.23
N ASN A 83 8.97 8.26 -9.17
CA ASN A 83 8.15 8.22 -10.38
C ASN A 83 6.85 9.01 -10.18
N ALA A 84 6.26 8.88 -8.99
CA ALA A 84 5.03 9.58 -8.67
C ALA A 84 4.60 9.31 -7.23
N THR A 85 3.78 10.21 -6.69
CA THR A 85 3.30 10.06 -5.32
C THR A 85 2.24 8.96 -5.22
N TYR A 86 2.52 7.96 -4.40
CA TYR A 86 1.59 6.85 -4.20
C TYR A 86 0.50 7.22 -3.20
N PHE A 87 -0.66 6.60 -3.34
CA PHE A 87 -1.78 6.85 -2.45
C PHE A 87 -2.45 5.54 -2.01
N VAL A 88 -1.92 4.96 -0.94
CA VAL A 88 -2.46 3.70 -0.42
C VAL A 88 -3.37 3.94 0.77
N GLY A 89 -4.57 3.39 0.72
CA GLY A 89 -5.52 3.56 1.81
C GLY A 89 -6.74 2.67 1.66
N GLU A 90 -7.83 3.24 1.15
CA GLU A 90 -9.06 2.49 0.97
C GLU A 90 -9.75 2.89 -0.34
N MET A 91 -10.86 2.24 -0.64
CA MET A 91 -11.61 2.52 -1.86
C MET A 91 -12.89 3.30 -1.55
N PRO A 92 -13.34 4.10 -2.52
CA PRO A 92 -14.55 4.91 -2.38
C PRO A 92 -15.82 4.07 -2.36
N GLY A 93 -16.82 4.53 -1.62
CA GLY A 93 -18.08 3.81 -1.53
C GLY A 93 -19.21 4.66 -1.02
N GLY A 94 -20.45 4.24 -1.31
CA GLY A 94 -21.60 5.01 -0.86
C GLY A 94 -22.87 4.18 -0.90
N THR A 95 -23.21 3.56 0.22
CA THR A 95 -24.42 2.74 0.31
C THR A 95 -25.46 3.39 1.22
N PRO A 96 -26.73 3.08 0.96
CA PRO A 96 -27.85 3.63 1.75
C PRO A 96 -27.89 3.04 3.17
N GLY A 97 -26.88 2.27 3.51
CA GLY A 97 -26.82 1.67 4.84
C GLY A 97 -25.82 2.37 5.74
N GLY A 98 -24.64 2.68 5.20
CA GLY A 98 -23.62 3.34 5.98
C GLY A 98 -22.24 2.76 5.75
N PRO A 99 -21.53 3.30 4.74
CA PRO A 99 -20.18 2.84 4.39
C PRO A 99 -19.15 3.21 5.46
N SER A 100 -19.60 3.88 6.51
CA SER A 100 -18.72 4.30 7.59
C SER A 100 -17.93 3.11 8.14
N GLY A 101 -18.62 1.98 8.31
CA GLY A 101 -17.97 0.79 8.83
C GLY A 101 -17.26 0.00 7.75
N GLN A 102 -16.28 0.64 7.11
CA GLN A 102 -15.52 -0.01 6.05
C GLN A 102 -14.02 0.05 6.34
N GLY A 103 -13.51 1.26 6.53
CA GLY A 103 -12.10 1.44 6.82
C GLY A 103 -11.77 1.20 8.28
N ALA A 104 -10.49 0.92 8.56
CA ALA A 104 -10.05 0.67 9.92
C ALA A 104 -8.54 0.45 9.97
N GLU A 105 -8.03 0.12 11.16
CA GLU A 105 -6.61 -0.12 11.34
C GLU A 105 -6.01 -0.83 10.12
N ALA A 106 -6.86 -1.55 9.39
CA ALA A 106 -6.42 -2.27 8.20
C ALA A 106 -5.31 -1.53 7.49
N ALA A 107 -5.57 -0.27 7.14
CA ALA A 107 -4.59 0.55 6.45
C ALA A 107 -3.45 0.96 7.39
N ARG A 108 -3.81 1.50 8.54
CA ARG A 108 -2.82 1.92 9.52
C ARG A 108 -1.70 0.90 9.64
N GLY A 109 -2.06 -0.37 9.75
CA GLY A 109 -1.07 -1.42 9.86
C GLY A 109 -0.01 -1.34 8.78
N TRP A 110 -0.43 -1.02 7.57
CA TRP A 110 0.50 -0.91 6.44
C TRP A 110 1.47 0.25 6.64
N GLU A 111 0.93 1.39 7.08
CA GLU A 111 1.75 2.58 7.30
C GLU A 111 2.99 2.23 8.12
N THR A 112 2.77 1.61 9.28
CA THR A 112 3.87 1.22 10.16
C THR A 112 4.66 0.05 9.57
N ALA A 113 3.97 -1.04 9.27
CA ALA A 113 4.61 -2.22 8.70
C ALA A 113 5.57 -1.83 7.59
N ILE A 114 5.05 -1.26 6.51
CA ILE A 114 5.87 -0.84 5.39
C ILE A 114 7.09 -0.06 5.85
N ARG A 115 6.86 0.94 6.69
CA ARG A 115 7.95 1.77 7.21
C ARG A 115 8.99 0.91 7.92
N GLN A 116 8.52 -0.08 8.69
CA GLN A 116 9.40 -0.97 9.43
C GLN A 116 10.30 -1.75 8.47
N ALA A 117 9.69 -2.36 7.46
CA ALA A 117 10.43 -3.14 6.48
C ALA A 117 11.42 -2.26 5.70
N LEU A 118 11.03 -1.00 5.50
CA LEU A 118 11.89 -0.07 4.77
C LEU A 118 13.08 0.37 5.63
N MET A 119 13.06 -0.04 6.90
CA MET A 119 14.14 0.30 7.82
C MET A 119 15.49 -0.12 7.26
N SER A 120 15.46 -1.10 6.36
CA SER A 120 16.69 -1.60 5.74
C SER A 120 17.35 -0.52 4.89
N GLY A 121 16.54 0.24 4.17
CA GLY A 121 17.05 1.29 3.32
C GLY A 121 16.73 2.68 3.86
N PRO A 122 17.57 3.17 4.78
CA PRO A 122 17.39 4.49 5.38
C PRO A 122 17.66 5.62 4.40
N SER A 123 17.63 6.85 4.90
CA SER A 123 17.87 8.02 4.06
C SER A 123 18.91 8.94 4.70
N SER A 124 20.18 8.67 4.42
CA SER A 124 21.28 9.46 4.96
C SER A 124 22.17 9.99 3.85
N GLY A 125 22.01 11.27 3.51
CA GLY A 125 22.81 11.87 2.47
C GLY A 125 23.10 10.91 1.33
N GLY A 1 10.13 -26.18 4.51
CA GLY A 1 9.21 -25.25 5.14
C GLY A 1 9.78 -23.86 5.24
N SER A 2 9.39 -23.13 6.28
CA SER A 2 9.86 -21.78 6.50
C SER A 2 10.99 -21.75 7.51
N SER A 3 12.17 -21.31 7.08
CA SER A 3 13.34 -21.25 7.95
C SER A 3 13.85 -19.81 8.06
N GLY A 4 14.33 -19.44 9.24
CA GLY A 4 14.85 -18.10 9.46
C GLY A 4 13.74 -17.08 9.60
N SER A 5 14.08 -15.81 9.37
CA SER A 5 13.12 -14.73 9.50
C SER A 5 11.80 -15.10 8.83
N SER A 6 10.71 -14.50 9.29
CA SER A 6 9.39 -14.77 8.74
C SER A 6 9.33 -14.39 7.26
N GLY A 7 8.40 -15.01 6.54
CA GLY A 7 8.25 -14.73 5.13
C GLY A 7 7.71 -13.34 4.86
N THR A 8 6.43 -13.28 4.48
CA THR A 8 5.78 -12.00 4.19
C THR A 8 5.34 -11.31 5.48
N LEU A 9 5.82 -10.09 5.68
CA LEU A 9 5.47 -9.32 6.87
C LEU A 9 3.97 -9.04 6.92
N ARG A 10 3.44 -8.50 5.83
CA ARG A 10 2.01 -8.19 5.75
C ARG A 10 1.44 -8.63 4.40
N GLU A 11 0.13 -8.89 4.38
CA GLU A 11 -0.53 -9.33 3.16
C GLU A 11 -2.05 -9.17 3.29
N GLY A 12 -2.67 -8.67 2.24
CA GLY A 12 -4.11 -8.47 2.25
C GLY A 12 -4.57 -7.55 1.12
N TRP A 13 -5.88 -7.57 0.86
CA TRP A 13 -6.45 -6.74 -0.20
C TRP A 13 -6.24 -5.26 0.10
N VAL A 14 -5.44 -4.60 -0.72
CA VAL A 14 -5.17 -3.18 -0.54
C VAL A 14 -5.24 -2.44 -1.87
N VAL A 15 -5.68 -1.18 -1.81
CA VAL A 15 -5.80 -0.36 -3.02
C VAL A 15 -4.77 0.76 -3.02
N HIS A 16 -4.42 1.24 -4.21
CA HIS A 16 -3.44 2.31 -4.35
C HIS A 16 -3.63 3.04 -5.67
N TYR A 17 -2.96 4.18 -5.81
CA TYR A 17 -3.05 4.98 -7.03
C TYR A 17 -2.01 6.11 -7.03
N SER A 18 -1.47 6.40 -8.20
CA SER A 18 -0.47 7.46 -8.33
C SER A 18 -1.12 8.79 -8.63
N ASN A 19 -0.32 9.85 -8.66
CA ASN A 19 -0.83 11.19 -8.93
C ASN A 19 -0.68 11.54 -10.41
N LYS A 20 -0.76 10.52 -11.26
CA LYS A 20 -0.63 10.71 -12.70
C LYS A 20 -1.85 10.13 -13.42
N ASP A 21 -2.18 8.88 -13.10
CA ASP A 21 -3.31 8.21 -13.72
C ASP A 21 -4.42 7.95 -12.70
N THR A 22 -4.05 7.98 -11.42
CA THR A 22 -5.00 7.74 -10.35
C THR A 22 -5.86 6.50 -10.63
N LEU A 23 -5.19 5.38 -10.90
CA LEU A 23 -5.88 4.14 -11.19
C LEU A 23 -6.07 3.31 -9.91
N ARG A 24 -6.97 3.75 -9.05
CA ARG A 24 -7.25 3.06 -7.80
C ARG A 24 -7.51 1.58 -8.05
N LYS A 25 -6.46 0.78 -7.92
CA LYS A 25 -6.56 -0.67 -8.13
C LYS A 25 -6.38 -1.42 -6.82
N ARG A 26 -7.36 -2.27 -6.49
CA ARG A 26 -7.30 -3.05 -5.26
C ARG A 26 -6.89 -4.49 -5.55
N HIS A 27 -5.88 -4.96 -4.84
CA HIS A 27 -5.38 -6.32 -5.03
C HIS A 27 -4.66 -6.81 -3.77
N TYR A 28 -4.58 -8.13 -3.61
CA TYR A 28 -3.93 -8.72 -2.45
C TYR A 28 -2.46 -8.32 -2.39
N TRP A 29 -2.20 -7.20 -1.70
CA TRP A 29 -0.83 -6.70 -1.56
C TRP A 29 0.02 -7.67 -0.75
N ARG A 30 1.34 -7.50 -0.84
CA ARG A 30 2.27 -8.36 -0.10
C ARG A 30 3.54 -7.60 0.25
N LEU A 31 3.87 -7.60 1.54
CA LEU A 31 5.06 -6.91 2.02
C LEU A 31 6.08 -7.89 2.59
N ASP A 32 7.35 -7.68 2.27
CA ASP A 32 8.42 -8.55 2.75
C ASP A 32 9.56 -7.73 3.37
N CYS A 33 10.63 -8.41 3.72
CA CYS A 33 11.79 -7.74 4.33
C CYS A 33 12.70 -7.16 3.26
N LYS A 34 12.28 -7.29 2.00
CA LYS A 34 13.05 -6.77 0.88
C LYS A 34 12.23 -5.78 0.05
N CYS A 35 11.03 -6.19 -0.33
CA CYS A 35 10.15 -5.35 -1.11
C CYS A 35 8.68 -5.71 -0.88
N ILE A 36 7.79 -4.97 -1.51
CA ILE A 36 6.35 -5.22 -1.38
C ILE A 36 5.75 -5.72 -2.68
N THR A 37 5.50 -7.03 -2.75
CA THR A 37 4.93 -7.64 -3.94
C THR A 37 3.41 -7.45 -3.98
N LEU A 38 2.85 -7.48 -5.19
CA LEU A 38 1.40 -7.31 -5.36
C LEU A 38 0.80 -8.53 -6.05
N PHE A 39 -0.50 -8.72 -5.86
CA PHE A 39 -1.20 -9.85 -6.46
C PHE A 39 -2.64 -9.46 -6.81
N GLN A 40 -2.91 -9.31 -8.10
CA GLN A 40 -4.24 -8.95 -8.57
C GLN A 40 -5.32 -9.52 -7.65
N ASN A 41 -5.44 -10.85 -7.66
CA ASN A 41 -6.43 -11.53 -6.82
C ASN A 41 -5.75 -12.36 -5.74
N ASN A 42 -6.56 -13.01 -4.91
CA ASN A 42 -6.04 -13.84 -3.83
C ASN A 42 -5.34 -15.07 -4.38
N THR A 43 -5.73 -15.48 -5.58
CA THR A 43 -5.15 -16.65 -6.22
C THR A 43 -4.82 -16.37 -7.69
N THR A 44 -4.11 -15.27 -7.93
CA THR A 44 -3.73 -14.89 -9.28
C THR A 44 -2.34 -15.40 -9.63
N ASN A 45 -2.03 -15.41 -10.92
CA ASN A 45 -0.72 -15.87 -11.39
C ASN A 45 0.40 -15.03 -10.78
N ARG A 46 1.64 -15.37 -11.14
CA ARG A 46 2.80 -14.65 -10.63
C ARG A 46 2.50 -13.17 -10.48
N TYR A 47 3.10 -12.55 -9.46
CA TYR A 47 2.89 -11.12 -9.21
C TYR A 47 2.97 -10.32 -10.50
N TYR A 48 2.28 -9.19 -10.53
CA TYR A 48 2.29 -8.33 -11.71
C TYR A 48 3.14 -7.08 -11.48
N LYS A 49 3.06 -6.53 -10.27
CA LYS A 49 3.83 -5.34 -9.91
C LYS A 49 4.53 -5.53 -8.57
N GLU A 50 5.76 -5.04 -8.48
CA GLU A 50 6.54 -5.14 -7.25
C GLU A 50 7.12 -3.80 -6.84
N ILE A 51 6.90 -3.43 -5.59
CA ILE A 51 7.40 -2.15 -5.07
C ILE A 51 8.62 -2.36 -4.18
N PRO A 52 9.82 -2.23 -4.78
CA PRO A 52 11.08 -2.40 -4.07
C PRO A 52 11.35 -1.27 -3.08
N LEU A 53 11.69 -1.62 -1.85
CA LEU A 53 11.96 -0.62 -0.82
C LEU A 53 12.99 0.40 -1.31
N SER A 54 13.88 -0.04 -2.21
CA SER A 54 14.90 0.84 -2.75
C SER A 54 14.28 2.00 -3.52
N GLU A 55 13.21 1.70 -4.25
CA GLU A 55 12.52 2.72 -5.03
C GLU A 55 11.87 3.76 -4.12
N ILE A 56 11.16 3.29 -3.10
CA ILE A 56 10.49 4.17 -2.16
C ILE A 56 11.44 5.25 -1.64
N LEU A 57 11.04 6.50 -1.80
CA LEU A 57 11.85 7.62 -1.35
C LEU A 57 11.50 8.00 0.09
N THR A 58 10.21 8.12 0.37
CA THR A 58 9.75 8.48 1.71
C THR A 58 8.30 8.05 1.92
N VAL A 59 7.90 7.93 3.18
CA VAL A 59 6.54 7.54 3.51
C VAL A 59 5.87 8.59 4.40
N GLU A 60 4.72 9.07 3.94
CA GLU A 60 3.97 10.08 4.69
C GLU A 60 2.52 9.66 4.89
N SER A 61 1.80 10.38 5.74
CA SER A 61 0.41 10.08 6.02
C SER A 61 -0.52 10.94 5.16
N ALA A 62 -1.62 10.33 4.71
CA ALA A 62 -2.59 11.03 3.88
C ALA A 62 -2.74 12.48 4.32
N GLN A 63 -2.33 13.41 3.47
CA GLN A 63 -2.42 14.83 3.77
C GLN A 63 -2.97 15.61 2.58
N ASN A 64 -2.71 15.11 1.38
CA ASN A 64 -3.19 15.77 0.17
C ASN A 64 -4.46 15.09 -0.35
N PHE A 65 -5.50 15.88 -0.54
CA PHE A 65 -6.78 15.38 -1.03
C PHE A 65 -7.30 16.22 -2.19
N SER A 66 -6.42 16.48 -3.16
CA SER A 66 -6.80 17.28 -4.32
C SER A 66 -7.00 16.39 -5.55
N LEU A 67 -6.29 15.27 -5.58
CA LEU A 67 -6.38 14.34 -6.70
C LEU A 67 -7.78 13.74 -6.79
N VAL A 68 -8.12 12.89 -5.82
CA VAL A 68 -9.43 12.24 -5.78
C VAL A 68 -10.54 13.27 -5.59
N PRO A 69 -11.73 12.95 -6.11
CA PRO A 69 -12.89 13.83 -6.01
C PRO A 69 -13.43 13.93 -4.58
N PRO A 70 -14.35 14.88 -4.36
CA PRO A 70 -14.96 15.10 -3.04
C PRO A 70 -15.89 13.97 -2.65
N GLY A 71 -15.98 12.94 -3.50
CA GLY A 71 -16.84 11.81 -3.21
C GLY A 71 -16.11 10.48 -3.33
N THR A 72 -14.81 10.49 -3.02
CA THR A 72 -14.01 9.28 -3.10
C THR A 72 -13.13 9.12 -1.87
N ASN A 73 -13.43 8.11 -1.05
CA ASN A 73 -12.67 7.85 0.16
C ASN A 73 -11.18 8.10 -0.06
N PRO A 74 -10.57 8.88 0.84
CA PRO A 74 -9.15 9.21 0.76
C PRO A 74 -8.26 8.02 1.06
N HIS A 75 -6.95 8.26 1.15
CA HIS A 75 -5.99 7.19 1.44
C HIS A 75 -5.52 7.26 2.88
N CYS A 76 -4.58 6.39 3.23
CA CYS A 76 -4.04 6.35 4.58
C CYS A 76 -2.61 6.88 4.61
N PHE A 77 -1.79 6.41 3.68
CA PHE A 77 -0.40 6.83 3.59
C PHE A 77 0.06 6.92 2.14
N GLU A 78 1.06 7.76 1.89
CA GLU A 78 1.59 7.93 0.55
C GLU A 78 3.04 7.45 0.46
N ILE A 79 3.33 6.68 -0.57
CA ILE A 79 4.68 6.16 -0.77
C ILE A 79 5.42 6.92 -1.86
N VAL A 80 5.95 8.09 -1.52
CA VAL A 80 6.68 8.91 -2.47
C VAL A 80 7.78 8.11 -3.15
N THR A 81 7.54 7.71 -4.39
CA THR A 81 8.51 6.95 -5.15
C THR A 81 9.26 7.83 -6.14
N ALA A 82 10.16 7.23 -6.90
CA ALA A 82 10.95 7.96 -7.89
C ALA A 82 10.23 8.03 -9.23
N ASN A 83 8.92 7.79 -9.21
CA ASN A 83 8.12 7.82 -10.42
C ASN A 83 6.86 8.66 -10.22
N ALA A 84 6.27 8.56 -9.04
CA ALA A 84 5.06 9.32 -8.72
C ALA A 84 4.63 9.07 -7.28
N THR A 85 3.81 9.97 -6.75
CA THR A 85 3.32 9.85 -5.38
C THR A 85 2.22 8.79 -5.28
N TYR A 86 2.45 7.79 -4.44
CA TYR A 86 1.49 6.71 -4.26
C TYR A 86 0.42 7.10 -3.24
N PHE A 87 -0.76 6.49 -3.37
CA PHE A 87 -1.86 6.78 -2.46
C PHE A 87 -2.54 5.49 -2.01
N VAL A 88 -2.06 4.92 -0.91
CA VAL A 88 -2.61 3.69 -0.38
C VAL A 88 -3.48 3.96 0.84
N GLY A 89 -4.68 3.38 0.87
CA GLY A 89 -5.59 3.57 1.99
C GLY A 89 -6.94 2.95 1.75
N GLU A 90 -7.99 3.66 2.14
CA GLU A 90 -9.35 3.16 1.97
C GLU A 90 -9.58 2.68 0.54
N MET A 91 -10.77 2.14 0.29
CA MET A 91 -11.10 1.63 -1.04
C MET A 91 -12.55 1.99 -1.40
N PRO A 92 -12.81 2.10 -2.71
CA PRO A 92 -14.15 2.45 -3.22
C PRO A 92 -15.15 1.31 -3.02
N GLY A 93 -16.42 1.67 -2.94
CA GLY A 93 -17.46 0.66 -2.76
C GLY A 93 -18.58 1.15 -1.86
N GLY A 94 -19.52 1.89 -2.46
CA GLY A 94 -20.64 2.41 -1.69
C GLY A 94 -21.73 1.37 -1.48
N THR A 95 -21.50 0.45 -0.54
CA THR A 95 -22.46 -0.60 -0.24
C THR A 95 -23.05 -0.42 1.15
N PRO A 96 -24.32 -0.83 1.32
CA PRO A 96 -25.02 -0.73 2.59
C PRO A 96 -24.48 -1.70 3.64
N GLY A 97 -24.70 -1.38 4.91
CA GLY A 97 -24.23 -2.24 5.98
C GLY A 97 -24.51 -1.66 7.35
N GLY A 98 -23.93 -0.49 7.64
CA GLY A 98 -24.15 0.15 8.92
C GLY A 98 -22.87 0.24 9.74
N PRO A 99 -22.94 -0.21 11.00
CA PRO A 99 -21.79 -0.18 11.91
C PRO A 99 -20.71 -1.18 11.51
N SER A 100 -20.95 -1.89 10.41
CA SER A 100 -20.00 -2.88 9.93
C SER A 100 -19.65 -2.62 8.46
N GLY A 101 -18.51 -3.16 8.03
CA GLY A 101 -18.08 -2.98 6.65
C GLY A 101 -16.59 -2.74 6.55
N GLN A 102 -16.21 -1.65 5.88
CA GLN A 102 -14.81 -1.31 5.70
C GLN A 102 -14.06 -1.38 7.02
N GLY A 103 -12.76 -1.12 6.97
CA GLY A 103 -11.94 -1.17 8.18
C GLY A 103 -11.45 0.20 8.59
N ALA A 104 -10.63 0.24 9.64
CA ALA A 104 -10.09 1.50 10.14
C ALA A 104 -8.57 1.41 10.32
N GLU A 105 -8.15 0.50 11.20
CA GLU A 105 -6.73 0.31 11.48
C GLU A 105 -6.06 -0.45 10.35
N ALA A 106 -6.82 -1.29 9.67
CA ALA A 106 -6.30 -2.09 8.56
C ALA A 106 -5.25 -1.31 7.77
N ALA A 107 -5.60 -0.09 7.37
CA ALA A 107 -4.69 0.76 6.62
C ALA A 107 -3.53 1.22 7.49
N ARG A 108 -3.84 1.65 8.71
CA ARG A 108 -2.82 2.12 9.64
C ARG A 108 -1.67 1.12 9.75
N GLY A 109 -2.01 -0.15 9.88
CA GLY A 109 -0.99 -1.18 9.99
C GLY A 109 0.01 -1.12 8.86
N TRP A 110 -0.48 -1.01 7.63
CA TRP A 110 0.38 -0.95 6.46
C TRP A 110 1.38 0.19 6.58
N GLU A 111 0.88 1.38 6.91
CA GLU A 111 1.72 2.55 7.06
C GLU A 111 2.97 2.23 7.89
N THR A 112 2.74 1.74 9.10
CA THR A 112 3.84 1.39 10.00
C THR A 112 4.65 0.21 9.45
N ALA A 113 3.96 -0.91 9.21
CA ALA A 113 4.61 -2.10 8.68
C ALA A 113 5.54 -1.75 7.53
N ILE A 114 4.97 -1.23 6.44
CA ILE A 114 5.74 -0.86 5.27
C ILE A 114 6.99 -0.08 5.67
N ARG A 115 6.82 0.89 6.56
CA ARG A 115 7.94 1.71 7.02
C ARG A 115 8.97 0.86 7.75
N GLN A 116 8.49 -0.08 8.55
CA GLN A 116 9.37 -0.97 9.32
C GLN A 116 10.28 -1.76 8.39
N ALA A 117 9.67 -2.40 7.39
CA ALA A 117 10.42 -3.20 6.43
C ALA A 117 11.41 -2.34 5.66
N LEU A 118 11.02 -1.09 5.38
CA LEU A 118 11.88 -0.17 4.64
C LEU A 118 13.03 0.31 5.52
N MET A 119 12.98 -0.03 6.80
CA MET A 119 14.03 0.36 7.74
C MET A 119 15.41 0.00 7.19
N SER A 120 15.47 -1.03 6.37
CA SER A 120 16.73 -1.47 5.78
C SER A 120 17.20 -0.51 4.69
N GLY A 121 16.25 -0.03 3.89
CA GLY A 121 16.58 0.90 2.83
C GLY A 121 17.73 1.81 3.19
N PRO A 122 18.95 1.44 2.75
CA PRO A 122 20.15 2.22 3.02
C PRO A 122 20.17 3.54 2.26
N SER A 123 21.02 4.47 2.71
CA SER A 123 21.13 5.77 2.08
C SER A 123 19.80 6.51 2.11
N SER A 124 19.12 6.45 3.25
CA SER A 124 17.82 7.10 3.40
C SER A 124 17.88 8.17 4.49
N GLY A 125 17.55 9.41 4.14
CA GLY A 125 17.57 10.48 5.09
C GLY A 125 17.07 10.06 6.46
N GLY A 1 18.42 -8.77 15.51
CA GLY A 1 18.20 -8.94 16.93
C GLY A 1 17.35 -10.14 17.25
N SER A 2 16.06 -10.05 16.96
CA SER A 2 15.13 -11.14 17.23
C SER A 2 14.59 -11.73 15.92
N SER A 3 14.93 -12.98 15.66
CA SER A 3 14.49 -13.67 14.45
C SER A 3 13.33 -14.59 14.74
N GLY A 4 12.55 -14.90 13.71
CA GLY A 4 11.41 -15.78 13.87
C GLY A 4 10.50 -15.79 12.65
N SER A 5 10.10 -14.60 12.20
CA SER A 5 9.23 -14.49 11.04
C SER A 5 10.01 -14.68 9.75
N SER A 6 9.29 -14.93 8.65
CA SER A 6 9.92 -15.15 7.36
C SER A 6 8.90 -15.02 6.23
N GLY A 7 9.37 -15.10 4.99
CA GLY A 7 8.49 -15.00 3.85
C GLY A 7 7.87 -13.62 3.72
N THR A 8 6.56 -13.53 3.89
CA THR A 8 5.85 -12.26 3.79
C THR A 8 5.51 -11.71 5.17
N LEU A 9 5.76 -10.42 5.37
CA LEU A 9 5.48 -9.77 6.64
C LEU A 9 4.02 -9.36 6.73
N ARG A 10 3.49 -8.80 5.65
CA ARG A 10 2.10 -8.36 5.61
C ARG A 10 1.44 -8.77 4.29
N GLU A 11 0.12 -8.89 4.32
CA GLU A 11 -0.63 -9.28 3.13
C GLU A 11 -2.12 -8.96 3.29
N GLY A 12 -2.74 -8.53 2.20
CA GLY A 12 -4.16 -8.20 2.25
C GLY A 12 -4.58 -7.27 1.14
N TRP A 13 -5.87 -7.23 0.85
CA TRP A 13 -6.40 -6.37 -0.20
C TRP A 13 -6.13 -4.91 0.11
N VAL A 14 -5.42 -4.23 -0.78
CA VAL A 14 -5.10 -2.82 -0.60
C VAL A 14 -5.20 -2.06 -1.92
N VAL A 15 -5.74 -0.84 -1.86
CA VAL A 15 -5.90 -0.01 -3.04
C VAL A 15 -4.89 1.13 -3.04
N HIS A 16 -4.38 1.45 -4.22
CA HIS A 16 -3.41 2.53 -4.37
C HIS A 16 -3.56 3.24 -5.71
N TYR A 17 -2.90 4.37 -5.86
CA TYR A 17 -2.97 5.15 -7.09
C TYR A 17 -1.98 6.30 -7.07
N SER A 18 -1.42 6.62 -8.24
CA SER A 18 -0.45 7.70 -8.35
C SER A 18 -1.14 9.02 -8.70
N ASN A 19 -0.35 10.09 -8.76
CA ASN A 19 -0.90 11.41 -9.09
C ASN A 19 -0.66 11.75 -10.55
N LYS A 20 -0.75 10.74 -11.40
CA LYS A 20 -0.55 10.94 -12.84
C LYS A 20 -1.67 10.27 -13.63
N ASP A 21 -2.10 9.09 -13.18
CA ASP A 21 -3.16 8.36 -13.85
C ASP A 21 -4.30 8.05 -12.89
N THR A 22 -3.99 8.04 -11.59
CA THR A 22 -4.99 7.76 -10.57
C THR A 22 -5.77 6.49 -10.90
N LEU A 23 -5.07 5.39 -11.11
CA LEU A 23 -5.69 4.12 -11.43
C LEU A 23 -5.98 3.32 -10.16
N ARG A 24 -6.78 3.90 -9.27
CA ARG A 24 -7.13 3.24 -8.02
C ARG A 24 -7.50 1.79 -8.26
N LYS A 25 -6.58 0.89 -7.97
CA LYS A 25 -6.80 -0.55 -8.15
C LYS A 25 -6.52 -1.31 -6.85
N ARG A 26 -7.54 -2.00 -6.35
CA ARG A 26 -7.40 -2.78 -5.13
C ARG A 26 -6.99 -4.21 -5.44
N HIS A 27 -5.95 -4.69 -4.75
CA HIS A 27 -5.46 -6.04 -4.95
C HIS A 27 -4.72 -6.54 -3.71
N TYR A 28 -4.62 -7.86 -3.58
CA TYR A 28 -3.94 -8.46 -2.43
C TYR A 28 -2.47 -8.08 -2.42
N TRP A 29 -2.13 -7.06 -1.63
CA TRP A 29 -0.75 -6.60 -1.52
C TRP A 29 0.09 -7.57 -0.70
N ARG A 30 1.41 -7.44 -0.79
CA ARG A 30 2.32 -8.30 -0.06
C ARG A 30 3.61 -7.56 0.30
N LEU A 31 3.94 -7.55 1.58
CA LEU A 31 5.15 -6.87 2.05
C LEU A 31 6.17 -7.88 2.57
N ASP A 32 7.44 -7.63 2.30
CA ASP A 32 8.51 -8.50 2.75
C ASP A 32 9.67 -7.70 3.34
N CYS A 33 10.74 -8.40 3.70
CA CYS A 33 11.90 -7.75 4.28
C CYS A 33 12.84 -7.24 3.19
N LYS A 34 12.34 -7.18 1.97
CA LYS A 34 13.13 -6.71 0.84
C LYS A 34 12.33 -5.74 -0.02
N CYS A 35 11.12 -6.14 -0.39
CA CYS A 35 10.25 -5.30 -1.21
C CYS A 35 8.78 -5.63 -0.96
N ILE A 36 7.89 -4.83 -1.54
CA ILE A 36 6.46 -5.04 -1.38
C ILE A 36 5.85 -5.65 -2.64
N THR A 37 5.61 -6.96 -2.61
CA THR A 37 5.04 -7.67 -3.75
C THR A 37 3.53 -7.49 -3.78
N LEU A 38 2.96 -7.58 -4.98
CA LEU A 38 1.52 -7.43 -5.16
C LEU A 38 0.92 -8.67 -5.84
N PHE A 39 -0.40 -8.79 -5.80
CA PHE A 39 -1.09 -9.92 -6.40
C PHE A 39 -2.51 -9.53 -6.80
N GLN A 40 -2.74 -9.39 -8.10
CA GLN A 40 -4.06 -9.04 -8.61
C GLN A 40 -5.16 -9.61 -7.73
N ASN A 41 -5.11 -10.93 -7.53
CA ASN A 41 -6.12 -11.60 -6.70
C ASN A 41 -5.45 -12.41 -5.61
N ASN A 42 -6.26 -13.16 -4.86
CA ASN A 42 -5.74 -13.98 -3.76
C ASN A 42 -5.45 -15.39 -4.25
N THR A 43 -6.26 -15.89 -5.18
CA THR A 43 -6.09 -17.23 -5.72
C THR A 43 -4.94 -17.26 -6.73
N THR A 44 -4.62 -16.10 -7.29
CA THR A 44 -3.55 -16.00 -8.26
C THR A 44 -2.26 -16.64 -7.75
N ASN A 45 -1.36 -16.97 -8.66
CA ASN A 45 -0.09 -17.58 -8.30
C ASN A 45 1.06 -16.61 -8.49
N ARG A 46 1.23 -16.15 -9.73
CA ARG A 46 2.30 -15.21 -10.06
C ARG A 46 1.97 -13.81 -9.53
N TYR A 47 3.01 -13.08 -9.14
CA TYR A 47 2.83 -11.73 -8.62
C TYR A 47 2.44 -10.76 -9.72
N TYR A 48 1.73 -9.69 -9.35
CA TYR A 48 1.30 -8.69 -10.31
C TYR A 48 2.32 -7.56 -10.40
N LYS A 49 2.79 -7.09 -9.26
CA LYS A 49 3.76 -6.01 -9.22
C LYS A 49 4.63 -6.11 -7.97
N GLU A 50 5.89 -5.71 -8.09
CA GLU A 50 6.83 -5.75 -6.97
C GLU A 50 7.47 -4.39 -6.75
N ILE A 51 7.06 -3.71 -5.69
CA ILE A 51 7.59 -2.40 -5.36
C ILE A 51 8.79 -2.51 -4.42
N PRO A 52 10.00 -2.28 -4.96
CA PRO A 52 11.24 -2.35 -4.19
C PRO A 52 11.36 -1.21 -3.20
N LEU A 53 11.56 -1.56 -1.94
CA LEU A 53 11.70 -0.55 -0.88
C LEU A 53 12.76 0.49 -1.25
N SER A 54 13.62 0.13 -2.19
CA SER A 54 14.67 1.04 -2.64
C SER A 54 14.10 2.21 -3.42
N GLU A 55 13.14 1.91 -4.31
CA GLU A 55 12.51 2.95 -5.12
C GLU A 55 11.86 4.01 -4.24
N ILE A 56 11.23 3.56 -3.15
CA ILE A 56 10.57 4.48 -2.22
C ILE A 56 11.54 5.54 -1.72
N LEU A 57 11.10 6.80 -1.76
CA LEU A 57 11.93 7.92 -1.31
C LEU A 57 11.57 8.32 0.11
N THR A 58 10.27 8.42 0.38
CA THR A 58 9.79 8.80 1.70
C THR A 58 8.35 8.36 1.92
N VAL A 59 7.96 8.21 3.18
CA VAL A 59 6.60 7.79 3.52
C VAL A 59 5.91 8.82 4.39
N GLU A 60 4.76 9.31 3.91
CA GLU A 60 3.99 10.31 4.66
C GLU A 60 2.55 9.87 4.84
N SER A 61 1.81 10.61 5.65
CA SER A 61 0.41 10.29 5.92
C SER A 61 -0.52 11.15 5.07
N ALA A 62 -1.64 10.56 4.65
CA ALA A 62 -2.61 11.28 3.83
C ALA A 62 -2.72 12.73 4.26
N GLN A 63 -2.34 13.64 3.36
CA GLN A 63 -2.39 15.07 3.66
C GLN A 63 -2.98 15.84 2.48
N ASN A 64 -2.74 15.34 1.27
CA ASN A 64 -3.25 15.98 0.06
C ASN A 64 -4.26 15.09 -0.64
N PHE A 65 -5.45 15.63 -0.89
CA PHE A 65 -6.51 14.89 -1.56
C PHE A 65 -7.10 15.69 -2.71
N SER A 66 -6.27 16.52 -3.34
CA SER A 66 -6.70 17.35 -4.45
C SER A 66 -7.06 16.49 -5.65
N LEU A 67 -6.40 15.34 -5.77
CA LEU A 67 -6.64 14.43 -6.88
C LEU A 67 -8.08 13.91 -6.86
N VAL A 68 -8.38 13.06 -5.89
CA VAL A 68 -9.71 12.49 -5.74
C VAL A 68 -10.66 13.48 -5.06
N PRO A 69 -11.96 13.38 -5.40
CA PRO A 69 -12.99 14.25 -4.83
C PRO A 69 -13.24 13.97 -3.35
N PRO A 70 -14.03 14.85 -2.70
CA PRO A 70 -14.37 14.71 -1.28
C PRO A 70 -15.29 13.53 -1.02
N GLY A 71 -15.90 13.01 -2.08
CA GLY A 71 -16.81 11.88 -1.94
C GLY A 71 -16.11 10.54 -2.15
N THR A 72 -14.90 10.60 -2.70
CA THR A 72 -14.13 9.38 -2.96
C THR A 72 -13.20 9.07 -1.81
N ASN A 73 -13.45 7.97 -1.12
CA ASN A 73 -12.62 7.56 0.01
C ASN A 73 -11.16 7.94 -0.22
N PRO A 74 -10.60 8.70 0.72
CA PRO A 74 -9.19 9.14 0.64
C PRO A 74 -8.21 8.00 0.85
N HIS A 75 -6.96 8.35 1.15
CA HIS A 75 -5.92 7.35 1.37
C HIS A 75 -5.40 7.43 2.79
N CYS A 76 -4.61 6.44 3.19
CA CYS A 76 -4.04 6.39 4.53
C CYS A 76 -2.64 7.02 4.55
N PHE A 77 -1.77 6.51 3.69
CA PHE A 77 -0.40 7.02 3.62
C PHE A 77 0.05 7.13 2.17
N GLU A 78 1.02 8.01 1.92
CA GLU A 78 1.55 8.20 0.57
C GLU A 78 2.99 7.71 0.48
N ILE A 79 3.27 6.93 -0.56
CA ILE A 79 4.61 6.40 -0.77
C ILE A 79 5.35 7.16 -1.87
N VAL A 80 5.94 8.29 -1.50
CA VAL A 80 6.67 9.12 -2.45
C VAL A 80 7.78 8.32 -3.13
N THR A 81 7.58 8.04 -4.42
CA THR A 81 8.56 7.28 -5.18
C THR A 81 9.29 8.17 -6.18
N ALA A 82 10.23 7.58 -6.92
CA ALA A 82 10.99 8.32 -7.91
C ALA A 82 10.25 8.40 -9.24
N ASN A 83 8.94 8.20 -9.19
CA ASN A 83 8.11 8.24 -10.39
C ASN A 83 6.87 9.09 -10.16
N ALA A 84 6.29 8.98 -8.98
CA ALA A 84 5.10 9.75 -8.63
C ALA A 84 4.68 9.49 -7.20
N THR A 85 3.75 10.31 -6.70
CA THR A 85 3.26 10.16 -5.33
C THR A 85 2.18 9.09 -5.24
N TYR A 86 2.38 8.12 -4.37
CA TYR A 86 1.43 7.04 -4.19
C TYR A 86 0.36 7.42 -3.17
N PHE A 87 -0.81 6.80 -3.30
CA PHE A 87 -1.92 7.08 -2.38
C PHE A 87 -2.59 5.78 -1.93
N VAL A 88 -1.99 5.13 -0.94
CA VAL A 88 -2.53 3.88 -0.41
C VAL A 88 -3.41 4.13 0.81
N GLY A 89 -4.54 3.45 0.86
CA GLY A 89 -5.46 3.61 1.97
C GLY A 89 -6.64 2.66 1.89
N GLU A 90 -7.85 3.22 1.77
CA GLU A 90 -9.06 2.42 1.70
C GLU A 90 -9.66 2.49 0.29
N MET A 91 -10.74 1.75 0.08
CA MET A 91 -11.41 1.72 -1.21
C MET A 91 -12.85 2.24 -1.10
N PRO A 92 -13.36 2.80 -2.20
CA PRO A 92 -14.72 3.34 -2.25
C PRO A 92 -15.79 2.25 -2.19
N GLY A 93 -16.41 2.09 -1.03
CA GLY A 93 -17.44 1.09 -0.87
C GLY A 93 -18.69 1.40 -1.66
N GLY A 94 -19.41 2.43 -1.25
CA GLY A 94 -20.63 2.82 -1.93
C GLY A 94 -21.87 2.27 -1.26
N THR A 95 -22.56 1.36 -1.94
CA THR A 95 -23.78 0.76 -1.40
C THR A 95 -23.46 -0.17 -0.23
N PRO A 96 -24.36 -0.18 0.76
CA PRO A 96 -24.20 -1.02 1.96
C PRO A 96 -24.36 -2.50 1.64
N GLY A 97 -23.57 -3.33 2.31
CA GLY A 97 -23.64 -4.77 2.09
C GLY A 97 -22.50 -5.28 1.25
N GLY A 98 -21.67 -6.15 1.85
CA GLY A 98 -20.54 -6.70 1.13
C GLY A 98 -19.21 -6.14 1.62
N PRO A 99 -18.57 -5.32 0.77
CA PRO A 99 -17.28 -4.71 1.10
C PRO A 99 -17.40 -3.66 2.19
N SER A 100 -17.29 -4.09 3.44
CA SER A 100 -17.39 -3.18 4.58
C SER A 100 -16.61 -1.90 4.32
N GLY A 101 -15.38 -2.05 3.82
CA GLY A 101 -14.55 -0.90 3.53
C GLY A 101 -14.15 -0.15 4.79
N GLN A 102 -13.73 -0.89 5.81
CA GLN A 102 -13.31 -0.29 7.07
C GLN A 102 -12.15 0.67 6.86
N GLY A 103 -11.17 0.24 6.08
CA GLY A 103 -10.01 1.07 5.81
C GLY A 103 -9.56 1.85 7.03
N ALA A 104 -9.36 1.15 8.14
CA ALA A 104 -8.93 1.77 9.39
C ALA A 104 -7.82 0.97 10.04
N GLU A 105 -8.13 -0.27 10.41
CA GLU A 105 -7.16 -1.14 11.07
C GLU A 105 -6.25 -1.81 10.03
N ALA A 106 -6.80 -2.08 8.85
CA ALA A 106 -6.06 -2.71 7.78
C ALA A 106 -4.98 -1.78 7.23
N ALA A 107 -5.39 -0.56 6.88
CA ALA A 107 -4.48 0.43 6.34
C ALA A 107 -3.41 0.81 7.37
N ARG A 108 -3.86 1.31 8.51
CA ARG A 108 -2.95 1.71 9.58
C ARG A 108 -1.82 0.70 9.74
N GLY A 109 -2.14 -0.57 9.51
CA GLY A 109 -1.15 -1.62 9.65
C GLY A 109 -0.04 -1.50 8.63
N TRP A 110 -0.41 -1.26 7.37
CA TRP A 110 0.56 -1.14 6.29
C TRP A 110 1.45 0.08 6.51
N GLU A 111 0.85 1.20 6.88
CA GLU A 111 1.59 2.43 7.12
C GLU A 111 2.85 2.16 7.95
N THR A 112 2.65 1.48 9.09
CA THR A 112 3.75 1.16 9.98
C THR A 112 4.63 0.05 9.39
N ALA A 113 3.99 -1.07 9.03
CA ALA A 113 4.70 -2.20 8.45
C ALA A 113 5.64 -1.75 7.35
N ILE A 114 5.07 -1.22 6.27
CA ILE A 114 5.86 -0.75 5.14
C ILE A 114 7.09 0.03 5.61
N ARG A 115 6.87 0.99 6.50
CA ARG A 115 7.96 1.81 7.02
C ARG A 115 8.99 0.94 7.73
N GLN A 116 8.51 -0.05 8.48
CA GLN A 116 9.39 -0.96 9.21
C GLN A 116 10.28 -1.75 8.25
N ALA A 117 9.66 -2.37 7.25
CA ALA A 117 10.39 -3.15 6.26
C ALA A 117 11.36 -2.27 5.47
N LEU A 118 10.95 -1.04 5.21
CA LEU A 118 11.79 -0.10 4.47
C LEU A 118 12.98 0.35 5.30
N MET A 119 12.99 -0.02 6.57
CA MET A 119 14.08 0.32 7.47
C MET A 119 15.43 0.02 6.84
N SER A 120 15.45 -1.00 5.97
CA SER A 120 16.68 -1.40 5.31
C SER A 120 16.92 -0.57 4.06
N GLY A 121 16.27 0.59 3.99
CA GLY A 121 16.42 1.48 2.85
C GLY A 121 16.62 0.71 1.55
N PRO A 122 17.86 0.66 1.07
CA PRO A 122 18.21 -0.04 -0.17
C PRO A 122 18.09 -1.55 -0.04
N SER A 123 17.24 -2.15 -0.86
CA SER A 123 17.05 -3.60 -0.83
C SER A 123 18.31 -4.33 -1.27
N SER A 124 18.78 -4.03 -2.47
CA SER A 124 19.98 -4.65 -3.01
C SER A 124 21.20 -4.32 -2.16
N GLY A 125 21.91 -5.36 -1.71
CA GLY A 125 23.08 -5.16 -0.89
C GLY A 125 22.81 -5.37 0.58
N GLY A 1 19.31 -1.13 7.73
CA GLY A 1 19.77 -2.41 8.23
C GLY A 1 18.75 -3.09 9.11
N SER A 2 18.48 -4.36 8.84
CA SER A 2 17.50 -5.12 9.61
C SER A 2 17.81 -6.61 9.54
N SER A 3 17.40 -7.34 10.59
CA SER A 3 17.64 -8.78 10.65
C SER A 3 17.38 -9.43 9.30
N GLY A 4 18.15 -10.48 8.99
CA GLY A 4 17.98 -11.17 7.73
C GLY A 4 17.07 -12.38 7.85
N SER A 5 15.97 -12.36 7.10
CA SER A 5 15.01 -13.45 7.13
C SER A 5 14.19 -13.49 5.85
N SER A 6 13.37 -14.53 5.71
CA SER A 6 12.53 -14.68 4.52
C SER A 6 11.09 -14.99 4.92
N GLY A 7 10.14 -14.42 4.18
CA GLY A 7 8.74 -14.64 4.47
C GLY A 7 7.92 -13.38 4.40
N THR A 8 6.68 -13.49 3.94
CA THR A 8 5.79 -12.34 3.83
C THR A 8 5.43 -11.78 5.19
N LEU A 9 5.73 -10.50 5.40
CA LEU A 9 5.44 -9.84 6.67
C LEU A 9 3.97 -9.43 6.75
N ARG A 10 3.45 -8.93 5.63
CA ARG A 10 2.05 -8.50 5.58
C ARG A 10 1.39 -8.98 4.29
N GLU A 11 0.07 -9.12 4.33
CA GLU A 11 -0.69 -9.58 3.17
C GLU A 11 -2.17 -9.28 3.33
N GLY A 12 -2.76 -8.69 2.29
CA GLY A 12 -4.17 -8.35 2.34
C GLY A 12 -4.59 -7.43 1.21
N TRP A 13 -5.89 -7.34 0.98
CA TRP A 13 -6.42 -6.49 -0.09
C TRP A 13 -6.09 -5.02 0.16
N VAL A 14 -5.30 -4.42 -0.72
CA VAL A 14 -4.92 -3.02 -0.59
C VAL A 14 -4.98 -2.31 -1.93
N VAL A 15 -5.48 -1.07 -1.93
CA VAL A 15 -5.58 -0.28 -3.14
C VAL A 15 -4.60 0.89 -3.13
N HIS A 16 -4.19 1.33 -4.31
CA HIS A 16 -3.25 2.44 -4.44
C HIS A 16 -3.39 3.12 -5.79
N TYR A 17 -2.71 4.25 -5.95
CA TYR A 17 -2.77 4.99 -7.20
C TYR A 17 -1.74 6.12 -7.20
N SER A 18 -1.14 6.37 -8.36
CA SER A 18 -0.13 7.41 -8.50
C SER A 18 -0.77 8.74 -8.88
N ASN A 19 0.01 9.81 -8.84
CA ASN A 19 -0.49 11.14 -9.17
C ASN A 19 -0.26 11.45 -10.65
N LYS A 20 -0.28 10.41 -11.47
CA LYS A 20 -0.09 10.56 -12.90
C LYS A 20 -1.30 10.06 -13.68
N ASP A 21 -1.86 8.94 -13.25
CA ASP A 21 -3.02 8.36 -13.90
C ASP A 21 -4.15 8.14 -12.90
N THR A 22 -3.81 8.14 -11.61
CA THR A 22 -4.79 7.94 -10.55
C THR A 22 -5.72 6.78 -10.88
N LEU A 23 -5.14 5.61 -11.15
CA LEU A 23 -5.92 4.42 -11.48
C LEU A 23 -6.03 3.50 -10.26
N ARG A 24 -6.77 3.96 -9.26
CA ARG A 24 -6.97 3.18 -8.04
C ARG A 24 -7.33 1.73 -8.37
N LYS A 25 -6.38 0.82 -8.17
CA LYS A 25 -6.59 -0.59 -8.46
C LYS A 25 -6.38 -1.43 -7.20
N ARG A 26 -7.38 -2.23 -6.86
CA ARG A 26 -7.30 -3.09 -5.67
C ARG A 26 -6.72 -4.45 -6.03
N HIS A 27 -5.86 -4.98 -5.16
CA HIS A 27 -5.25 -6.29 -5.39
C HIS A 27 -4.56 -6.78 -4.13
N TYR A 28 -4.44 -8.10 -4.00
CA TYR A 28 -3.79 -8.70 -2.84
C TYR A 28 -2.35 -8.24 -2.72
N TRP A 29 -2.12 -7.26 -1.85
CA TRP A 29 -0.78 -6.72 -1.64
C TRP A 29 0.07 -7.68 -0.81
N ARG A 30 1.38 -7.55 -0.91
CA ARG A 30 2.30 -8.41 -0.17
C ARG A 30 3.56 -7.65 0.21
N LEU A 31 3.89 -7.64 1.50
CA LEU A 31 5.07 -6.96 1.99
C LEU A 31 6.09 -7.95 2.53
N ASP A 32 7.37 -7.67 2.29
CA ASP A 32 8.44 -8.54 2.75
C ASP A 32 9.57 -7.72 3.39
N CYS A 33 10.65 -8.40 3.73
CA CYS A 33 11.80 -7.73 4.35
C CYS A 33 12.72 -7.12 3.30
N LYS A 34 12.27 -7.16 2.05
CA LYS A 34 13.06 -6.61 0.95
C LYS A 34 12.21 -5.64 0.11
N CYS A 35 11.03 -6.10 -0.31
CA CYS A 35 10.14 -5.28 -1.12
C CYS A 35 8.69 -5.71 -0.92
N ILE A 36 7.77 -4.93 -1.47
CA ILE A 36 6.34 -5.24 -1.36
C ILE A 36 5.79 -5.73 -2.69
N THR A 37 5.56 -7.05 -2.77
CA THR A 37 5.03 -7.65 -3.98
C THR A 37 3.51 -7.53 -4.04
N LEU A 38 2.97 -7.59 -5.26
CA LEU A 38 1.52 -7.48 -5.45
C LEU A 38 0.97 -8.74 -6.10
N PHE A 39 -0.36 -8.81 -6.20
CA PHE A 39 -1.01 -9.96 -6.81
C PHE A 39 -2.39 -9.58 -7.35
N GLN A 40 -2.59 -9.77 -8.65
CA GLN A 40 -3.86 -9.44 -9.28
C GLN A 40 -5.02 -9.71 -8.34
N ASN A 41 -5.16 -10.96 -7.91
CA ASN A 41 -6.23 -11.35 -7.00
C ASN A 41 -5.81 -12.51 -6.12
N ASN A 42 -6.46 -12.65 -4.96
CA ASN A 42 -6.15 -13.72 -4.03
C ASN A 42 -6.17 -15.08 -4.74
N THR A 43 -6.77 -15.11 -5.93
CA THR A 43 -6.88 -16.34 -6.70
C THR A 43 -5.99 -16.29 -7.94
N THR A 44 -4.81 -15.68 -7.78
CA THR A 44 -3.87 -15.56 -8.89
C THR A 44 -2.65 -16.46 -8.68
N ASN A 45 -2.01 -16.84 -9.78
CA ASN A 45 -0.82 -17.69 -9.71
C ASN A 45 0.45 -16.86 -9.73
N ARG A 46 0.50 -15.88 -10.64
CA ARG A 46 1.67 -15.01 -10.76
C ARG A 46 1.40 -13.65 -10.15
N TYR A 47 2.44 -13.02 -9.62
CA TYR A 47 2.30 -11.71 -9.00
C TYR A 47 1.85 -10.66 -10.02
N TYR A 48 1.76 -9.42 -9.58
CA TYR A 48 1.34 -8.32 -10.45
C TYR A 48 2.45 -7.29 -10.61
N LYS A 49 2.90 -6.75 -9.48
CA LYS A 49 3.97 -5.75 -9.50
C LYS A 49 4.73 -5.75 -8.17
N GLU A 50 6.05 -5.65 -8.26
CA GLU A 50 6.89 -5.64 -7.08
C GLU A 50 7.36 -4.22 -6.74
N ILE A 51 7.17 -3.81 -5.49
CA ILE A 51 7.58 -2.49 -5.06
C ILE A 51 8.84 -2.55 -4.20
N PRO A 52 10.00 -2.33 -4.84
CA PRO A 52 11.29 -2.36 -4.15
C PRO A 52 11.47 -1.17 -3.21
N LEU A 53 11.57 -1.45 -1.92
CA LEU A 53 11.75 -0.40 -0.92
C LEU A 53 12.77 0.63 -1.38
N SER A 54 13.69 0.21 -2.24
CA SER A 54 14.73 1.09 -2.76
C SER A 54 14.10 2.25 -3.53
N GLU A 55 13.08 1.95 -4.33
CA GLU A 55 12.41 2.96 -5.11
C GLU A 55 11.76 4.01 -4.22
N ILE A 56 11.10 3.55 -3.17
CA ILE A 56 10.43 4.44 -2.22
C ILE A 56 11.39 5.52 -1.72
N LEU A 57 10.94 6.76 -1.75
CA LEU A 57 11.75 7.88 -1.29
C LEU A 57 11.39 8.28 0.13
N THR A 58 10.08 8.42 0.38
CA THR A 58 9.60 8.80 1.70
C THR A 58 8.18 8.29 1.93
N VAL A 59 7.77 8.22 3.19
CA VAL A 59 6.43 7.75 3.54
C VAL A 59 5.76 8.69 4.54
N GLU A 60 4.61 9.22 4.16
CA GLU A 60 3.88 10.15 5.02
C GLU A 60 2.39 9.78 5.06
N SER A 61 1.64 10.48 5.90
CA SER A 61 0.21 10.23 6.03
C SER A 61 -0.59 11.13 5.09
N ALA A 62 -1.76 10.67 4.66
CA ALA A 62 -2.62 11.43 3.77
C ALA A 62 -2.62 12.91 4.14
N GLN A 63 -2.01 13.73 3.30
CA GLN A 63 -1.95 15.17 3.54
C GLN A 63 -2.27 15.94 2.28
N ASN A 64 -1.97 15.34 1.13
CA ASN A 64 -2.23 15.99 -0.16
C ASN A 64 -3.38 15.31 -0.88
N PHE A 65 -4.41 16.08 -1.23
CA PHE A 65 -5.58 15.56 -1.93
C PHE A 65 -5.97 16.47 -3.08
N SER A 66 -4.98 16.88 -3.87
CA SER A 66 -5.23 17.75 -5.01
C SER A 66 -5.67 16.95 -6.24
N LEU A 67 -5.29 15.67 -6.26
CA LEU A 67 -5.65 14.79 -7.37
C LEU A 67 -7.15 14.57 -7.43
N VAL A 68 -7.68 13.83 -6.46
CA VAL A 68 -9.11 13.54 -6.38
C VAL A 68 -9.89 14.79 -6.00
N PRO A 69 -11.15 14.87 -6.47
CA PRO A 69 -12.03 16.00 -6.19
C PRO A 69 -12.48 16.03 -4.73
N PRO A 70 -13.14 17.13 -4.34
CA PRO A 70 -13.63 17.31 -2.96
C PRO A 70 -14.80 16.38 -2.64
N GLY A 71 -14.57 15.47 -1.69
CA GLY A 71 -15.61 14.55 -1.30
C GLY A 71 -15.22 13.10 -1.56
N THR A 72 -14.16 12.91 -2.36
CA THR A 72 -13.69 11.57 -2.68
C THR A 72 -12.95 10.94 -1.49
N ASN A 73 -13.34 9.73 -1.14
CA ASN A 73 -12.71 9.02 -0.02
C ASN A 73 -11.21 9.25 -0.01
N PRO A 74 -10.70 9.84 1.08
CA PRO A 74 -9.27 10.13 1.24
C PRO A 74 -8.45 8.86 1.43
N HIS A 75 -7.13 9.00 1.42
CA HIS A 75 -6.23 7.88 1.60
C HIS A 75 -5.68 7.83 3.02
N CYS A 76 -4.84 6.84 3.30
CA CYS A 76 -4.25 6.69 4.62
C CYS A 76 -2.81 7.22 4.64
N PHE A 77 -1.98 6.68 3.76
CA PHE A 77 -0.58 7.10 3.68
C PHE A 77 -0.13 7.17 2.22
N GLU A 78 0.86 8.03 1.96
CA GLU A 78 1.39 8.20 0.61
C GLU A 78 2.81 7.67 0.51
N ILE A 79 3.10 6.94 -0.56
CA ILE A 79 4.42 6.38 -0.78
C ILE A 79 5.16 7.11 -1.90
N VAL A 80 5.76 8.24 -1.56
CA VAL A 80 6.50 9.03 -2.54
C VAL A 80 7.62 8.22 -3.16
N THR A 81 7.41 7.75 -4.39
CA THR A 81 8.42 6.97 -5.09
C THR A 81 9.20 7.83 -6.07
N ALA A 82 10.17 7.21 -6.75
CA ALA A 82 11.00 7.92 -7.72
C ALA A 82 10.28 8.05 -9.06
N ASN A 83 9.07 7.50 -9.13
CA ASN A 83 8.28 7.55 -10.36
C ASN A 83 7.10 8.52 -10.21
N ALA A 84 6.47 8.49 -9.04
CA ALA A 84 5.34 9.35 -8.76
C ALA A 84 4.83 9.17 -7.34
N THR A 85 3.95 10.07 -6.90
CA THR A 85 3.40 10.00 -5.56
C THR A 85 2.29 8.96 -5.47
N TYR A 86 2.43 8.03 -4.54
CA TYR A 86 1.44 6.97 -4.36
C TYR A 86 0.38 7.40 -3.35
N PHE A 87 -0.75 6.70 -3.37
CA PHE A 87 -1.85 7.00 -2.46
C PHE A 87 -2.59 5.73 -2.05
N VAL A 88 -2.36 5.28 -0.81
CA VAL A 88 -3.00 4.07 -0.31
C VAL A 88 -3.89 4.40 0.88
N GLY A 89 -5.12 3.90 0.84
CA GLY A 89 -6.06 4.15 1.92
C GLY A 89 -7.44 3.59 1.63
N GLU A 90 -8.39 4.48 1.37
CA GLU A 90 -9.76 4.07 1.08
C GLU A 90 -9.79 3.01 -0.03
N MET A 91 -10.99 2.65 -0.46
CA MET A 91 -11.15 1.66 -1.51
C MET A 91 -12.55 1.73 -2.12
N PRO A 92 -12.63 1.58 -3.45
CA PRO A 92 -13.90 1.63 -4.18
C PRO A 92 -14.77 0.41 -3.90
N GLY A 93 -16.04 0.65 -3.58
CA GLY A 93 -16.96 -0.43 -3.30
C GLY A 93 -18.24 0.04 -2.64
N GLY A 94 -18.34 -0.16 -1.34
CA GLY A 94 -19.53 0.26 -0.61
C GLY A 94 -20.66 -0.75 -0.74
N THR A 95 -20.49 -1.92 -0.13
CA THR A 95 -21.49 -2.96 -0.18
C THR A 95 -22.52 -2.79 0.94
N PRO A 96 -23.77 -3.19 0.68
CA PRO A 96 -24.86 -3.10 1.65
C PRO A 96 -24.68 -4.08 2.81
N GLY A 97 -24.80 -3.56 4.03
CA GLY A 97 -24.66 -4.40 5.20
C GLY A 97 -23.27 -5.02 5.31
N GLY A 98 -23.13 -6.02 6.18
CA GLY A 98 -21.86 -6.68 6.36
C GLY A 98 -20.72 -5.70 6.53
N PRO A 99 -19.48 -6.19 6.41
CA PRO A 99 -18.28 -5.36 6.54
C PRO A 99 -18.11 -4.39 5.38
N SER A 100 -17.60 -3.20 5.68
CA SER A 100 -17.39 -2.18 4.66
C SER A 100 -16.12 -2.45 3.87
N GLY A 101 -14.99 -2.48 4.57
CA GLY A 101 -13.72 -2.74 3.93
C GLY A 101 -12.64 -1.76 4.34
N GLN A 102 -12.93 -0.47 4.19
CA GLN A 102 -11.97 0.57 4.56
C GLN A 102 -11.38 0.30 5.94
N GLY A 103 -12.24 0.01 6.91
CA GLY A 103 -11.78 -0.26 8.26
C GLY A 103 -11.08 0.92 8.88
N ALA A 104 -10.26 0.65 9.89
CA ALA A 104 -9.53 1.71 10.58
C ALA A 104 -8.06 1.33 10.76
N GLU A 105 -7.82 0.26 11.52
CA GLU A 105 -6.46 -0.21 11.77
C GLU A 105 -5.89 -0.90 10.54
N ALA A 106 -6.75 -1.61 9.82
CA ALA A 106 -6.33 -2.32 8.61
C ALA A 106 -5.25 -1.55 7.86
N ALA A 107 -5.58 -0.31 7.48
CA ALA A 107 -4.63 0.53 6.77
C ALA A 107 -3.47 0.95 7.66
N ARG A 108 -3.78 1.35 8.88
CA ARG A 108 -2.76 1.78 9.83
C ARG A 108 -1.60 0.78 9.86
N GLY A 109 -1.92 -0.49 10.07
CA GLY A 109 -0.88 -1.51 10.11
C GLY A 109 0.10 -1.39 8.97
N TRP A 110 -0.41 -1.14 7.78
CA TRP A 110 0.44 -1.00 6.60
C TRP A 110 1.39 0.18 6.75
N GLU A 111 0.85 1.33 7.13
CA GLU A 111 1.67 2.52 7.31
C GLU A 111 2.95 2.20 8.07
N THR A 112 2.81 1.56 9.23
CA THR A 112 3.95 1.19 10.06
C THR A 112 4.74 0.06 9.42
N ALA A 113 4.08 -1.07 9.20
CA ALA A 113 4.72 -2.23 8.59
C ALA A 113 5.63 -1.81 7.44
N ILE A 114 5.04 -1.22 6.40
CA ILE A 114 5.80 -0.78 5.25
C ILE A 114 7.04 -0.01 5.66
N ARG A 115 6.86 0.95 6.57
CA ARG A 115 7.97 1.76 7.06
C ARG A 115 9.02 0.89 7.75
N GLN A 116 8.56 -0.11 8.49
CA GLN A 116 9.45 -1.01 9.21
C GLN A 116 10.37 -1.75 8.23
N ALA A 117 9.76 -2.34 7.21
CA ALA A 117 10.52 -3.09 6.20
C ALA A 117 11.49 -2.18 5.47
N LEU A 118 11.09 -0.93 5.26
CA LEU A 118 11.94 0.03 4.57
C LEU A 118 13.12 0.45 5.44
N MET A 119 13.08 0.07 6.71
CA MET A 119 14.15 0.39 7.64
C MET A 119 15.52 0.14 7.01
N SER A 120 15.57 -0.82 6.09
CA SER A 120 16.81 -1.16 5.42
C SER A 120 16.79 -0.69 3.97
N GLY A 121 15.64 -0.83 3.32
CA GLY A 121 15.50 -0.42 1.93
C GLY A 121 16.03 -1.46 0.97
N PRO A 122 17.04 -1.08 0.18
CA PRO A 122 17.66 -1.97 -0.81
C PRO A 122 18.46 -3.09 -0.16
N SER A 123 18.47 -3.11 1.17
CA SER A 123 19.19 -4.13 1.91
C SER A 123 20.70 -3.85 1.89
N SER A 124 21.05 -2.57 2.01
CA SER A 124 22.45 -2.17 2.00
C SER A 124 23.14 -2.54 3.32
N GLY A 125 24.47 -2.65 3.28
CA GLY A 125 25.21 -2.99 4.46
C GLY A 125 25.05 -4.45 4.85
N GLY A 1 16.23 -8.27 19.35
CA GLY A 1 15.43 -9.12 18.49
C GLY A 1 16.27 -9.97 17.56
N SER A 2 15.61 -10.80 16.76
CA SER A 2 16.30 -11.67 15.82
C SER A 2 15.62 -11.65 14.45
N SER A 3 16.41 -11.89 13.40
CA SER A 3 15.89 -11.89 12.05
C SER A 3 16.29 -13.17 11.32
N GLY A 4 15.53 -14.24 11.54
CA GLY A 4 15.82 -15.50 10.90
C GLY A 4 14.96 -15.74 9.68
N SER A 5 14.02 -16.69 9.78
CA SER A 5 13.14 -17.01 8.68
C SER A 5 11.87 -16.17 8.73
N SER A 6 11.85 -15.11 7.93
CA SER A 6 10.70 -14.21 7.88
C SER A 6 10.23 -14.00 6.44
N GLY A 7 9.15 -14.68 6.08
CA GLY A 7 8.62 -14.56 4.73
C GLY A 7 7.97 -13.21 4.49
N THR A 8 6.65 -13.20 4.36
CA THR A 8 5.91 -11.97 4.12
C THR A 8 5.49 -11.32 5.43
N LEU A 9 5.81 -10.04 5.58
CA LEU A 9 5.47 -9.29 6.79
C LEU A 9 3.98 -8.94 6.81
N ARG A 10 3.47 -8.48 5.68
CA ARG A 10 2.07 -8.11 5.57
C ARG A 10 1.46 -8.63 4.27
N GLU A 11 0.16 -8.87 4.28
CA GLU A 11 -0.54 -9.37 3.10
C GLU A 11 -2.05 -9.19 3.25
N GLY A 12 -2.68 -8.66 2.20
CA GLY A 12 -4.11 -8.45 2.22
C GLY A 12 -4.57 -7.50 1.14
N TRP A 13 -5.88 -7.44 0.92
CA TRP A 13 -6.46 -6.56 -0.09
C TRP A 13 -6.15 -5.10 0.22
N VAL A 14 -5.44 -4.44 -0.69
CA VAL A 14 -5.09 -3.04 -0.51
C VAL A 14 -5.22 -2.27 -1.82
N VAL A 15 -5.59 -1.00 -1.73
CA VAL A 15 -5.73 -0.15 -2.91
C VAL A 15 -4.78 1.03 -2.86
N HIS A 16 -4.24 1.40 -4.02
CA HIS A 16 -3.31 2.52 -4.11
C HIS A 16 -3.50 3.28 -5.41
N TYR A 17 -2.86 4.44 -5.52
CA TYR A 17 -2.96 5.26 -6.72
C TYR A 17 -1.99 6.44 -6.65
N SER A 18 -1.39 6.78 -7.79
CA SER A 18 -0.45 7.88 -7.86
C SER A 18 -1.13 9.15 -8.39
N ASN A 19 -0.44 10.28 -8.26
CA ASN A 19 -0.97 11.55 -8.73
C ASN A 19 -0.69 11.75 -10.21
N LYS A 20 -0.41 10.66 -10.91
CA LYS A 20 -0.11 10.71 -12.34
C LYS A 20 -1.23 10.07 -13.15
N ASP A 21 -1.77 8.96 -12.64
CA ASP A 21 -2.84 8.26 -13.32
C ASP A 21 -3.99 7.96 -12.36
N THR A 22 -3.78 8.28 -11.08
CA THR A 22 -4.79 8.04 -10.06
C THR A 22 -5.69 6.86 -10.43
N LEU A 23 -5.07 5.72 -10.70
CA LEU A 23 -5.82 4.52 -11.07
C LEU A 23 -6.07 3.63 -9.85
N ARG A 24 -6.95 4.10 -8.96
CA ARG A 24 -7.28 3.35 -7.75
C ARG A 24 -7.58 1.90 -8.09
N LYS A 25 -6.59 1.04 -7.93
CA LYS A 25 -6.74 -0.39 -8.21
C LYS A 25 -6.46 -1.22 -6.97
N ARG A 26 -7.43 -2.04 -6.57
CA ARG A 26 -7.28 -2.90 -5.39
C ARG A 26 -6.71 -4.26 -5.78
N HIS A 27 -5.86 -4.80 -4.93
CA HIS A 27 -5.24 -6.10 -5.18
C HIS A 27 -4.52 -6.61 -3.94
N TYR A 28 -4.42 -7.93 -3.81
CA TYR A 28 -3.75 -8.55 -2.68
C TYR A 28 -2.30 -8.09 -2.59
N TRP A 29 -2.03 -7.15 -1.68
CA TRP A 29 -0.68 -6.63 -1.50
C TRP A 29 0.15 -7.58 -0.65
N ARG A 30 1.48 -7.48 -0.77
CA ARG A 30 2.38 -8.33 -0.02
C ARG A 30 3.67 -7.59 0.32
N LEU A 31 4.00 -7.54 1.61
CA LEU A 31 5.20 -6.86 2.07
C LEU A 31 6.22 -7.86 2.62
N ASP A 32 7.50 -7.60 2.34
CA ASP A 32 8.56 -8.47 2.81
C ASP A 32 9.72 -7.66 3.39
N CYS A 33 10.81 -8.34 3.74
CA CYS A 33 11.98 -7.68 4.30
C CYS A 33 12.88 -7.14 3.19
N LYS A 34 12.42 -7.26 1.96
CA LYS A 34 13.19 -6.78 0.81
C LYS A 34 12.37 -5.81 -0.02
N CYS A 35 11.16 -6.23 -0.39
CA CYS A 35 10.27 -5.39 -1.19
C CYS A 35 8.81 -5.76 -0.95
N ILE A 36 7.91 -4.99 -1.55
CA ILE A 36 6.48 -5.24 -1.38
C ILE A 36 5.87 -5.81 -2.66
N THR A 37 5.63 -7.12 -2.66
CA THR A 37 5.05 -7.79 -3.82
C THR A 37 3.53 -7.62 -3.85
N LEU A 38 2.95 -7.73 -5.04
CA LEU A 38 1.52 -7.60 -5.21
C LEU A 38 0.93 -8.80 -5.95
N PHE A 39 -0.39 -8.93 -5.93
CA PHE A 39 -1.06 -10.02 -6.59
C PHE A 39 -2.48 -9.61 -7.03
N GLN A 40 -2.82 -9.94 -8.27
CA GLN A 40 -4.14 -9.61 -8.80
C GLN A 40 -5.22 -9.82 -7.75
N ASN A 41 -5.54 -11.09 -7.50
CA ASN A 41 -6.56 -11.44 -6.52
C ASN A 41 -6.10 -12.58 -5.62
N ASN A 42 -6.71 -12.70 -4.45
CA ASN A 42 -6.35 -13.75 -3.51
C ASN A 42 -6.36 -15.11 -4.18
N THR A 43 -6.97 -15.18 -5.35
CA THR A 43 -7.05 -16.43 -6.10
C THR A 43 -6.22 -16.37 -7.38
N THR A 44 -5.04 -15.76 -7.27
CA THR A 44 -4.15 -15.63 -8.41
C THR A 44 -2.90 -16.49 -8.24
N ASN A 45 -2.33 -16.92 -9.36
CA ASN A 45 -1.13 -17.76 -9.33
C ASN A 45 0.13 -16.91 -9.17
N ARG A 46 0.55 -16.28 -10.26
CA ARG A 46 1.74 -15.43 -10.24
C ARG A 46 1.49 -14.15 -9.46
N TYR A 47 2.46 -13.25 -9.47
CA TYR A 47 2.34 -11.98 -8.76
C TYR A 47 1.68 -10.92 -9.65
N TYR A 48 1.66 -9.69 -9.15
CA TYR A 48 1.06 -8.58 -9.90
C TYR A 48 2.06 -7.44 -10.08
N LYS A 49 2.62 -6.99 -8.96
CA LYS A 49 3.59 -5.90 -8.99
C LYS A 49 4.58 -6.02 -7.83
N GLU A 50 5.82 -5.60 -8.07
CA GLU A 50 6.85 -5.66 -7.04
C GLU A 50 7.44 -4.27 -6.78
N ILE A 51 7.07 -3.70 -5.65
CA ILE A 51 7.56 -2.38 -5.27
C ILE A 51 8.80 -2.47 -4.38
N PRO A 52 9.97 -2.18 -4.97
CA PRO A 52 11.25 -2.24 -4.25
C PRO A 52 11.38 -1.12 -3.23
N LEU A 53 11.60 -1.49 -1.97
CA LEU A 53 11.75 -0.52 -0.89
C LEU A 53 12.77 0.55 -1.26
N SER A 54 13.59 0.25 -2.26
CA SER A 54 14.62 1.19 -2.71
C SER A 54 14.00 2.35 -3.48
N GLU A 55 13.04 2.03 -4.35
CA GLU A 55 12.37 3.04 -5.15
C GLU A 55 11.72 4.09 -4.26
N ILE A 56 11.08 3.63 -3.19
CA ILE A 56 10.41 4.54 -2.25
C ILE A 56 11.37 5.63 -1.76
N LEU A 57 10.96 6.88 -1.92
CA LEU A 57 11.76 8.01 -1.49
C LEU A 57 11.45 8.39 -0.05
N THR A 58 10.16 8.51 0.25
CA THR A 58 9.72 8.88 1.60
C THR A 58 8.30 8.39 1.86
N VAL A 59 7.95 8.24 3.13
CA VAL A 59 6.62 7.80 3.51
C VAL A 59 5.94 8.80 4.43
N GLU A 60 4.82 9.36 3.97
CA GLU A 60 4.08 10.34 4.75
C GLU A 60 2.64 9.89 4.95
N SER A 61 1.93 10.58 5.85
CA SER A 61 0.54 10.25 6.13
C SER A 61 -0.40 11.01 5.20
N ALA A 62 -1.59 10.45 5.00
CA ALA A 62 -2.58 11.06 4.12
C ALA A 62 -2.86 12.50 4.55
N GLN A 63 -2.50 13.46 3.69
CA GLN A 63 -2.71 14.87 4.00
C GLN A 63 -3.28 15.60 2.78
N ASN A 64 -2.92 15.12 1.59
CA ASN A 64 -3.40 15.73 0.36
C ASN A 64 -4.58 14.95 -0.22
N PHE A 65 -5.77 15.52 -0.11
CA PHE A 65 -6.97 14.87 -0.62
C PHE A 65 -7.62 15.73 -1.71
N SER A 66 -6.79 16.27 -2.60
CA SER A 66 -7.28 17.11 -3.69
C SER A 66 -7.38 16.31 -4.98
N LEU A 67 -6.56 15.27 -5.09
CA LEU A 67 -6.54 14.43 -6.27
C LEU A 67 -7.89 13.74 -6.46
N VAL A 68 -8.19 12.79 -5.57
CA VAL A 68 -9.45 12.05 -5.64
C VAL A 68 -10.64 12.96 -5.32
N PRO A 69 -11.80 12.60 -5.85
CA PRO A 69 -13.04 13.37 -5.64
C PRO A 69 -13.55 13.27 -4.21
N PRO A 70 -14.55 14.10 -3.87
CA PRO A 70 -15.14 14.11 -2.54
C PRO A 70 -15.95 12.86 -2.24
N GLY A 71 -16.25 12.09 -3.29
CA GLY A 71 -17.01 10.87 -3.12
C GLY A 71 -16.13 9.64 -3.01
N THR A 72 -14.85 9.81 -3.35
CA THR A 72 -13.91 8.70 -3.29
C THR A 72 -13.11 8.72 -1.99
N ASN A 73 -13.27 7.67 -1.19
CA ASN A 73 -12.57 7.57 0.08
C ASN A 73 -11.10 7.98 -0.07
N PRO A 74 -10.58 8.68 0.94
CA PRO A 74 -9.19 9.15 0.95
C PRO A 74 -8.19 8.01 1.10
N HIS A 75 -6.96 8.35 1.46
CA HIS A 75 -5.92 7.34 1.64
C HIS A 75 -5.36 7.39 3.06
N CYS A 76 -4.52 6.43 3.39
CA CYS A 76 -3.92 6.35 4.71
C CYS A 76 -2.52 6.98 4.72
N PHE A 77 -1.68 6.55 3.79
CA PHE A 77 -0.32 7.06 3.68
C PHE A 77 0.10 7.19 2.22
N GLU A 78 1.09 8.03 1.97
CA GLU A 78 1.59 8.25 0.60
C GLU A 78 3.03 7.77 0.47
N ILE A 79 3.28 6.92 -0.52
CA ILE A 79 4.62 6.38 -0.76
C ILE A 79 5.33 7.16 -1.86
N VAL A 80 5.85 8.34 -1.50
CA VAL A 80 6.56 9.18 -2.46
C VAL A 80 7.63 8.39 -3.20
N THR A 81 7.32 7.97 -4.42
CA THR A 81 8.25 7.20 -5.23
C THR A 81 8.97 8.10 -6.23
N ALA A 82 9.92 7.52 -6.96
CA ALA A 82 10.68 8.27 -7.95
C ALA A 82 9.88 8.42 -9.24
N ASN A 83 8.60 8.11 -9.18
CA ASN A 83 7.72 8.21 -10.34
C ASN A 83 6.53 9.12 -10.05
N ALA A 84 6.02 9.05 -8.83
CA ALA A 84 4.88 9.86 -8.42
C ALA A 84 4.54 9.64 -6.94
N THR A 85 3.48 10.29 -6.48
CA THR A 85 3.06 10.16 -5.09
C THR A 85 1.94 9.13 -4.96
N TYR A 86 2.28 7.97 -4.41
CA TYR A 86 1.31 6.90 -4.22
C TYR A 86 0.28 7.29 -3.16
N PHE A 87 -0.93 6.73 -3.29
CA PHE A 87 -2.00 7.01 -2.36
C PHE A 87 -2.72 5.73 -1.95
N VAL A 88 -2.15 5.03 -0.97
CA VAL A 88 -2.74 3.78 -0.48
C VAL A 88 -3.84 4.05 0.53
N GLY A 89 -5.08 3.76 0.14
CA GLY A 89 -6.21 3.98 1.03
C GLY A 89 -6.89 2.68 1.43
N GLU A 90 -8.19 2.59 1.17
CA GLU A 90 -8.95 1.40 1.52
C GLU A 90 -9.50 0.72 0.26
N MET A 91 -10.30 1.46 -0.50
CA MET A 91 -10.90 0.93 -1.72
C MET A 91 -11.70 2.01 -2.44
N PRO A 92 -11.64 2.00 -3.78
CA PRO A 92 -12.36 2.97 -4.61
C PRO A 92 -13.87 2.74 -4.58
N GLY A 93 -14.63 3.84 -4.59
CA GLY A 93 -16.07 3.73 -4.56
C GLY A 93 -16.56 2.61 -3.67
N GLY A 94 -17.77 2.12 -3.94
CA GLY A 94 -18.33 1.04 -3.16
C GLY A 94 -19.39 1.53 -2.18
N THR A 95 -20.19 0.60 -1.67
CA THR A 95 -21.25 0.94 -0.73
C THR A 95 -20.79 0.74 0.71
N PRO A 96 -21.39 1.51 1.64
CA PRO A 96 -21.05 1.44 3.06
C PRO A 96 -21.52 0.13 3.70
N GLY A 97 -22.29 -0.65 2.94
CA GLY A 97 -22.78 -1.92 3.45
C GLY A 97 -23.15 -1.85 4.91
N GLY A 98 -22.50 -2.68 5.73
CA GLY A 98 -22.79 -2.69 7.15
C GLY A 98 -21.72 -3.41 7.96
N PRO A 99 -21.96 -4.70 8.23
CA PRO A 99 -21.01 -5.52 8.99
C PRO A 99 -19.74 -5.81 8.22
N SER A 100 -19.79 -5.60 6.91
CA SER A 100 -18.63 -5.85 6.05
C SER A 100 -18.00 -4.54 5.59
N GLY A 101 -16.81 -4.26 6.09
CA GLY A 101 -16.12 -3.03 5.73
C GLY A 101 -14.89 -2.79 6.57
N GLN A 102 -13.78 -3.44 6.20
CA GLN A 102 -12.53 -3.29 6.93
C GLN A 102 -11.64 -2.25 6.26
N GLY A 103 -11.91 -0.97 6.54
CA GLY A 103 -11.12 0.10 5.96
C GLY A 103 -10.73 1.15 6.98
N ALA A 104 -10.17 0.70 8.10
CA ALA A 104 -9.76 1.61 9.16
C ALA A 104 -8.38 1.25 9.68
N GLU A 105 -8.25 0.05 10.24
CA GLU A 105 -6.98 -0.41 10.78
C GLU A 105 -6.13 -1.06 9.69
N ALA A 106 -6.77 -1.85 8.84
CA ALA A 106 -6.07 -2.52 7.75
C ALA A 106 -4.99 -1.62 7.14
N ALA A 107 -5.44 -0.52 6.54
CA ALA A 107 -4.51 0.43 5.93
C ALA A 107 -3.42 0.86 6.91
N ARG A 108 -3.85 1.23 8.12
CA ARG A 108 -2.91 1.67 9.14
C ARG A 108 -1.77 0.66 9.31
N GLY A 109 -2.13 -0.60 9.55
CA GLY A 109 -1.13 -1.63 9.72
C GLY A 109 -0.02 -1.55 8.68
N TRP A 110 -0.39 -1.20 7.45
CA TRP A 110 0.59 -1.08 6.38
C TRP A 110 1.52 0.10 6.61
N GLU A 111 0.94 1.28 6.82
CA GLU A 111 1.73 2.48 7.06
C GLU A 111 2.96 2.17 7.91
N THR A 112 2.74 1.57 9.08
CA THR A 112 3.82 1.22 9.98
C THR A 112 4.66 0.09 9.41
N ALA A 113 4.02 -1.04 9.11
CA ALA A 113 4.70 -2.19 8.56
C ALA A 113 5.69 -1.78 7.47
N ILE A 114 5.16 -1.23 6.39
CA ILE A 114 5.98 -0.78 5.28
C ILE A 114 7.22 -0.03 5.76
N ARG A 115 6.99 0.97 6.60
CA ARG A 115 8.08 1.77 7.15
C ARG A 115 9.11 0.88 7.84
N GLN A 116 8.63 -0.09 8.61
CA GLN A 116 9.52 -1.00 9.33
C GLN A 116 10.39 -1.79 8.36
N ALA A 117 9.75 -2.39 7.36
CA ALA A 117 10.47 -3.17 6.36
C ALA A 117 11.44 -2.30 5.58
N LEU A 118 11.05 -1.05 5.32
CA LEU A 118 11.88 -0.12 4.58
C LEU A 118 13.06 0.35 5.42
N MET A 119 13.06 -0.03 6.70
CA MET A 119 14.12 0.35 7.62
C MET A 119 15.49 -0.03 7.04
N SER A 120 15.51 -1.06 6.20
CA SER A 120 16.74 -1.53 5.60
C SER A 120 17.15 -0.63 4.44
N GLY A 121 16.16 -0.05 3.77
CA GLY A 121 16.45 0.83 2.65
C GLY A 121 17.60 1.77 2.93
N PRO A 122 18.32 2.18 1.87
CA PRO A 122 19.45 3.09 1.98
C PRO A 122 19.03 4.51 2.36
N SER A 123 19.89 5.20 3.11
CA SER A 123 19.61 6.56 3.54
C SER A 123 18.54 6.57 4.63
N SER A 124 18.64 5.62 5.56
CA SER A 124 17.67 5.52 6.65
C SER A 124 18.26 6.06 7.95
N GLY A 125 19.43 5.56 8.32
CA GLY A 125 20.08 6.02 9.54
C GLY A 125 20.52 4.87 10.42
N GLY A 1 -2.35 -19.03 13.44
CA GLY A 1 -1.65 -18.74 14.67
C GLY A 1 -1.18 -17.30 14.76
N SER A 2 0.03 -17.11 15.29
CA SER A 2 0.59 -15.78 15.42
C SER A 2 1.49 -15.44 14.24
N SER A 3 2.35 -16.38 13.87
CA SER A 3 3.27 -16.18 12.76
C SER A 3 3.22 -17.36 11.80
N GLY A 4 2.94 -17.07 10.53
CA GLY A 4 2.87 -18.11 9.53
C GLY A 4 2.91 -17.57 8.12
N SER A 5 4.03 -17.78 7.44
CA SER A 5 4.19 -17.30 6.06
C SER A 5 5.51 -17.78 5.47
N SER A 6 5.74 -17.46 4.20
CA SER A 6 6.97 -17.87 3.52
C SER A 6 7.96 -16.71 3.45
N GLY A 7 8.06 -15.96 4.54
CA GLY A 7 8.97 -14.84 4.59
C GLY A 7 8.28 -13.51 4.34
N THR A 8 6.95 -13.52 4.44
CA THR A 8 6.16 -12.31 4.23
C THR A 8 5.86 -11.62 5.54
N LEU A 9 5.90 -10.29 5.52
CA LEU A 9 5.62 -9.49 6.72
C LEU A 9 4.15 -9.11 6.79
N ARG A 10 3.58 -8.70 5.67
CA ARG A 10 2.19 -8.30 5.60
C ARG A 10 1.51 -8.88 4.36
N GLU A 11 0.20 -9.07 4.44
CA GLU A 11 -0.56 -9.61 3.32
C GLU A 11 -2.05 -9.25 3.44
N GLY A 12 -2.62 -8.77 2.34
CA GLY A 12 -4.01 -8.38 2.35
C GLY A 12 -4.37 -7.44 1.21
N TRP A 13 -5.63 -7.45 0.81
CA TRP A 13 -6.09 -6.59 -0.28
C TRP A 13 -5.90 -5.12 0.08
N VAL A 14 -5.23 -4.38 -0.81
CA VAL A 14 -4.98 -2.97 -0.58
C VAL A 14 -5.07 -2.18 -1.89
N VAL A 15 -5.69 -1.01 -1.83
CA VAL A 15 -5.84 -0.16 -3.00
C VAL A 15 -4.89 1.03 -2.95
N HIS A 16 -4.35 1.40 -4.10
CA HIS A 16 -3.42 2.54 -4.17
C HIS A 16 -3.59 3.29 -5.49
N TYR A 17 -3.04 4.49 -5.56
CA TYR A 17 -3.14 5.31 -6.76
C TYR A 17 -2.11 6.44 -6.74
N SER A 18 -1.74 6.92 -7.91
CA SER A 18 -0.77 8.01 -8.03
C SER A 18 -1.47 9.34 -8.28
N ASN A 19 -0.68 10.41 -8.35
CA ASN A 19 -1.22 11.75 -8.59
C ASN A 19 -1.09 12.13 -10.06
N LYS A 20 -1.30 11.15 -10.94
CA LYS A 20 -1.21 11.39 -12.38
C LYS A 20 -2.42 10.82 -13.10
N ASP A 21 -2.83 9.63 -12.69
CA ASP A 21 -3.99 8.97 -13.30
C ASP A 21 -5.02 8.59 -12.24
N THR A 22 -4.61 8.67 -10.98
CA THR A 22 -5.50 8.32 -9.87
C THR A 22 -6.29 7.06 -10.17
N LEU A 23 -5.60 6.03 -10.64
CA LEU A 23 -6.24 4.76 -10.98
C LEU A 23 -6.18 3.79 -9.79
N ARG A 24 -7.06 4.02 -8.82
CA ARG A 24 -7.12 3.17 -7.63
C ARG A 24 -7.17 1.69 -8.01
N LYS A 25 -6.05 1.00 -7.86
CA LYS A 25 -5.97 -0.41 -8.19
C LYS A 25 -6.03 -1.27 -6.93
N ARG A 26 -7.00 -2.18 -6.89
CA ARG A 26 -7.17 -3.06 -5.74
C ARG A 26 -6.57 -4.44 -6.01
N HIS A 27 -5.74 -4.92 -5.09
CA HIS A 27 -5.10 -6.21 -5.24
C HIS A 27 -4.46 -6.66 -3.93
N TYR A 28 -4.19 -7.96 -3.82
CA TYR A 28 -3.57 -8.50 -2.61
C TYR A 28 -2.15 -8.00 -2.44
N TRP A 29 -1.98 -6.95 -1.65
CA TRP A 29 -0.67 -6.36 -1.40
C TRP A 29 0.16 -7.26 -0.48
N ARG A 30 1.37 -7.56 -0.92
CA ARG A 30 2.27 -8.42 -0.14
C ARG A 30 3.56 -7.68 0.20
N LEU A 31 3.88 -7.62 1.48
CA LEU A 31 5.09 -6.95 1.94
C LEU A 31 6.11 -7.94 2.49
N ASP A 32 7.39 -7.69 2.21
CA ASP A 32 8.45 -8.58 2.68
C ASP A 32 9.61 -7.77 3.27
N CYS A 33 10.68 -8.46 3.61
CA CYS A 33 11.86 -7.80 4.18
C CYS A 33 12.78 -7.28 3.08
N LYS A 34 12.29 -7.32 1.85
CA LYS A 34 13.08 -6.85 0.71
C LYS A 34 12.27 -5.89 -0.16
N CYS A 35 11.04 -6.31 -0.50
CA CYS A 35 10.16 -5.49 -1.31
C CYS A 35 8.70 -5.81 -1.03
N ILE A 36 7.80 -5.08 -1.68
CA ILE A 36 6.37 -5.28 -1.51
C ILE A 36 5.73 -5.85 -2.76
N THR A 37 5.50 -7.16 -2.78
CA THR A 37 4.90 -7.81 -3.93
C THR A 37 3.44 -7.40 -4.10
N LEU A 38 2.89 -7.67 -5.27
CA LEU A 38 1.50 -7.33 -5.56
C LEU A 38 0.83 -8.42 -6.38
N PHE A 39 -0.12 -9.12 -5.77
CA PHE A 39 -0.85 -10.20 -6.44
C PHE A 39 -2.21 -9.71 -6.90
N GLN A 40 -2.34 -9.44 -8.20
CA GLN A 40 -3.60 -8.98 -8.76
C GLN A 40 -4.79 -9.55 -8.00
N ASN A 41 -4.78 -10.87 -7.79
CA ASN A 41 -5.86 -11.53 -7.07
C ASN A 41 -5.30 -12.59 -6.12
N ASN A 42 -6.18 -13.15 -5.30
CA ASN A 42 -5.78 -14.17 -4.34
C ASN A 42 -5.63 -15.53 -5.01
N THR A 43 -6.04 -15.60 -6.28
CA THR A 43 -5.95 -16.84 -7.05
C THR A 43 -5.39 -16.58 -8.44
N THR A 44 -4.41 -15.69 -8.53
CA THR A 44 -3.80 -15.35 -9.81
C THR A 44 -2.36 -15.87 -9.88
N ASN A 45 -1.84 -15.99 -11.09
CA ASN A 45 -0.48 -16.48 -11.30
C ASN A 45 0.51 -15.71 -10.42
N ARG A 46 1.79 -16.04 -10.56
CA ARG A 46 2.83 -15.36 -9.78
C ARG A 46 2.54 -13.88 -9.65
N TYR A 47 3.13 -13.26 -8.63
CA TYR A 47 2.93 -11.84 -8.37
C TYR A 47 2.85 -11.06 -9.69
N TYR A 48 2.00 -10.05 -9.72
CA TYR A 48 1.82 -9.23 -10.91
C TYR A 48 2.76 -8.03 -10.89
N LYS A 49 2.76 -7.30 -9.78
CA LYS A 49 3.61 -6.13 -9.64
C LYS A 49 4.51 -6.26 -8.42
N GLU A 50 5.68 -5.63 -8.47
CA GLU A 50 6.63 -5.68 -7.35
C GLU A 50 7.18 -4.29 -7.05
N ILE A 51 6.89 -3.79 -5.87
CA ILE A 51 7.36 -2.47 -5.45
C ILE A 51 8.60 -2.59 -4.57
N PRO A 52 9.78 -2.35 -5.17
CA PRO A 52 11.06 -2.41 -4.46
C PRO A 52 11.23 -1.27 -3.46
N LEU A 53 11.48 -1.62 -2.21
CA LEU A 53 11.66 -0.62 -1.15
C LEU A 53 12.63 0.47 -1.61
N SER A 54 13.44 0.16 -2.61
CA SER A 54 14.41 1.11 -3.13
C SER A 54 13.71 2.25 -3.86
N GLU A 55 12.71 1.92 -4.65
CA GLU A 55 11.96 2.92 -5.40
C GLU A 55 11.37 3.98 -4.46
N ILE A 56 10.86 3.53 -3.32
CA ILE A 56 10.28 4.44 -2.34
C ILE A 56 11.29 5.48 -1.89
N LEU A 57 10.90 6.75 -1.97
CA LEU A 57 11.78 7.84 -1.56
C LEU A 57 11.48 8.28 -0.13
N THR A 58 10.20 8.36 0.20
CA THR A 58 9.78 8.75 1.54
C THR A 58 8.33 8.34 1.82
N VAL A 59 7.99 8.21 3.09
CA VAL A 59 6.64 7.82 3.48
C VAL A 59 6.00 8.88 4.37
N GLU A 60 4.85 9.38 3.95
CA GLU A 60 4.13 10.40 4.71
C GLU A 60 2.67 9.99 4.93
N SER A 61 1.99 10.74 5.78
CA SER A 61 0.59 10.46 6.09
C SER A 61 -0.34 11.30 5.22
N ALA A 62 -1.50 10.75 4.90
CA ALA A 62 -2.48 11.46 4.08
C ALA A 62 -2.58 12.93 4.48
N GLN A 63 -2.16 13.82 3.59
CA GLN A 63 -2.20 15.25 3.86
C GLN A 63 -2.74 16.01 2.68
N ASN A 64 -2.52 15.48 1.47
CA ASN A 64 -3.00 16.11 0.25
C ASN A 64 -4.27 15.45 -0.25
N PHE A 65 -5.32 16.26 -0.41
CA PHE A 65 -6.60 15.74 -0.89
C PHE A 65 -7.13 16.58 -2.05
N SER A 66 -6.23 16.94 -2.97
CA SER A 66 -6.61 17.74 -4.12
C SER A 66 -7.07 16.86 -5.28
N LEU A 67 -6.50 15.66 -5.36
CA LEU A 67 -6.85 14.71 -6.41
C LEU A 67 -8.31 14.27 -6.28
N VAL A 68 -8.60 13.53 -5.22
CA VAL A 68 -9.95 13.04 -4.98
C VAL A 68 -10.83 14.13 -4.38
N PRO A 69 -12.14 14.06 -4.66
CA PRO A 69 -13.12 15.04 -4.16
C PRO A 69 -13.33 14.92 -2.66
N PRO A 70 -14.03 15.91 -2.07
CA PRO A 70 -14.32 15.94 -0.64
C PRO A 70 -15.30 14.86 -0.22
N GLY A 71 -15.71 14.03 -1.19
CA GLY A 71 -16.66 12.96 -0.89
C GLY A 71 -16.17 11.62 -1.40
N THR A 72 -14.86 11.39 -1.34
CA THR A 72 -14.27 10.14 -1.79
C THR A 72 -13.26 9.62 -0.78
N ASN A 73 -13.54 8.45 -0.21
CA ASN A 73 -12.64 7.84 0.76
C ASN A 73 -11.18 8.15 0.44
N PRO A 74 -10.55 8.96 1.28
CA PRO A 74 -9.15 9.36 1.11
C PRO A 74 -8.19 8.19 1.35
N HIS A 75 -6.90 8.50 1.43
CA HIS A 75 -5.88 7.49 1.65
C HIS A 75 -5.34 7.56 3.08
N CYS A 76 -4.52 6.59 3.46
CA CYS A 76 -3.95 6.54 4.79
C CYS A 76 -2.53 7.11 4.79
N PHE A 77 -1.71 6.65 3.86
CA PHE A 77 -0.33 7.12 3.76
C PHE A 77 0.10 7.21 2.30
N GLU A 78 1.07 8.08 2.03
CA GLU A 78 1.57 8.26 0.67
C GLU A 78 3.01 7.76 0.55
N ILE A 79 3.29 7.05 -0.54
CA ILE A 79 4.63 6.51 -0.78
C ILE A 79 5.33 7.25 -1.91
N VAL A 80 5.88 8.43 -1.59
CA VAL A 80 6.59 9.23 -2.57
C VAL A 80 7.63 8.40 -3.31
N THR A 81 7.35 8.05 -4.55
CA THR A 81 8.27 7.27 -5.36
C THR A 81 8.99 8.14 -6.39
N ALA A 82 9.88 7.53 -7.16
CA ALA A 82 10.64 8.26 -8.17
C ALA A 82 9.85 8.38 -9.47
N ASN A 83 8.52 8.26 -9.36
CA ASN A 83 7.65 8.37 -10.52
C ASN A 83 6.45 9.26 -10.22
N ALA A 84 5.93 9.15 -9.00
CA ALA A 84 4.78 9.94 -8.59
C ALA A 84 4.43 9.69 -7.13
N THR A 85 3.48 10.46 -6.61
CA THR A 85 3.04 10.31 -5.22
C THR A 85 1.99 9.22 -5.08
N TYR A 86 2.31 8.19 -4.30
CA TYR A 86 1.38 7.09 -4.09
C TYR A 86 0.31 7.45 -3.06
N PHE A 87 -0.84 6.82 -3.18
CA PHE A 87 -1.96 7.08 -2.26
C PHE A 87 -2.60 5.78 -1.81
N VAL A 88 -2.01 5.16 -0.79
CA VAL A 88 -2.51 3.91 -0.25
C VAL A 88 -3.47 4.15 0.91
N GLY A 89 -4.63 3.49 0.87
CA GLY A 89 -5.62 3.65 1.93
C GLY A 89 -6.94 3.01 1.58
N GLU A 90 -7.93 3.21 2.45
CA GLU A 90 -9.26 2.64 2.22
C GLU A 90 -9.71 2.85 0.78
N MET A 91 -10.80 2.19 0.41
CA MET A 91 -11.33 2.31 -0.95
C MET A 91 -12.64 3.09 -0.95
N PRO A 92 -12.93 3.75 -2.08
CA PRO A 92 -14.16 4.55 -2.24
C PRO A 92 -15.40 3.68 -2.31
N GLY A 93 -16.57 4.32 -2.32
CA GLY A 93 -17.82 3.59 -2.39
C GLY A 93 -17.81 2.52 -3.45
N GLY A 94 -17.96 2.93 -4.71
CA GLY A 94 -17.97 1.98 -5.80
C GLY A 94 -19.17 1.06 -5.77
N THR A 95 -19.01 -0.14 -6.31
CA THR A 95 -20.09 -1.12 -6.33
C THR A 95 -20.20 -1.86 -5.02
N PRO A 96 -21.45 -2.15 -4.60
CA PRO A 96 -21.72 -2.86 -3.35
C PRO A 96 -21.29 -4.32 -3.41
N GLY A 97 -20.80 -4.84 -2.28
CA GLY A 97 -20.37 -6.22 -2.23
C GLY A 97 -18.93 -6.35 -1.74
N GLY A 98 -18.72 -7.25 -0.78
CA GLY A 98 -17.38 -7.46 -0.25
C GLY A 98 -17.39 -7.66 1.26
N PRO A 99 -16.24 -7.39 1.90
CA PRO A 99 -16.10 -7.54 3.35
C PRO A 99 -16.88 -6.49 4.12
N SER A 100 -17.36 -5.47 3.41
CA SER A 100 -18.13 -4.39 4.03
C SER A 100 -17.52 -4.01 5.38
N GLY A 101 -16.20 -3.94 5.43
CA GLY A 101 -15.52 -3.57 6.66
C GLY A 101 -15.40 -2.07 6.85
N GLN A 102 -14.83 -1.66 7.96
CA GLN A 102 -14.65 -0.24 8.25
C GLN A 102 -13.65 0.40 7.30
N GLY A 103 -12.48 -0.22 7.19
CA GLY A 103 -11.44 0.30 6.31
C GLY A 103 -10.70 1.47 6.93
N ALA A 104 -10.23 1.30 8.16
CA ALA A 104 -9.50 2.35 8.86
C ALA A 104 -8.25 1.80 9.54
N GLU A 105 -8.44 0.80 10.40
CA GLU A 105 -7.33 0.19 11.11
C GLU A 105 -6.49 -0.68 10.17
N ALA A 106 -7.17 -1.48 9.35
CA ALA A 106 -6.49 -2.35 8.41
C ALA A 106 -5.33 -1.63 7.73
N ALA A 107 -5.58 -0.42 7.28
CA ALA A 107 -4.55 0.38 6.60
C ALA A 107 -3.47 0.81 7.58
N ARG A 108 -3.88 1.28 8.76
CA ARG A 108 -2.94 1.72 9.78
C ARG A 108 -1.76 0.76 9.88
N GLY A 109 -2.05 -0.53 9.89
CA GLY A 109 -1.00 -1.53 9.99
C GLY A 109 0.01 -1.42 8.86
N TRP A 110 -0.48 -1.12 7.66
CA TRP A 110 0.39 -0.99 6.49
C TRP A 110 1.35 0.18 6.67
N GLU A 111 0.79 1.37 6.90
CA GLU A 111 1.60 2.57 7.09
C GLU A 111 2.85 2.26 7.90
N THR A 112 2.67 1.66 9.06
CA THR A 112 3.78 1.32 9.94
C THR A 112 4.57 0.14 9.38
N ALA A 113 3.89 -0.97 9.14
CA ALA A 113 4.53 -2.16 8.59
C ALA A 113 5.48 -1.80 7.45
N ILE A 114 4.92 -1.31 6.36
CA ILE A 114 5.71 -0.92 5.20
C ILE A 114 6.95 -0.13 5.61
N ARG A 115 6.75 0.86 6.47
CA ARG A 115 7.86 1.68 6.95
C ARG A 115 8.90 0.83 7.68
N GLN A 116 8.42 -0.11 8.48
CA GLN A 116 9.31 -1.00 9.23
C GLN A 116 10.18 -1.83 8.29
N ALA A 117 9.54 -2.48 7.32
CA ALA A 117 10.25 -3.31 6.35
C ALA A 117 11.21 -2.48 5.51
N LEU A 118 10.80 -1.26 5.20
CA LEU A 118 11.62 -0.35 4.40
C LEU A 118 12.84 0.12 5.20
N MET A 119 12.82 -0.15 6.50
CA MET A 119 13.92 0.25 7.37
C MET A 119 15.26 -0.18 6.78
N SER A 120 15.24 -1.24 5.99
CA SER A 120 16.45 -1.76 5.37
C SER A 120 17.09 -0.72 4.46
N GLY A 121 16.25 0.01 3.73
CA GLY A 121 16.75 1.02 2.82
C GLY A 121 17.56 2.09 3.53
N PRO A 122 17.07 3.33 3.50
CA PRO A 122 17.74 4.47 4.15
C PRO A 122 17.70 4.38 5.67
N SER A 123 18.77 3.88 6.25
CA SER A 123 18.85 3.73 7.70
C SER A 123 19.13 5.08 8.37
N SER A 124 20.22 5.72 7.94
CA SER A 124 20.60 7.02 8.50
C SER A 124 19.48 8.03 8.32
N GLY A 125 18.87 8.05 7.14
CA GLY A 125 17.79 8.97 6.87
C GLY A 125 18.28 10.38 6.64
N GLY A 1 10.20 -11.97 13.32
CA GLY A 1 11.27 -12.93 13.48
C GLY A 1 11.35 -13.93 12.34
N SER A 2 11.13 -13.45 11.12
CA SER A 2 11.17 -14.31 9.95
C SER A 2 12.34 -15.28 10.02
N SER A 3 12.10 -16.52 9.60
CA SER A 3 13.14 -17.55 9.63
C SER A 3 13.68 -17.80 8.23
N GLY A 4 14.89 -17.30 7.98
CA GLY A 4 15.51 -17.48 6.68
C GLY A 4 15.03 -16.46 5.66
N SER A 5 14.88 -15.21 6.10
CA SER A 5 14.41 -14.14 5.23
C SER A 5 13.37 -14.65 4.24
N SER A 6 12.43 -15.46 4.75
CA SER A 6 11.38 -16.01 3.92
C SER A 6 10.00 -15.76 4.53
N GLY A 7 9.01 -15.54 3.67
CA GLY A 7 7.66 -15.29 4.16
C GLY A 7 7.26 -13.84 4.02
N THR A 8 5.96 -13.60 3.90
CA THR A 8 5.45 -12.24 3.77
C THR A 8 5.06 -11.66 5.12
N LEU A 9 5.71 -10.58 5.50
CA LEU A 9 5.44 -9.92 6.78
C LEU A 9 3.95 -9.60 6.92
N ARG A 10 3.42 -8.85 5.96
CA ARG A 10 2.01 -8.49 5.98
C ARG A 10 1.37 -8.71 4.61
N GLU A 11 0.07 -8.99 4.61
CA GLU A 11 -0.65 -9.24 3.38
C GLU A 11 -2.11 -8.81 3.51
N GLY A 12 -2.82 -8.77 2.38
CA GLY A 12 -4.22 -8.38 2.39
C GLY A 12 -4.58 -7.46 1.23
N TRP A 13 -5.85 -7.46 0.86
CA TRP A 13 -6.31 -6.63 -0.24
C TRP A 13 -6.09 -5.15 0.06
N VAL A 14 -5.29 -4.49 -0.77
CA VAL A 14 -5.00 -3.08 -0.59
C VAL A 14 -5.11 -2.32 -1.90
N VAL A 15 -5.66 -1.11 -1.84
CA VAL A 15 -5.83 -0.27 -3.03
C VAL A 15 -4.87 0.91 -3.01
N HIS A 16 -4.34 1.25 -4.18
CA HIS A 16 -3.41 2.36 -4.30
C HIS A 16 -3.59 3.09 -5.63
N TYR A 17 -2.92 4.22 -5.78
CA TYR A 17 -3.00 5.02 -7.00
C TYR A 17 -1.98 6.14 -7.00
N SER A 18 -1.48 6.48 -8.19
CA SER A 18 -0.48 7.53 -8.33
C SER A 18 -1.15 8.85 -8.69
N ASN A 19 -0.34 9.91 -8.75
CA ASN A 19 -0.85 11.23 -9.08
C ASN A 19 -0.68 11.53 -10.56
N LYS A 20 -0.81 10.49 -11.38
CA LYS A 20 -0.68 10.63 -12.83
C LYS A 20 -1.89 10.02 -13.55
N ASP A 21 -2.25 8.81 -13.14
CA ASP A 21 -3.39 8.12 -13.74
C ASP A 21 -4.40 7.71 -12.67
N THR A 22 -4.09 8.02 -11.43
CA THR A 22 -4.98 7.68 -10.31
C THR A 22 -5.75 6.39 -10.60
N LEU A 23 -5.01 5.33 -10.91
CA LEU A 23 -5.63 4.04 -11.20
C LEU A 23 -5.91 3.27 -9.91
N ARG A 24 -6.98 3.68 -9.22
CA ARG A 24 -7.36 3.03 -7.97
C ARG A 24 -7.67 1.54 -8.20
N LYS A 25 -6.66 0.70 -8.01
CA LYS A 25 -6.83 -0.74 -8.20
C LYS A 25 -6.56 -1.49 -6.89
N ARG A 26 -7.52 -2.30 -6.48
CA ARG A 26 -7.39 -3.08 -5.24
C ARG A 26 -6.93 -4.50 -5.55
N HIS A 27 -5.92 -4.96 -4.81
CA HIS A 27 -5.38 -6.30 -5.00
C HIS A 27 -4.66 -6.79 -3.74
N TYR A 28 -4.57 -8.10 -3.59
CA TYR A 28 -3.91 -8.69 -2.44
C TYR A 28 -2.45 -8.23 -2.34
N TRP A 29 -2.21 -7.22 -1.52
CA TRP A 29 -0.87 -6.68 -1.35
C TRP A 29 -0.03 -7.60 -0.45
N ARG A 30 1.26 -7.66 -0.72
CA ARG A 30 2.17 -8.50 0.06
C ARG A 30 3.46 -7.76 0.38
N LEU A 31 3.79 -7.68 1.67
CA LEU A 31 5.00 -7.00 2.10
C LEU A 31 6.01 -7.99 2.68
N ASP A 32 7.28 -7.77 2.37
CA ASP A 32 8.35 -8.65 2.85
C ASP A 32 9.45 -7.83 3.51
N CYS A 33 10.52 -8.52 3.90
CA CYS A 33 11.65 -7.86 4.56
C CYS A 33 12.61 -7.28 3.52
N LYS A 34 12.16 -7.24 2.27
CA LYS A 34 12.98 -6.70 1.17
C LYS A 34 12.16 -5.77 0.29
N CYS A 35 10.99 -6.23 -0.12
CA CYS A 35 10.11 -5.44 -0.98
C CYS A 35 8.65 -5.84 -0.77
N ILE A 36 7.75 -5.10 -1.41
CA ILE A 36 6.32 -5.38 -1.31
C ILE A 36 5.76 -5.89 -2.63
N THR A 37 5.52 -7.19 -2.70
CA THR A 37 4.98 -7.81 -3.91
C THR A 37 3.47 -7.67 -3.96
N LEU A 38 2.94 -7.47 -5.17
CA LEU A 38 1.50 -7.33 -5.37
C LEU A 38 0.90 -8.58 -5.99
N PHE A 39 -0.34 -8.88 -5.63
CA PHE A 39 -1.03 -10.06 -6.15
C PHE A 39 -2.43 -9.69 -6.65
N GLN A 40 -2.57 -9.62 -7.96
CA GLN A 40 -3.86 -9.27 -8.57
C GLN A 40 -5.02 -9.82 -7.73
N ASN A 41 -4.90 -11.08 -7.33
CA ASN A 41 -5.93 -11.72 -6.52
C ASN A 41 -5.35 -12.86 -5.70
N ASN A 42 -5.91 -13.08 -4.51
CA ASN A 42 -5.44 -14.14 -3.62
C ASN A 42 -5.32 -15.45 -4.39
N THR A 43 -5.96 -15.54 -5.54
CA THR A 43 -5.93 -16.73 -6.36
C THR A 43 -5.37 -16.44 -7.75
N THR A 44 -4.31 -15.64 -7.79
CA THR A 44 -3.68 -15.28 -9.06
C THR A 44 -2.44 -16.13 -9.32
N ASN A 45 -2.19 -16.44 -10.59
CA ASN A 45 -1.04 -17.24 -10.98
C ASN A 45 0.26 -16.63 -10.44
N ARG A 46 0.60 -15.45 -10.93
CA ARG A 46 1.81 -14.76 -10.50
C ARG A 46 1.54 -13.27 -10.32
N TYR A 47 2.49 -12.58 -9.69
CA TYR A 47 2.36 -11.14 -9.45
C TYR A 47 2.46 -10.36 -10.76
N TYR A 48 1.99 -9.12 -10.74
CA TYR A 48 2.03 -8.27 -11.92
C TYR A 48 3.08 -7.17 -11.78
N LYS A 49 3.35 -6.79 -10.53
CA LYS A 49 4.34 -5.75 -10.26
C LYS A 49 4.89 -5.88 -8.84
N GLU A 50 6.06 -5.29 -8.60
CA GLU A 50 6.68 -5.35 -7.29
C GLU A 50 7.16 -3.97 -6.86
N ILE A 51 6.94 -3.63 -5.59
CA ILE A 51 7.35 -2.34 -5.06
C ILE A 51 8.61 -2.47 -4.19
N PRO A 52 9.78 -2.27 -4.81
CA PRO A 52 11.06 -2.36 -4.11
C PRO A 52 11.26 -1.22 -3.12
N LEU A 53 11.54 -1.58 -1.86
CA LEU A 53 11.75 -0.59 -0.81
C LEU A 53 12.80 0.44 -1.24
N SER A 54 13.68 0.04 -2.14
CA SER A 54 14.73 0.92 -2.64
C SER A 54 14.13 2.09 -3.42
N GLU A 55 13.13 1.80 -4.23
CA GLU A 55 12.47 2.83 -5.03
C GLU A 55 11.83 3.89 -4.14
N ILE A 56 11.17 3.44 -3.08
CA ILE A 56 10.52 4.34 -2.14
C ILE A 56 11.48 5.43 -1.67
N LEU A 57 11.04 6.68 -1.75
CA LEU A 57 11.86 7.81 -1.32
C LEU A 57 11.52 8.21 0.10
N THR A 58 10.23 8.30 0.40
CA THR A 58 9.77 8.68 1.73
C THR A 58 8.31 8.27 1.96
N VAL A 59 7.96 8.05 3.21
CA VAL A 59 6.59 7.66 3.56
C VAL A 59 5.93 8.69 4.46
N GLU A 60 4.79 9.22 4.01
CA GLU A 60 4.06 10.22 4.77
C GLU A 60 2.60 9.82 4.93
N SER A 61 1.89 10.53 5.80
CA SER A 61 0.49 10.25 6.06
C SER A 61 -0.41 11.06 5.13
N ALA A 62 -1.62 10.56 4.88
CA ALA A 62 -2.57 11.25 4.02
C ALA A 62 -2.76 12.69 4.44
N GLN A 63 -2.29 13.62 3.60
CA GLN A 63 -2.41 15.04 3.88
C GLN A 63 -2.90 15.81 2.66
N ASN A 64 -2.56 15.30 1.47
CA ASN A 64 -2.96 15.95 0.23
C ASN A 64 -4.10 15.18 -0.43
N PHE A 65 -5.24 15.83 -0.55
CA PHE A 65 -6.42 15.21 -1.17
C PHE A 65 -6.93 16.06 -2.33
N SER A 66 -6.01 16.62 -3.10
CA SER A 66 -6.37 17.46 -4.24
C SER A 66 -6.63 16.60 -5.47
N LEU A 67 -5.97 15.44 -5.54
CA LEU A 67 -6.13 14.54 -6.68
C LEU A 67 -7.56 14.01 -6.75
N VAL A 68 -7.92 13.15 -5.81
CA VAL A 68 -9.25 12.57 -5.76
C VAL A 68 -10.26 13.57 -5.19
N PRO A 69 -11.53 13.44 -5.62
CA PRO A 69 -12.62 14.32 -5.17
C PRO A 69 -12.98 14.08 -3.71
N PRO A 70 -13.82 14.96 -3.16
CA PRO A 70 -14.27 14.86 -1.77
C PRO A 70 -15.21 13.69 -1.54
N GLY A 71 -15.72 13.13 -2.64
CA GLY A 71 -16.63 12.00 -2.53
C GLY A 71 -15.91 10.66 -2.67
N THR A 72 -14.67 10.71 -3.15
CA THR A 72 -13.88 9.50 -3.34
C THR A 72 -13.02 9.20 -2.10
N ASN A 73 -13.36 8.12 -1.41
CA ASN A 73 -12.62 7.74 -0.21
C ASN A 73 -11.15 8.10 -0.33
N PRO A 74 -10.63 8.82 0.67
CA PRO A 74 -9.23 9.26 0.69
C PRO A 74 -8.26 8.09 0.91
N HIS A 75 -6.99 8.42 1.09
CA HIS A 75 -5.97 7.39 1.30
C HIS A 75 -5.47 7.41 2.75
N CYS A 76 -4.61 6.46 3.08
CA CYS A 76 -4.06 6.37 4.44
C CYS A 76 -2.66 6.97 4.50
N PHE A 77 -1.78 6.50 3.62
CA PHE A 77 -0.41 6.98 3.58
C PHE A 77 0.07 7.11 2.13
N GLU A 78 1.06 7.99 1.93
CA GLU A 78 1.61 8.21 0.59
C GLU A 78 3.05 7.72 0.52
N ILE A 79 3.33 6.89 -0.47
CA ILE A 79 4.68 6.35 -0.67
C ILE A 79 5.41 7.10 -1.77
N VAL A 80 5.94 8.27 -1.44
CA VAL A 80 6.67 9.07 -2.41
C VAL A 80 7.74 8.25 -3.11
N THR A 81 7.45 7.84 -4.34
CA THR A 81 8.38 7.04 -5.13
C THR A 81 9.15 7.91 -6.12
N ALA A 82 10.07 7.29 -6.84
CA ALA A 82 10.87 8.00 -7.83
C ALA A 82 10.12 8.14 -9.15
N ASN A 83 8.80 8.03 -9.09
CA ASN A 83 7.96 8.15 -10.28
C ASN A 83 6.75 9.03 -10.02
N ALA A 84 6.20 8.94 -8.81
CA ALA A 84 5.04 9.74 -8.44
C ALA A 84 4.65 9.50 -6.99
N THR A 85 3.65 10.23 -6.52
CA THR A 85 3.18 10.09 -5.14
C THR A 85 2.11 9.02 -5.03
N TYR A 86 2.41 7.95 -4.31
CA TYR A 86 1.47 6.86 -4.13
C TYR A 86 0.38 7.22 -3.12
N PHE A 87 -0.79 6.62 -3.27
CA PHE A 87 -1.91 6.88 -2.38
C PHE A 87 -2.58 5.58 -1.94
N VAL A 88 -2.01 4.94 -0.93
CA VAL A 88 -2.56 3.68 -0.42
C VAL A 88 -3.52 3.93 0.74
N GLY A 89 -4.72 3.36 0.64
CA GLY A 89 -5.70 3.53 1.68
C GLY A 89 -6.87 2.59 1.53
N GLU A 90 -8.01 3.12 1.08
CA GLU A 90 -9.22 2.31 0.89
C GLU A 90 -9.88 2.63 -0.45
N MET A 91 -10.99 1.96 -0.72
CA MET A 91 -11.72 2.17 -1.97
C MET A 91 -12.94 3.06 -1.73
N PRO A 92 -13.28 3.87 -2.75
CA PRO A 92 -14.42 4.79 -2.68
C PRO A 92 -15.76 4.04 -2.68
N GLY A 93 -16.68 4.50 -1.85
CA GLY A 93 -17.99 3.88 -1.77
C GLY A 93 -18.27 3.29 -0.40
N GLY A 94 -19.27 3.84 0.28
CA GLY A 94 -19.63 3.36 1.60
C GLY A 94 -19.88 4.50 2.58
N THR A 95 -20.41 4.15 3.75
CA THR A 95 -20.70 5.15 4.78
C THR A 95 -20.40 4.61 6.17
N PRO A 96 -20.03 5.52 7.09
CA PRO A 96 -19.70 5.16 8.47
C PRO A 96 -20.93 4.71 9.26
N GLY A 97 -21.20 3.41 9.23
CA GLY A 97 -22.35 2.87 9.95
C GLY A 97 -22.44 1.36 9.85
N GLY A 98 -23.17 0.75 10.78
CA GLY A 98 -23.32 -0.70 10.77
C GLY A 98 -22.14 -1.40 11.41
N PRO A 99 -22.08 -2.73 11.22
CA PRO A 99 -21.00 -3.56 11.77
C PRO A 99 -19.67 -3.31 11.07
N SER A 100 -18.58 -3.40 11.83
CA SER A 100 -17.24 -3.16 11.28
C SER A 100 -17.11 -3.82 9.91
N GLY A 101 -16.17 -3.30 9.11
CA GLY A 101 -15.96 -3.85 7.78
C GLY A 101 -15.46 -2.81 6.80
N GLN A 102 -16.24 -1.74 6.64
CA GLN A 102 -15.86 -0.67 5.72
C GLN A 102 -14.58 0.02 6.18
N GLY A 103 -13.45 -0.53 5.77
CA GLY A 103 -12.17 0.04 6.16
C GLY A 103 -11.92 0.00 7.65
N ALA A 104 -10.66 0.00 8.05
CA ALA A 104 -10.30 -0.04 9.46
C ALA A 104 -8.79 0.07 9.64
N GLU A 105 -8.34 -0.06 10.89
CA GLU A 105 -6.92 0.03 11.20
C GLU A 105 -6.08 -0.64 10.11
N ALA A 106 -6.69 -1.58 9.39
CA ALA A 106 -6.01 -2.29 8.32
C ALA A 106 -5.01 -1.38 7.62
N ALA A 107 -5.49 -0.23 7.14
CA ALA A 107 -4.63 0.73 6.45
C ALA A 107 -3.49 1.19 7.35
N ARG A 108 -3.82 1.61 8.56
CA ARG A 108 -2.83 2.09 9.51
C ARG A 108 -1.72 1.06 9.68
N GLY A 109 -2.10 -0.21 9.82
CA GLY A 109 -1.13 -1.27 10.00
C GLY A 109 -0.06 -1.26 8.92
N TRP A 110 -0.47 -0.97 7.69
CA TRP A 110 0.45 -0.94 6.56
C TRP A 110 1.43 0.23 6.70
N GLU A 111 0.89 1.41 6.98
CA GLU A 111 1.73 2.60 7.14
C GLU A 111 2.98 2.29 7.95
N THR A 112 2.79 1.74 9.15
CA THR A 112 3.89 1.39 10.01
C THR A 112 4.70 0.22 9.45
N ALA A 113 4.00 -0.87 9.16
CA ALA A 113 4.65 -2.06 8.62
C ALA A 113 5.60 -1.70 7.49
N ILE A 114 5.05 -1.17 6.40
CA ILE A 114 5.86 -0.79 5.25
C ILE A 114 7.09 -0.01 5.68
N ARG A 115 6.91 0.96 6.57
CA ARG A 115 8.01 1.77 7.07
C ARG A 115 9.05 0.91 7.78
N GLN A 116 8.56 -0.07 8.54
CA GLN A 116 9.45 -0.97 9.27
C GLN A 116 10.35 -1.76 8.32
N ALA A 117 9.73 -2.37 7.31
CA ALA A 117 10.48 -3.15 6.33
C ALA A 117 11.45 -2.28 5.54
N LEU A 118 11.02 -1.05 5.26
CA LEU A 118 11.85 -0.11 4.52
C LEU A 118 13.04 0.35 5.37
N MET A 119 13.03 -0.01 6.65
CA MET A 119 14.11 0.36 7.56
C MET A 119 15.47 -0.02 6.97
N SER A 120 15.48 -1.04 6.12
CA SER A 120 16.71 -1.50 5.51
C SER A 120 17.20 -0.51 4.45
N GLY A 121 16.25 0.08 3.72
CA GLY A 121 16.60 1.03 2.68
C GLY A 121 17.55 0.46 1.65
N PRO A 122 18.80 0.93 1.67
CA PRO A 122 19.83 0.47 0.73
C PRO A 122 20.27 -0.97 1.00
N SER A 123 19.73 -1.90 0.23
CA SER A 123 20.05 -3.31 0.39
C SER A 123 21.29 -3.69 -0.42
N SER A 124 22.27 -4.28 0.25
CA SER A 124 23.51 -4.68 -0.40
C SER A 124 24.29 -5.66 0.46
N GLY A 125 24.87 -6.68 -0.17
CA GLY A 125 25.64 -7.67 0.56
C GLY A 125 26.50 -8.53 -0.35
N GLY A 1 9.40 -8.44 19.82
CA GLY A 1 8.44 -8.53 18.72
C GLY A 1 8.15 -9.97 18.33
N SER A 2 7.14 -10.15 17.49
CA SER A 2 6.76 -11.49 17.04
C SER A 2 6.76 -11.57 15.51
N SER A 3 7.78 -10.98 14.90
CA SER A 3 7.90 -10.97 13.45
C SER A 3 7.42 -12.29 12.86
N GLY A 4 7.81 -13.40 13.49
CA GLY A 4 7.41 -14.70 13.01
C GLY A 4 8.45 -15.35 12.12
N SER A 5 8.55 -16.67 12.19
CA SER A 5 9.52 -17.41 11.39
C SER A 5 8.94 -17.74 10.01
N SER A 6 8.26 -16.76 9.41
CA SER A 6 7.66 -16.95 8.10
C SER A 6 8.18 -15.91 7.11
N GLY A 7 7.90 -16.13 5.83
CA GLY A 7 8.34 -15.20 4.80
C GLY A 7 7.60 -13.88 4.86
N THR A 8 6.74 -13.64 3.88
CA THR A 8 5.97 -12.41 3.81
C THR A 8 5.61 -11.92 5.21
N LEU A 9 5.80 -10.63 5.45
CA LEU A 9 5.49 -10.04 6.75
C LEU A 9 4.00 -9.68 6.85
N ARG A 10 3.48 -9.10 5.77
CA ARG A 10 2.08 -8.71 5.73
C ARG A 10 1.44 -9.10 4.41
N GLU A 11 0.11 -9.24 4.40
CA GLU A 11 -0.61 -9.61 3.19
C GLU A 11 -2.10 -9.30 3.34
N GLY A 12 -2.70 -8.78 2.28
CA GLY A 12 -4.11 -8.44 2.30
C GLY A 12 -4.51 -7.51 1.18
N TRP A 13 -5.79 -7.51 0.85
CA TRP A 13 -6.31 -6.65 -0.22
C TRP A 13 -6.08 -5.18 0.10
N VAL A 14 -5.41 -4.48 -0.82
CA VAL A 14 -5.13 -3.06 -0.65
C VAL A 14 -5.21 -2.32 -1.96
N VAL A 15 -5.71 -1.08 -1.91
CA VAL A 15 -5.85 -0.25 -3.09
C VAL A 15 -4.95 0.98 -3.02
N HIS A 16 -4.46 1.42 -4.17
CA HIS A 16 -3.58 2.59 -4.24
C HIS A 16 -3.74 3.31 -5.58
N TYR A 17 -3.05 4.44 -5.72
CA TYR A 17 -3.12 5.22 -6.94
C TYR A 17 -2.05 6.31 -6.95
N SER A 18 -1.67 6.74 -8.15
CA SER A 18 -0.65 7.77 -8.30
C SER A 18 -1.28 9.15 -8.40
N ASN A 19 -0.44 10.17 -8.59
CA ASN A 19 -0.92 11.54 -8.70
C ASN A 19 -0.90 12.01 -10.16
N LYS A 20 -1.11 11.07 -11.08
CA LYS A 20 -1.10 11.38 -12.50
C LYS A 20 -2.46 11.04 -13.13
N ASP A 21 -2.95 9.83 -12.85
CA ASP A 21 -4.23 9.39 -13.38
C ASP A 21 -5.11 8.80 -12.29
N THR A 22 -4.56 8.73 -11.07
CA THR A 22 -5.29 8.19 -9.93
C THR A 22 -5.94 6.85 -10.29
N LEU A 23 -5.12 5.92 -10.78
CA LEU A 23 -5.61 4.60 -11.16
C LEU A 23 -5.86 3.74 -9.91
N ARG A 24 -6.92 4.07 -9.18
CA ARG A 24 -7.26 3.33 -7.97
C ARG A 24 -7.36 1.83 -8.26
N LYS A 25 -6.24 1.13 -8.06
CA LYS A 25 -6.20 -0.31 -8.29
C LYS A 25 -6.11 -1.06 -6.97
N ARG A 26 -6.97 -2.07 -6.82
CA ARG A 26 -6.99 -2.87 -5.60
C ARG A 26 -6.51 -4.29 -5.90
N HIS A 27 -5.69 -4.83 -4.98
CA HIS A 27 -5.15 -6.18 -5.15
C HIS A 27 -4.49 -6.64 -3.85
N TYR A 28 -4.35 -7.96 -3.71
CA TYR A 28 -3.73 -8.54 -2.52
C TYR A 28 -2.29 -8.08 -2.38
N TRP A 29 -2.09 -7.01 -1.62
CA TRP A 29 -0.76 -6.46 -1.39
C TRP A 29 0.06 -7.38 -0.49
N ARG A 30 1.33 -7.57 -0.85
CA ARG A 30 2.21 -8.42 -0.07
C ARG A 30 3.51 -7.69 0.28
N LEU A 31 3.82 -7.65 1.57
CA LEU A 31 5.03 -6.97 2.03
C LEU A 31 6.04 -7.98 2.58
N ASP A 32 7.32 -7.68 2.41
CA ASP A 32 8.39 -8.56 2.88
C ASP A 32 9.52 -7.75 3.52
N CYS A 33 10.59 -8.44 3.89
CA CYS A 33 11.74 -7.78 4.50
C CYS A 33 12.68 -7.23 3.43
N LYS A 34 12.24 -7.28 2.18
CA LYS A 34 13.04 -6.77 1.07
C LYS A 34 12.23 -5.80 0.22
N CYS A 35 11.04 -6.22 -0.19
CA CYS A 35 10.18 -5.38 -1.01
C CYS A 35 8.71 -5.76 -0.81
N ILE A 36 7.83 -4.99 -1.45
CA ILE A 36 6.39 -5.25 -1.33
C ILE A 36 5.83 -5.79 -2.64
N THR A 37 5.67 -7.11 -2.70
CA THR A 37 5.14 -7.76 -3.89
C THR A 37 3.62 -7.61 -3.97
N LEU A 38 3.11 -7.52 -5.20
CA LEU A 38 1.67 -7.37 -5.41
C LEU A 38 1.11 -8.58 -6.15
N PHE A 39 -0.19 -8.81 -6.00
CA PHE A 39 -0.86 -9.93 -6.65
C PHE A 39 -2.19 -9.50 -7.25
N GLN A 40 -2.26 -9.51 -8.58
CA GLN A 40 -3.48 -9.12 -9.27
C GLN A 40 -4.72 -9.65 -8.55
N ASN A 41 -4.66 -10.91 -8.14
CA ASN A 41 -5.77 -11.54 -7.44
C ASN A 41 -5.27 -12.56 -6.42
N ASN A 42 -5.86 -12.55 -5.23
CA ASN A 42 -5.47 -13.48 -4.18
C ASN A 42 -5.17 -14.86 -4.75
N THR A 43 -5.78 -15.16 -5.89
CA THR A 43 -5.59 -16.45 -6.54
C THR A 43 -4.96 -16.28 -7.92
N THR A 44 -3.77 -15.72 -7.95
CA THR A 44 -3.07 -15.50 -9.22
C THR A 44 -1.78 -16.33 -9.29
N ASN A 45 -1.61 -17.05 -10.40
CA ASN A 45 -0.43 -17.89 -10.59
C ASN A 45 0.82 -17.20 -10.04
N ARG A 46 1.20 -16.09 -10.65
CA ARG A 46 2.38 -15.34 -10.22
C ARG A 46 2.02 -13.90 -9.89
N TYR A 47 3.00 -13.14 -9.45
CA TYR A 47 2.79 -11.73 -9.10
C TYR A 47 2.64 -10.88 -10.35
N TYR A 48 2.07 -9.69 -10.18
CA TYR A 48 1.87 -8.77 -11.30
C TYR A 48 2.70 -7.50 -11.11
N LYS A 49 2.67 -6.96 -9.91
CA LYS A 49 3.42 -5.74 -9.59
C LYS A 49 4.35 -5.96 -8.41
N GLU A 50 5.40 -5.17 -8.32
CA GLU A 50 6.37 -5.28 -7.24
C GLU A 50 6.92 -3.90 -6.86
N ILE A 51 6.80 -3.55 -5.58
CA ILE A 51 7.28 -2.27 -5.10
C ILE A 51 8.50 -2.43 -4.21
N PRO A 52 9.70 -2.32 -4.81
CA PRO A 52 10.97 -2.47 -4.08
C PRO A 52 11.22 -1.31 -3.13
N LEU A 53 11.45 -1.63 -1.86
CA LEU A 53 11.71 -0.62 -0.85
C LEU A 53 12.73 0.40 -1.35
N SER A 54 13.54 0.00 -2.32
CA SER A 54 14.56 0.88 -2.88
C SER A 54 13.91 2.03 -3.65
N GLU A 55 12.89 1.71 -4.43
CA GLU A 55 12.19 2.73 -5.21
C GLU A 55 11.57 3.78 -4.31
N ILE A 56 10.99 3.34 -3.20
CA ILE A 56 10.37 4.25 -2.25
C ILE A 56 11.35 5.31 -1.77
N LEU A 57 10.95 6.57 -1.89
CA LEU A 57 11.80 7.68 -1.48
C LEU A 57 11.44 8.13 -0.07
N THR A 58 10.15 8.29 0.21
CA THR A 58 9.69 8.71 1.52
C THR A 58 8.29 8.17 1.80
N VAL A 59 7.92 8.14 3.08
CA VAL A 59 6.61 7.65 3.49
C VAL A 59 5.96 8.59 4.49
N GLU A 60 4.80 9.14 4.13
CA GLU A 60 4.08 10.05 5.01
C GLU A 60 2.61 9.67 5.11
N SER A 61 1.89 10.34 6.00
CA SER A 61 0.48 10.07 6.20
C SER A 61 -0.38 10.94 5.29
N ALA A 62 -1.54 10.43 4.89
CA ALA A 62 -2.45 11.16 4.02
C ALA A 62 -2.57 12.62 4.45
N GLN A 63 -2.10 13.53 3.61
CA GLN A 63 -2.16 14.95 3.91
C GLN A 63 -2.65 15.74 2.71
N ASN A 64 -2.32 15.26 1.51
CA ASN A 64 -2.73 15.93 0.28
C ASN A 64 -3.79 15.11 -0.45
N PHE A 65 -4.97 15.69 -0.62
CA PHE A 65 -6.06 15.01 -1.31
C PHE A 65 -6.66 15.91 -2.39
N SER A 66 -5.80 16.67 -3.07
CA SER A 66 -6.23 17.56 -4.13
C SER A 66 -6.60 16.78 -5.38
N LEU A 67 -5.98 15.63 -5.55
CA LEU A 67 -6.24 14.78 -6.72
C LEU A 67 -7.73 14.45 -6.82
N VAL A 68 -8.25 13.75 -5.83
CA VAL A 68 -9.66 13.37 -5.81
C VAL A 68 -10.51 14.49 -5.24
N PRO A 69 -11.80 14.52 -5.64
CA PRO A 69 -12.75 15.54 -5.19
C PRO A 69 -13.11 15.37 -3.72
N PRO A 70 -13.84 16.35 -3.17
CA PRO A 70 -14.27 16.33 -1.77
C PRO A 70 -15.33 15.28 -1.51
N GLY A 71 -15.01 14.33 -0.63
CA GLY A 71 -15.95 13.28 -0.29
C GLY A 71 -15.46 11.91 -0.72
N THR A 72 -14.45 11.89 -1.60
CA THR A 72 -13.89 10.64 -2.09
C THR A 72 -13.00 9.99 -1.03
N ASN A 73 -13.30 8.74 -0.71
CA ASN A 73 -12.52 8.00 0.28
C ASN A 73 -11.04 8.35 0.19
N PRO A 74 -10.52 9.02 1.23
CA PRO A 74 -9.11 9.44 1.29
C PRO A 74 -8.17 8.25 1.46
N HIS A 75 -6.87 8.54 1.52
CA HIS A 75 -5.87 7.50 1.70
C HIS A 75 -5.30 7.51 3.11
N CYS A 76 -4.54 6.48 3.44
CA CYS A 76 -3.94 6.37 4.77
C CYS A 76 -2.52 6.93 4.76
N PHE A 77 -1.69 6.42 3.86
CA PHE A 77 -0.31 6.87 3.75
C PHE A 77 0.12 6.98 2.29
N GLU A 78 1.11 7.83 2.03
CA GLU A 78 1.60 8.03 0.68
C GLU A 78 3.03 7.50 0.54
N ILE A 79 3.28 6.77 -0.54
CA ILE A 79 4.59 6.20 -0.79
C ILE A 79 5.31 6.94 -1.92
N VAL A 80 5.84 8.11 -1.60
CA VAL A 80 6.55 8.92 -2.58
C VAL A 80 7.63 8.11 -3.28
N THR A 81 7.36 7.71 -4.52
CA THR A 81 8.30 6.93 -5.30
C THR A 81 9.04 7.80 -6.31
N ALA A 82 9.93 7.19 -7.07
CA ALA A 82 10.71 7.91 -8.07
C ALA A 82 9.91 8.07 -9.36
N ASN A 83 8.63 7.69 -9.32
CA ASN A 83 7.77 7.79 -10.48
C ASN A 83 6.60 8.74 -10.22
N ALA A 84 6.07 8.69 -9.00
CA ALA A 84 4.96 9.55 -8.62
C ALA A 84 4.57 9.33 -7.16
N THR A 85 3.60 10.10 -6.69
CA THR A 85 3.13 9.99 -5.31
C THR A 85 2.03 8.94 -5.18
N TYR A 86 2.31 7.88 -4.44
CA TYR A 86 1.35 6.81 -4.24
C TYR A 86 0.32 7.19 -3.18
N PHE A 87 -0.90 6.67 -3.32
CA PHE A 87 -1.97 6.95 -2.36
C PHE A 87 -2.71 5.68 -1.99
N VAL A 88 -2.19 4.98 -0.97
CA VAL A 88 -2.80 3.74 -0.50
C VAL A 88 -3.92 4.02 0.49
N GLY A 89 -5.04 3.34 0.32
CA GLY A 89 -6.18 3.53 1.22
C GLY A 89 -7.41 2.76 0.77
N GLU A 90 -8.48 3.49 0.47
CA GLU A 90 -9.72 2.87 0.03
C GLU A 90 -10.13 3.39 -1.34
N MET A 91 -10.98 2.63 -2.02
CA MET A 91 -11.45 3.01 -3.35
C MET A 91 -12.66 3.93 -3.26
N PRO A 92 -12.89 4.74 -4.29
CA PRO A 92 -14.02 5.67 -4.36
C PRO A 92 -15.35 4.96 -4.50
N GLY A 93 -16.00 4.69 -3.37
CA GLY A 93 -17.28 4.00 -3.39
C GLY A 93 -17.14 2.50 -3.58
N GLY A 94 -17.80 1.75 -2.70
CA GLY A 94 -17.73 0.30 -2.78
C GLY A 94 -18.94 -0.37 -2.18
N THR A 95 -18.86 -1.70 -2.03
CA THR A 95 -19.97 -2.46 -1.46
C THR A 95 -20.22 -2.05 0.00
N PRO A 96 -21.48 -2.20 0.43
CA PRO A 96 -21.88 -1.84 1.80
C PRO A 96 -21.30 -2.80 2.83
N GLY A 97 -20.29 -2.33 3.56
CA GLY A 97 -19.66 -3.15 4.59
C GLY A 97 -19.06 -4.42 4.02
N GLY A 98 -18.47 -5.24 4.88
CA GLY A 98 -17.85 -6.47 4.44
C GLY A 98 -16.61 -6.82 5.22
N PRO A 99 -16.75 -7.73 6.20
CA PRO A 99 -15.63 -8.17 7.04
C PRO A 99 -14.62 -9.00 6.28
N SER A 100 -14.83 -9.14 4.98
CA SER A 100 -13.94 -9.92 4.13
C SER A 100 -12.58 -9.25 4.01
N GLY A 101 -12.58 -8.02 3.47
CA GLY A 101 -11.34 -7.28 3.31
C GLY A 101 -11.56 -5.78 3.28
N GLN A 102 -11.99 -5.22 4.41
CA GLN A 102 -12.24 -3.79 4.50
C GLN A 102 -12.29 -3.34 5.95
N GLY A 103 -11.73 -2.17 6.23
CA GLY A 103 -11.72 -1.65 7.58
C GLY A 103 -11.06 -0.29 7.67
N ALA A 104 -10.74 0.13 8.89
CA ALA A 104 -10.11 1.43 9.11
C ALA A 104 -8.66 1.26 9.58
N GLU A 105 -8.49 0.65 10.75
CA GLU A 105 -7.16 0.43 11.31
C GLU A 105 -6.29 -0.37 10.33
N ALA A 106 -6.91 -1.35 9.68
CA ALA A 106 -6.18 -2.19 8.73
C ALA A 106 -5.13 -1.38 7.96
N ALA A 107 -5.56 -0.26 7.38
CA ALA A 107 -4.66 0.60 6.62
C ALA A 107 -3.49 1.06 7.49
N ARG A 108 -3.80 1.59 8.66
CA ARG A 108 -2.76 2.06 9.58
C ARG A 108 -1.63 1.05 9.69
N GLY A 109 -1.99 -0.21 9.92
CA GLY A 109 -0.98 -1.25 10.04
C GLY A 109 0.06 -1.18 8.95
N TRP A 110 -0.40 -1.07 7.70
CA TRP A 110 0.50 -1.01 6.56
C TRP A 110 1.47 0.16 6.70
N GLU A 111 0.93 1.34 6.99
CA GLU A 111 1.74 2.54 7.16
C GLU A 111 3.00 2.24 7.97
N THR A 112 2.80 1.69 9.16
CA THR A 112 3.91 1.36 10.04
C THR A 112 4.73 0.19 9.48
N ALA A 113 4.06 -0.93 9.25
CA ALA A 113 4.72 -2.12 8.71
C ALA A 113 5.66 -1.76 7.57
N ILE A 114 5.10 -1.20 6.50
CA ILE A 114 5.89 -0.81 5.34
C ILE A 114 7.15 -0.06 5.76
N ARG A 115 6.98 0.96 6.60
CA ARG A 115 8.10 1.76 7.08
C ARG A 115 9.13 0.87 7.78
N GLN A 116 8.65 -0.08 8.57
CA GLN A 116 9.53 -0.98 9.30
C GLN A 116 10.41 -1.77 8.32
N ALA A 117 9.79 -2.36 7.31
CA ALA A 117 10.51 -3.14 6.31
C ALA A 117 11.48 -2.26 5.53
N LEU A 118 11.08 -1.03 5.27
CA LEU A 118 11.91 -0.09 4.52
C LEU A 118 13.10 0.37 5.36
N MET A 119 13.10 -0.02 6.64
CA MET A 119 14.19 0.34 7.54
C MET A 119 15.55 0.01 6.93
N SER A 120 15.56 -1.00 6.06
CA SER A 120 16.80 -1.42 5.40
C SER A 120 17.20 -0.43 4.32
N GLY A 121 16.20 0.11 3.62
CA GLY A 121 16.47 1.07 2.57
C GLY A 121 17.67 1.95 2.86
N PRO A 122 17.50 2.89 3.79
CA PRO A 122 18.57 3.82 4.19
C PRO A 122 19.69 3.11 4.95
N SER A 123 19.30 2.35 5.98
CA SER A 123 20.28 1.63 6.80
C SER A 123 19.58 0.76 7.83
N SER A 124 19.75 -0.56 7.68
CA SER A 124 19.13 -1.51 8.59
C SER A 124 19.14 -0.99 10.02
N GLY A 125 20.32 -0.58 10.48
CA GLY A 125 20.44 -0.05 11.84
C GLY A 125 21.86 0.36 12.17
N GLY A 1 20.23 -25.24 4.51
CA GLY A 1 19.44 -24.27 5.24
C GLY A 1 19.22 -23.00 4.45
N SER A 2 18.33 -23.07 3.46
CA SER A 2 18.02 -21.92 2.62
C SER A 2 16.54 -21.57 2.70
N SER A 3 15.70 -22.58 2.50
CA SER A 3 14.25 -22.38 2.54
C SER A 3 13.72 -22.57 3.96
N GLY A 4 12.45 -22.21 4.16
CA GLY A 4 11.84 -22.36 5.46
C GLY A 4 10.55 -21.57 5.59
N SER A 5 10.05 -21.45 6.81
CA SER A 5 8.81 -20.72 7.07
C SER A 5 8.74 -19.46 6.21
N SER A 6 7.52 -18.96 6.01
CA SER A 6 7.31 -17.76 5.22
C SER A 6 8.16 -16.60 5.74
N GLY A 7 8.06 -15.45 5.08
CA GLY A 7 8.83 -14.29 5.49
C GLY A 7 8.10 -12.99 5.20
N THR A 8 6.80 -13.09 4.93
CA THR A 8 6.00 -11.91 4.63
C THR A 8 5.58 -11.20 5.91
N LEU A 9 5.79 -9.89 5.95
CA LEU A 9 5.44 -9.08 7.11
C LEU A 9 3.94 -8.79 7.13
N ARG A 10 3.42 -8.33 5.99
CA ARG A 10 2.01 -8.00 5.88
C ARG A 10 1.44 -8.53 4.57
N GLU A 11 0.12 -8.72 4.53
CA GLU A 11 -0.56 -9.23 3.35
C GLU A 11 -2.06 -8.99 3.43
N GLY A 12 -2.65 -8.57 2.31
CA GLY A 12 -4.07 -8.30 2.27
C GLY A 12 -4.47 -7.39 1.14
N TRP A 13 -5.75 -7.39 0.80
CA TRP A 13 -6.26 -6.55 -0.29
C TRP A 13 -6.04 -5.06 0.03
N VAL A 14 -5.24 -4.40 -0.81
CA VAL A 14 -4.95 -2.99 -0.62
C VAL A 14 -4.98 -2.24 -1.95
N VAL A 15 -5.46 -1.01 -1.91
CA VAL A 15 -5.55 -0.19 -3.12
C VAL A 15 -4.49 0.92 -3.11
N HIS A 16 -4.18 1.44 -4.29
CA HIS A 16 -3.18 2.50 -4.41
C HIS A 16 -3.38 3.28 -5.71
N TYR A 17 -3.04 4.57 -5.68
CA TYR A 17 -3.19 5.43 -6.84
C TYR A 17 -2.19 6.58 -6.79
N SER A 18 -1.77 7.04 -7.97
CA SER A 18 -0.82 8.14 -8.07
C SER A 18 -1.54 9.47 -8.23
N ASN A 19 -0.76 10.53 -8.42
CA ASN A 19 -1.32 11.86 -8.60
C ASN A 19 -1.22 12.32 -10.05
N LYS A 20 -1.52 11.41 -10.97
CA LYS A 20 -1.46 11.71 -12.39
C LYS A 20 -2.71 11.20 -13.10
N ASP A 21 -3.07 9.95 -12.84
CA ASP A 21 -4.25 9.34 -13.45
C ASP A 21 -5.17 8.76 -12.39
N THR A 22 -4.68 8.67 -11.16
CA THR A 22 -5.46 8.13 -10.05
C THR A 22 -6.13 6.82 -10.44
N LEU A 23 -5.33 5.86 -10.91
CA LEU A 23 -5.85 4.57 -11.31
C LEU A 23 -5.91 3.61 -10.14
N ARG A 24 -6.61 4.00 -9.08
CA ARG A 24 -6.74 3.18 -7.89
C ARG A 24 -6.83 1.70 -8.27
N LYS A 25 -5.75 0.96 -8.01
CA LYS A 25 -5.69 -0.46 -8.32
C LYS A 25 -5.81 -1.29 -7.04
N ARG A 26 -6.86 -2.11 -6.97
CA ARG A 26 -7.08 -2.96 -5.81
C ARG A 26 -6.58 -4.38 -6.07
N HIS A 27 -5.74 -4.88 -5.17
CA HIS A 27 -5.18 -6.22 -5.30
C HIS A 27 -4.57 -6.69 -3.99
N TYR A 28 -4.31 -7.99 -3.89
CA TYR A 28 -3.73 -8.57 -2.68
C TYR A 28 -2.29 -8.10 -2.50
N TRP A 29 -2.11 -7.06 -1.69
CA TRP A 29 -0.78 -6.51 -1.43
C TRP A 29 0.01 -7.43 -0.51
N ARG A 30 1.31 -7.53 -0.75
CA ARG A 30 2.18 -8.38 0.06
C ARG A 30 3.48 -7.64 0.41
N LEU A 31 3.77 -7.57 1.70
CA LEU A 31 4.98 -6.90 2.16
C LEU A 31 5.97 -7.90 2.73
N ASP A 32 7.26 -7.66 2.49
CA ASP A 32 8.31 -8.54 2.98
C ASP A 32 9.44 -7.74 3.61
N CYS A 33 10.52 -8.42 3.99
CA CYS A 33 11.67 -7.77 4.60
C CYS A 33 12.62 -7.23 3.54
N LYS A 34 12.16 -7.22 2.29
CA LYS A 34 12.97 -6.73 1.19
C LYS A 34 12.16 -5.79 0.30
N CYS A 35 10.98 -6.24 -0.10
CA CYS A 35 10.10 -5.44 -0.96
C CYS A 35 8.64 -5.82 -0.74
N ILE A 36 7.74 -5.08 -1.39
CA ILE A 36 6.32 -5.34 -1.28
C ILE A 36 5.74 -5.90 -2.57
N THR A 37 5.51 -7.20 -2.58
CA THR A 37 4.96 -7.87 -3.76
C THR A 37 3.45 -7.69 -3.85
N LEU A 38 2.93 -7.69 -5.07
CA LEU A 38 1.50 -7.53 -5.29
C LEU A 38 0.92 -8.72 -6.07
N PHE A 39 -0.39 -8.88 -5.98
CA PHE A 39 -1.07 -9.98 -6.68
C PHE A 39 -2.43 -9.54 -7.20
N GLN A 40 -2.55 -9.44 -8.52
CA GLN A 40 -3.80 -9.03 -9.15
C GLN A 40 -5.00 -9.51 -8.34
N ASN A 41 -4.87 -10.70 -7.75
CA ASN A 41 -5.94 -11.27 -6.95
C ASN A 41 -5.43 -12.42 -6.08
N ASN A 42 -6.34 -13.07 -5.37
CA ASN A 42 -5.98 -14.18 -4.51
C ASN A 42 -5.79 -15.47 -5.31
N THR A 43 -6.55 -15.59 -6.40
CA THR A 43 -6.47 -16.76 -7.25
C THR A 43 -5.19 -16.75 -8.09
N THR A 44 -4.92 -15.62 -8.74
CA THR A 44 -3.73 -15.48 -9.56
C THR A 44 -2.54 -16.18 -8.94
N ASN A 45 -1.75 -16.87 -9.76
CA ASN A 45 -0.58 -17.58 -9.28
C ASN A 45 0.65 -16.67 -9.27
N ARG A 46 0.99 -16.15 -10.44
CA ARG A 46 2.15 -15.26 -10.58
C ARG A 46 1.87 -13.91 -9.92
N TYR A 47 2.93 -13.13 -9.74
CA TYR A 47 2.79 -11.81 -9.11
C TYR A 47 2.58 -10.73 -10.17
N TYR A 48 1.57 -9.90 -9.95
CA TYR A 48 1.25 -8.82 -10.88
C TYR A 48 2.40 -7.82 -10.97
N LYS A 49 2.75 -7.22 -9.83
CA LYS A 49 3.83 -6.25 -9.78
C LYS A 49 4.63 -6.40 -8.49
N GLU A 50 5.70 -5.62 -8.37
CA GLU A 50 6.55 -5.66 -7.18
C GLU A 50 7.09 -4.28 -6.84
N ILE A 51 6.84 -3.84 -5.62
CA ILE A 51 7.30 -2.53 -5.16
C ILE A 51 8.52 -2.66 -4.26
N PRO A 52 9.72 -2.55 -4.86
CA PRO A 52 10.99 -2.64 -4.12
C PRO A 52 11.21 -1.44 -3.20
N LEU A 53 11.45 -1.72 -1.93
CA LEU A 53 11.69 -0.68 -0.95
C LEU A 53 12.63 0.39 -1.50
N SER A 54 13.50 -0.02 -2.43
CA SER A 54 14.45 0.89 -3.04
C SER A 54 13.74 2.01 -3.80
N GLU A 55 12.71 1.63 -4.57
CA GLU A 55 11.94 2.60 -5.34
C GLU A 55 11.34 3.66 -4.43
N ILE A 56 10.90 3.25 -3.25
CA ILE A 56 10.30 4.16 -2.28
C ILE A 56 11.29 5.24 -1.86
N LEU A 57 10.85 6.49 -1.88
CA LEU A 57 11.69 7.61 -1.50
C LEU A 57 11.39 8.07 -0.07
N THR A 58 10.10 8.14 0.26
CA THR A 58 9.68 8.56 1.59
C THR A 58 8.22 8.18 1.85
N VAL A 59 7.88 8.02 3.12
CA VAL A 59 6.51 7.65 3.50
C VAL A 59 5.89 8.73 4.39
N GLU A 60 4.74 9.24 3.97
CA GLU A 60 4.04 10.28 4.73
C GLU A 60 2.58 9.88 4.96
N SER A 61 1.90 10.66 5.80
CA SER A 61 0.50 10.39 6.11
C SER A 61 -0.43 11.24 5.24
N ALA A 62 -1.54 10.65 4.83
CA ALA A 62 -2.51 11.35 3.99
C ALA A 62 -2.68 12.80 4.45
N GLN A 63 -2.26 13.73 3.61
CA GLN A 63 -2.38 15.15 3.93
C GLN A 63 -2.91 15.94 2.74
N ASN A 64 -2.61 15.46 1.53
CA ASN A 64 -3.05 16.12 0.31
C ASN A 64 -4.11 15.28 -0.40
N PHE A 65 -5.32 15.83 -0.49
CA PHE A 65 -6.43 15.12 -1.14
C PHE A 65 -6.96 15.93 -2.33
N SER A 66 -6.05 16.60 -3.03
CA SER A 66 -6.42 17.42 -4.19
C SER A 66 -6.55 16.55 -5.44
N LEU A 67 -6.99 15.31 -5.25
CA LEU A 67 -7.17 14.39 -6.37
C LEU A 67 -8.57 13.81 -6.37
N VAL A 68 -8.93 13.14 -5.28
CA VAL A 68 -10.25 12.53 -5.15
C VAL A 68 -11.30 13.56 -4.75
N PRO A 69 -12.54 13.35 -5.21
CA PRO A 69 -13.66 14.26 -4.90
C PRO A 69 -14.08 14.19 -3.44
N PRO A 70 -14.94 15.12 -3.02
CA PRO A 70 -15.44 15.19 -1.64
C PRO A 70 -16.38 14.04 -1.31
N GLY A 71 -15.93 13.14 -0.45
CA GLY A 71 -16.75 12.00 -0.07
C GLY A 71 -16.09 10.67 -0.41
N THR A 72 -15.25 10.68 -1.44
CA THR A 72 -14.56 9.46 -1.86
C THR A 72 -13.51 9.04 -0.85
N ASN A 73 -13.70 7.86 -0.27
CA ASN A 73 -12.76 7.35 0.73
C ASN A 73 -11.33 7.79 0.41
N PRO A 74 -10.77 8.64 1.28
CA PRO A 74 -9.41 9.16 1.13
C PRO A 74 -8.35 8.09 1.34
N HIS A 75 -7.08 8.49 1.30
CA HIS A 75 -5.98 7.56 1.50
C HIS A 75 -5.43 7.66 2.92
N CYS A 76 -4.71 6.63 3.35
CA CYS A 76 -4.13 6.60 4.68
C CYS A 76 -2.70 7.15 4.67
N PHE A 77 -1.86 6.56 3.83
CA PHE A 77 -0.47 7.00 3.72
C PHE A 77 -0.05 7.14 2.26
N GLU A 78 1.01 7.91 2.02
CA GLU A 78 1.51 8.12 0.67
C GLU A 78 2.93 7.59 0.52
N ILE A 79 3.14 6.78 -0.52
CA ILE A 79 4.46 6.20 -0.77
C ILE A 79 5.17 6.94 -1.89
N VAL A 80 5.77 8.08 -1.57
CA VAL A 80 6.48 8.89 -2.55
C VAL A 80 7.57 8.07 -3.24
N THR A 81 7.32 7.71 -4.50
CA THR A 81 8.27 6.92 -5.28
C THR A 81 8.98 7.78 -6.32
N ALA A 82 9.87 7.15 -7.08
CA ALA A 82 10.61 7.87 -8.12
C ALA A 82 9.81 7.94 -9.41
N ASN A 83 8.49 7.85 -9.29
CA ASN A 83 7.62 7.90 -10.46
C ASN A 83 6.41 8.81 -10.19
N ALA A 84 5.87 8.72 -8.98
CA ALA A 84 4.73 9.54 -8.60
C ALA A 84 4.32 9.27 -7.15
N THR A 85 3.63 10.23 -6.55
CA THR A 85 3.19 10.10 -5.17
C THR A 85 2.05 9.10 -5.04
N TYR A 86 2.28 8.05 -4.26
CA TYR A 86 1.27 7.01 -4.06
C TYR A 86 0.25 7.44 -3.01
N PHE A 87 -0.96 6.90 -3.12
CA PHE A 87 -2.03 7.22 -2.17
C PHE A 87 -2.76 5.97 -1.73
N VAL A 88 -2.16 5.22 -0.81
CA VAL A 88 -2.75 4.00 -0.30
C VAL A 88 -3.62 4.28 0.92
N GLY A 89 -4.75 3.58 1.01
CA GLY A 89 -5.66 3.77 2.13
C GLY A 89 -6.89 2.89 2.03
N GLU A 90 -8.06 3.52 2.00
CA GLU A 90 -9.31 2.79 1.90
C GLU A 90 -9.76 2.64 0.45
N MET A 91 -10.56 1.62 0.19
CA MET A 91 -11.05 1.35 -1.17
C MET A 91 -12.15 2.35 -1.55
N PRO A 92 -12.22 2.69 -2.85
CA PRO A 92 -13.22 3.63 -3.36
C PRO A 92 -14.63 3.05 -3.33
N GLY A 93 -15.54 3.74 -2.63
CA GLY A 93 -16.91 3.27 -2.54
C GLY A 93 -17.32 2.98 -1.12
N GLY A 94 -18.16 3.85 -0.55
CA GLY A 94 -18.62 3.66 0.82
C GLY A 94 -19.00 4.97 1.48
N THR A 95 -20.00 4.91 2.34
CA THR A 95 -20.47 6.10 3.05
C THR A 95 -19.97 6.12 4.49
N PRO A 96 -19.79 7.32 5.05
CA PRO A 96 -19.32 7.51 6.42
C PRO A 96 -20.35 7.07 7.46
N GLY A 97 -19.87 6.53 8.57
CA GLY A 97 -20.78 6.08 9.62
C GLY A 97 -20.05 5.28 10.69
N GLY A 98 -19.71 5.93 11.79
CA GLY A 98 -19.02 5.26 12.88
C GLY A 98 -17.53 5.15 12.62
N PRO A 99 -16.73 5.41 13.67
CA PRO A 99 -15.27 5.36 13.59
C PRO A 99 -14.76 3.92 13.44
N SER A 100 -13.62 3.77 12.76
CA SER A 100 -13.03 2.45 12.54
C SER A 100 -13.90 1.62 11.60
N GLY A 101 -14.36 2.25 10.52
CA GLY A 101 -15.20 1.55 9.56
C GLY A 101 -14.44 0.47 8.81
N GLN A 102 -15.00 0.01 7.71
CA GLN A 102 -14.37 -1.02 6.89
C GLN A 102 -13.30 -0.42 5.99
N GLY A 103 -12.06 -0.43 6.47
CA GLY A 103 -10.96 0.12 5.69
C GLY A 103 -10.30 1.29 6.37
N ALA A 104 -9.94 1.12 7.64
CA ALA A 104 -9.29 2.18 8.40
C ALA A 104 -8.10 1.63 9.19
N GLU A 105 -8.37 0.70 10.09
CA GLU A 105 -7.32 0.10 10.92
C GLU A 105 -6.45 -0.83 10.08
N ALA A 106 -7.09 -1.62 9.22
CA ALA A 106 -6.37 -2.56 8.36
C ALA A 106 -5.20 -1.89 7.67
N ALA A 107 -5.41 -0.67 7.19
CA ALA A 107 -4.36 0.08 6.51
C ALA A 107 -3.31 0.57 7.50
N ARG A 108 -3.75 1.06 8.65
CA ARG A 108 -2.84 1.56 9.67
C ARG A 108 -1.63 0.64 9.81
N GLY A 109 -1.88 -0.66 9.77
CA GLY A 109 -0.80 -1.63 9.89
C GLY A 109 0.20 -1.52 8.76
N TRP A 110 -0.28 -1.23 7.57
CA TRP A 110 0.59 -1.10 6.40
C TRP A 110 1.50 0.11 6.53
N GLU A 111 0.90 1.26 6.88
CA GLU A 111 1.66 2.49 7.04
C GLU A 111 2.93 2.25 7.86
N THR A 112 2.75 1.65 9.04
CA THR A 112 3.88 1.37 9.92
C THR A 112 4.73 0.23 9.37
N ALA A 113 4.09 -0.90 9.10
CA ALA A 113 4.80 -2.07 8.58
C ALA A 113 5.73 -1.67 7.43
N ILE A 114 5.15 -1.13 6.36
CA ILE A 114 5.93 -0.72 5.20
C ILE A 114 7.15 0.09 5.62
N ARG A 115 6.94 1.08 6.48
CA ARG A 115 8.03 1.92 6.96
C ARG A 115 9.09 1.09 7.67
N GLN A 116 8.64 0.14 8.48
CA GLN A 116 9.55 -0.73 9.22
C GLN A 116 10.42 -1.54 8.27
N ALA A 117 9.78 -2.20 7.31
CA ALA A 117 10.49 -3.02 6.34
C ALA A 117 11.45 -2.16 5.51
N LEU A 118 11.01 -0.96 5.16
CA LEU A 118 11.83 -0.05 4.36
C LEU A 118 13.02 0.45 5.17
N MET A 119 13.03 0.15 6.46
CA MET A 119 14.11 0.56 7.34
C MET A 119 15.47 0.18 6.76
N SER A 120 15.48 -0.87 5.95
CA SER A 120 16.72 -1.35 5.33
C SER A 120 17.11 -0.43 4.17
N GLY A 121 16.12 0.03 3.42
CA GLY A 121 16.38 0.89 2.29
C GLY A 121 17.57 1.81 2.53
N PRO A 122 17.45 2.68 3.54
CA PRO A 122 18.51 3.63 3.89
C PRO A 122 19.73 2.94 4.48
N SER A 123 19.51 2.10 5.49
CA SER A 123 20.59 1.38 6.14
C SER A 123 20.05 0.28 7.05
N SER A 124 20.68 -0.89 6.99
CA SER A 124 20.24 -2.02 7.82
C SER A 124 20.31 -1.67 9.31
N GLY A 125 19.14 -1.60 9.95
CA GLY A 125 19.09 -1.27 11.36
C GLY A 125 19.46 -2.45 12.23
N GLY A 1 15.64 -9.40 16.01
CA GLY A 1 15.29 -10.56 16.81
C GLY A 1 14.98 -11.78 15.95
N SER A 2 15.30 -12.96 16.48
CA SER A 2 15.06 -14.20 15.75
C SER A 2 13.61 -14.66 15.94
N SER A 3 12.68 -13.72 15.87
CA SER A 3 11.26 -14.03 16.03
C SER A 3 10.43 -13.32 14.97
N GLY A 4 9.29 -13.90 14.63
CA GLY A 4 8.41 -13.30 13.64
C GLY A 4 9.06 -13.21 12.28
N SER A 5 9.58 -14.32 11.79
CA SER A 5 10.24 -14.35 10.49
C SER A 5 9.66 -15.44 9.60
N SER A 6 8.49 -15.16 9.02
CA SER A 6 7.82 -16.11 8.15
C SER A 6 7.52 -15.49 6.79
N GLY A 7 8.51 -15.46 5.91
CA GLY A 7 8.33 -14.89 4.59
C GLY A 7 7.54 -13.60 4.62
N THR A 8 6.54 -13.50 3.75
CA THR A 8 5.70 -12.31 3.69
C THR A 8 5.36 -11.81 5.08
N LEU A 9 5.76 -10.57 5.36
CA LEU A 9 5.49 -9.96 6.66
C LEU A 9 4.02 -9.58 6.80
N ARG A 10 3.44 -9.06 5.71
CA ARG A 10 2.04 -8.67 5.71
C ARG A 10 1.36 -9.12 4.42
N GLU A 11 0.03 -9.25 4.47
CA GLU A 11 -0.74 -9.67 3.30
C GLU A 11 -2.22 -9.31 3.48
N GLY A 12 -2.79 -8.69 2.45
CA GLY A 12 -4.19 -8.31 2.50
C GLY A 12 -4.60 -7.42 1.34
N TRP A 13 -5.89 -7.39 1.06
CA TRP A 13 -6.41 -6.57 -0.05
C TRP A 13 -6.18 -5.09 0.22
N VAL A 14 -5.41 -4.44 -0.63
CA VAL A 14 -5.13 -3.02 -0.49
C VAL A 14 -5.16 -2.31 -1.84
N VAL A 15 -5.55 -1.05 -1.83
CA VAL A 15 -5.63 -0.26 -3.05
C VAL A 15 -4.67 0.93 -2.99
N HIS A 16 -4.16 1.33 -4.15
CA HIS A 16 -3.24 2.46 -4.24
C HIS A 16 -3.37 3.17 -5.59
N TYR A 17 -2.74 4.33 -5.70
CA TYR A 17 -2.79 5.11 -6.94
C TYR A 17 -1.80 6.28 -6.87
N SER A 18 -1.26 6.63 -8.04
CA SER A 18 -0.30 7.74 -8.12
C SER A 18 -1.00 9.04 -8.52
N ASN A 19 -0.25 10.13 -8.51
CA ASN A 19 -0.80 11.44 -8.88
C ASN A 19 -0.54 11.74 -10.34
N LYS A 20 -0.65 10.72 -11.19
CA LYS A 20 -0.42 10.88 -12.62
C LYS A 20 -1.56 10.26 -13.43
N ASP A 21 -2.04 9.11 -12.96
CA ASP A 21 -3.13 8.41 -13.63
C ASP A 21 -4.29 8.15 -12.67
N THR A 22 -3.98 8.13 -11.38
CA THR A 22 -4.99 7.88 -10.36
C THR A 22 -5.83 6.66 -10.70
N LEU A 23 -5.15 5.55 -10.99
CA LEU A 23 -5.84 4.31 -11.33
C LEU A 23 -5.99 3.41 -10.11
N ARG A 24 -6.71 3.91 -9.11
CA ARG A 24 -6.93 3.15 -7.87
C ARG A 24 -7.28 1.70 -8.18
N LYS A 25 -6.33 0.80 -7.96
CA LYS A 25 -6.54 -0.62 -8.22
C LYS A 25 -6.31 -1.44 -6.95
N ARG A 26 -7.31 -2.24 -6.59
CA ARG A 26 -7.20 -3.08 -5.40
C ARG A 26 -6.66 -4.47 -5.75
N HIS A 27 -5.80 -4.99 -4.88
CA HIS A 27 -5.19 -6.30 -5.10
C HIS A 27 -4.49 -6.78 -3.83
N TYR A 28 -4.23 -8.09 -3.76
CA TYR A 28 -3.57 -8.67 -2.61
C TYR A 28 -2.15 -8.13 -2.46
N TRP A 29 -1.98 -7.18 -1.56
CA TRP A 29 -0.67 -6.57 -1.32
C TRP A 29 0.17 -7.45 -0.39
N ARG A 30 1.39 -7.76 -0.82
CA ARG A 30 2.29 -8.59 -0.03
C ARG A 30 3.58 -7.83 0.29
N LEU A 31 3.91 -7.75 1.57
CA LEU A 31 5.11 -7.06 2.02
C LEU A 31 6.15 -8.06 2.51
N ASP A 32 7.42 -7.72 2.28
CA ASP A 32 8.53 -8.59 2.71
C ASP A 32 9.66 -7.76 3.31
N CYS A 33 10.76 -8.43 3.63
CA CYS A 33 11.92 -7.77 4.21
C CYS A 33 12.82 -7.19 3.12
N LYS A 34 12.34 -7.21 1.88
CA LYS A 34 13.08 -6.70 0.76
C LYS A 34 12.25 -5.72 -0.07
N CYS A 35 11.04 -6.14 -0.41
CA CYS A 35 10.13 -5.30 -1.18
C CYS A 35 8.68 -5.66 -0.91
N ILE A 36 7.76 -4.91 -1.52
CA ILE A 36 6.34 -5.16 -1.34
C ILE A 36 5.69 -5.64 -2.63
N THR A 37 5.56 -6.96 -2.76
CA THR A 37 4.97 -7.55 -3.95
C THR A 37 3.47 -7.26 -4.01
N LEU A 38 2.93 -7.28 -5.23
CA LEU A 38 1.50 -7.01 -5.42
C LEU A 38 0.86 -8.11 -6.27
N PHE A 39 0.06 -8.95 -5.63
CA PHE A 39 -0.63 -10.03 -6.33
C PHE A 39 -2.03 -9.60 -6.77
N GLN A 40 -2.19 -9.40 -8.08
CA GLN A 40 -3.47 -9.00 -8.63
C GLN A 40 -4.63 -9.56 -7.80
N ASN A 41 -4.71 -10.88 -7.72
CA ASN A 41 -5.76 -11.54 -6.97
C ASN A 41 -5.18 -12.36 -5.82
N ASN A 42 -6.04 -13.09 -5.12
CA ASN A 42 -5.61 -13.92 -4.00
C ASN A 42 -5.15 -15.30 -4.49
N THR A 43 -5.84 -15.82 -5.49
CA THR A 43 -5.50 -17.12 -6.05
C THR A 43 -4.62 -16.98 -7.28
N THR A 44 -3.70 -16.02 -7.25
CA THR A 44 -2.81 -15.77 -8.36
C THR A 44 -1.38 -16.22 -8.03
N ASN A 45 -0.79 -16.99 -8.94
CA ASN A 45 0.58 -17.48 -8.74
C ASN A 45 1.60 -16.42 -9.09
N ARG A 46 1.63 -16.04 -10.37
CA ARG A 46 2.57 -15.02 -10.83
C ARG A 46 2.12 -13.62 -10.39
N TYR A 47 3.00 -12.92 -9.69
CA TYR A 47 2.70 -11.58 -9.20
C TYR A 47 2.36 -10.65 -10.36
N TYR A 48 1.84 -9.47 -10.04
CA TYR A 48 1.48 -8.49 -11.05
C TYR A 48 2.35 -7.24 -10.94
N LYS A 49 2.53 -6.75 -9.73
CA LYS A 49 3.35 -5.57 -9.49
C LYS A 49 4.33 -5.81 -8.34
N GLU A 50 5.41 -5.05 -8.34
CA GLU A 50 6.42 -5.17 -7.30
C GLU A 50 6.98 -3.81 -6.90
N ILE A 51 6.83 -3.47 -5.62
CA ILE A 51 7.31 -2.19 -5.11
C ILE A 51 8.54 -2.37 -4.23
N PRO A 52 9.72 -2.21 -4.84
CA PRO A 52 11.00 -2.35 -4.13
C PRO A 52 11.24 -1.22 -3.14
N LEU A 53 11.52 -1.58 -1.89
CA LEU A 53 11.78 -0.59 -0.85
C LEU A 53 12.80 0.43 -1.30
N SER A 54 13.66 0.03 -2.24
CA SER A 54 14.69 0.92 -2.77
C SER A 54 14.07 2.09 -3.53
N GLU A 55 13.03 1.78 -4.31
CA GLU A 55 12.35 2.81 -5.09
C GLU A 55 11.70 3.86 -4.18
N ILE A 56 11.07 3.40 -3.11
CA ILE A 56 10.42 4.28 -2.17
C ILE A 56 11.39 5.37 -1.68
N LEU A 57 10.95 6.62 -1.74
CA LEU A 57 11.77 7.74 -1.30
C LEU A 57 11.41 8.15 0.13
N THR A 58 10.11 8.28 0.39
CA THR A 58 9.64 8.67 1.72
C THR A 58 8.21 8.21 1.94
N VAL A 59 7.83 8.08 3.20
CA VAL A 59 6.48 7.65 3.56
C VAL A 59 5.80 8.67 4.46
N GLU A 60 4.74 9.28 3.95
CA GLU A 60 3.99 10.28 4.71
C GLU A 60 2.55 9.83 4.91
N SER A 61 1.84 10.53 5.80
CA SER A 61 0.44 10.21 6.09
C SER A 61 -0.50 11.00 5.19
N ALA A 62 -1.62 10.38 4.83
CA ALA A 62 -2.61 11.02 3.97
C ALA A 62 -2.88 12.45 4.41
N GLN A 63 -2.50 13.41 3.57
CA GLN A 63 -2.71 14.83 3.89
C GLN A 63 -3.28 15.57 2.69
N ASN A 64 -2.92 15.11 1.49
CA ASN A 64 -3.38 15.75 0.26
C ASN A 64 -4.51 14.92 -0.38
N PHE A 65 -5.71 15.49 -0.41
CA PHE A 65 -6.86 14.81 -0.99
C PHE A 65 -7.50 15.66 -2.08
N SER A 66 -6.66 16.32 -2.88
CA SER A 66 -7.13 17.16 -3.96
C SER A 66 -7.31 16.35 -5.24
N LEU A 67 -6.50 15.32 -5.40
CA LEU A 67 -6.57 14.46 -6.58
C LEU A 67 -7.95 13.86 -6.73
N VAL A 68 -8.33 13.00 -5.79
CA VAL A 68 -9.64 12.36 -5.82
C VAL A 68 -10.76 13.37 -5.54
N PRO A 69 -11.95 13.09 -6.11
CA PRO A 69 -13.11 13.96 -5.94
C PRO A 69 -13.66 13.92 -4.52
N PRO A 70 -14.60 14.83 -4.22
CA PRO A 70 -15.23 14.91 -2.90
C PRO A 70 -16.15 13.73 -2.62
N GLY A 71 -15.75 12.90 -1.66
CA GLY A 71 -16.55 11.74 -1.31
C GLY A 71 -15.81 10.43 -1.54
N THR A 72 -14.88 10.45 -2.48
CA THR A 72 -14.11 9.26 -2.81
C THR A 72 -13.18 8.87 -1.66
N ASN A 73 -13.39 7.67 -1.13
CA ASN A 73 -12.57 7.18 -0.02
C ASN A 73 -11.14 7.68 -0.14
N PRO A 74 -10.67 8.36 0.92
CA PRO A 74 -9.31 8.91 0.97
C PRO A 74 -8.25 7.82 1.07
N HIS A 75 -7.04 8.22 1.45
CA HIS A 75 -5.93 7.27 1.58
C HIS A 75 -5.34 7.31 2.98
N CYS A 76 -4.59 6.28 3.33
CA CYS A 76 -3.97 6.19 4.65
C CYS A 76 -2.60 6.87 4.66
N PHE A 77 -1.74 6.46 3.73
CA PHE A 77 -0.40 7.03 3.63
C PHE A 77 0.04 7.13 2.17
N GLU A 78 1.05 7.95 1.92
CA GLU A 78 1.56 8.14 0.57
C GLU A 78 2.99 7.62 0.45
N ILE A 79 3.24 6.80 -0.56
CA ILE A 79 4.57 6.23 -0.79
C ILE A 79 5.33 7.00 -1.87
N VAL A 80 5.87 8.15 -1.49
CA VAL A 80 6.62 8.98 -2.43
C VAL A 80 7.70 8.18 -3.12
N THR A 81 7.43 7.74 -4.35
CA THR A 81 8.38 6.95 -5.12
C THR A 81 9.15 7.83 -6.10
N ALA A 82 10.08 7.23 -6.83
CA ALA A 82 10.88 7.95 -7.81
C ALA A 82 10.12 8.11 -9.13
N ASN A 83 8.81 7.91 -9.07
CA ASN A 83 7.97 8.03 -10.26
C ASN A 83 6.80 8.96 -10.01
N ALA A 84 6.22 8.87 -8.81
CA ALA A 84 5.09 9.71 -8.44
C ALA A 84 4.66 9.44 -7.00
N THR A 85 3.69 10.22 -6.53
CA THR A 85 3.18 10.07 -5.17
C THR A 85 2.06 9.04 -5.11
N TYR A 86 2.33 7.92 -4.47
CA TYR A 86 1.34 6.84 -4.35
C TYR A 86 0.27 7.21 -3.31
N PHE A 87 -0.91 6.62 -3.45
CA PHE A 87 -2.01 6.88 -2.53
C PHE A 87 -2.68 5.58 -2.10
N VAL A 88 -2.11 4.92 -1.10
CA VAL A 88 -2.67 3.67 -0.59
C VAL A 88 -3.80 3.92 0.39
N GLY A 89 -4.87 3.15 0.26
CA GLY A 89 -6.01 3.30 1.15
C GLY A 89 -7.16 2.41 0.76
N GLU A 90 -8.38 2.95 0.81
CA GLU A 90 -9.57 2.20 0.47
C GLU A 90 -10.00 2.47 -0.97
N MET A 91 -10.82 1.59 -1.52
CA MET A 91 -11.30 1.73 -2.89
C MET A 91 -12.81 1.92 -2.93
N PRO A 92 -13.31 2.59 -3.97
CA PRO A 92 -14.73 2.85 -4.15
C PRO A 92 -15.52 1.58 -4.47
N GLY A 93 -16.52 1.29 -3.64
CA GLY A 93 -17.34 0.11 -3.86
C GLY A 93 -17.95 -0.41 -2.57
N GLY A 94 -18.92 0.33 -2.05
CA GLY A 94 -19.58 -0.09 -0.82
C GLY A 94 -19.80 -1.58 -0.75
N THR A 95 -19.31 -2.20 0.32
CA THR A 95 -19.46 -3.64 0.51
C THR A 95 -20.77 -3.97 1.22
N PRO A 96 -21.28 -5.19 0.97
CA PRO A 96 -22.53 -5.65 1.57
C PRO A 96 -22.39 -5.92 3.07
N GLY A 97 -22.51 -4.87 3.88
CA GLY A 97 -22.40 -5.01 5.31
C GLY A 97 -23.54 -4.36 6.06
N GLY A 98 -23.22 -3.32 6.82
CA GLY A 98 -24.25 -2.62 7.57
C GLY A 98 -23.74 -1.34 8.22
N PRO A 99 -24.03 -1.17 9.51
CA PRO A 99 -23.60 0.01 10.27
C PRO A 99 -22.10 0.03 10.51
N SER A 100 -21.40 -0.95 9.94
CA SER A 100 -19.96 -1.04 10.11
C SER A 100 -19.27 -1.15 8.75
N GLY A 101 -18.27 -0.29 8.53
CA GLY A 101 -17.55 -0.30 7.28
C GLY A 101 -16.13 -0.83 7.42
N GLN A 102 -15.40 -0.88 6.32
CA GLN A 102 -14.03 -1.36 6.33
C GLN A 102 -13.11 -0.43 5.56
N GLY A 103 -11.84 -0.38 5.96
CA GLY A 103 -10.87 0.47 5.30
C GLY A 103 -10.51 1.68 6.14
N ALA A 104 -10.18 1.43 7.41
CA ALA A 104 -9.80 2.51 8.32
C ALA A 104 -8.56 2.13 9.13
N GLU A 105 -8.69 1.08 9.94
CA GLU A 105 -7.58 0.62 10.76
C GLU A 105 -6.61 -0.24 9.95
N ALA A 106 -7.14 -1.26 9.30
CA ALA A 106 -6.33 -2.15 8.49
C ALA A 106 -5.20 -1.40 7.80
N ALA A 107 -5.47 -0.15 7.42
CA ALA A 107 -4.48 0.68 6.75
C ALA A 107 -3.31 1.00 7.68
N ARG A 108 -3.63 1.60 8.83
CA ARG A 108 -2.62 1.98 9.81
C ARG A 108 -1.55 0.89 9.91
N GLY A 109 -1.99 -0.37 9.86
CA GLY A 109 -1.05 -1.48 9.94
C GLY A 109 0.05 -1.40 8.91
N TRP A 110 -0.34 -1.17 7.66
CA TRP A 110 0.63 -1.07 6.56
C TRP A 110 1.56 0.11 6.77
N GLU A 111 0.99 1.26 7.13
CA GLU A 111 1.77 2.46 7.35
C GLU A 111 3.05 2.14 8.12
N THR A 112 2.89 1.52 9.29
CA THR A 112 4.04 1.17 10.12
C THR A 112 4.82 0.01 9.51
N ALA A 113 4.12 -1.05 9.14
CA ALA A 113 4.75 -2.22 8.54
C ALA A 113 5.69 -1.81 7.41
N ILE A 114 5.13 -1.26 6.34
CA ILE A 114 5.92 -0.83 5.20
C ILE A 114 7.15 -0.03 5.64
N ARG A 115 6.93 0.94 6.52
CA ARG A 115 8.01 1.76 7.03
C ARG A 115 9.06 0.91 7.74
N GLN A 116 8.59 -0.08 8.50
CA GLN A 116 9.49 -0.96 9.23
C GLN A 116 10.38 -1.75 8.28
N ALA A 117 9.77 -2.39 7.29
CA ALA A 117 10.50 -3.18 6.31
C ALA A 117 11.47 -2.31 5.52
N LEU A 118 11.06 -1.08 5.24
CA LEU A 118 11.89 -0.14 4.50
C LEU A 118 13.07 0.33 5.33
N MET A 119 13.08 -0.05 6.61
CA MET A 119 14.15 0.33 7.52
C MET A 119 15.51 -0.05 6.94
N SER A 120 15.51 -0.96 5.96
CA SER A 120 16.75 -1.40 5.33
C SER A 120 17.15 -0.43 4.21
N GLY A 121 16.62 0.78 4.27
CA GLY A 121 16.94 1.77 3.26
C GLY A 121 18.34 2.34 3.43
N PRO A 122 18.76 3.17 2.47
CA PRO A 122 20.09 3.80 2.50
C PRO A 122 20.22 4.85 3.60
N SER A 123 19.18 4.95 4.44
CA SER A 123 19.18 5.91 5.53
C SER A 123 20.07 5.45 6.67
N SER A 124 21.30 5.05 6.33
CA SER A 124 22.25 4.57 7.33
C SER A 124 22.62 5.68 8.30
N GLY A 125 22.82 6.89 7.77
CA GLY A 125 23.17 8.02 8.61
C GLY A 125 24.36 8.78 8.08
N GLY A 1 14.39 -13.70 14.64
CA GLY A 1 15.50 -12.83 14.29
C GLY A 1 15.61 -12.59 12.80
N SER A 2 16.71 -11.99 12.36
CA SER A 2 16.93 -11.70 10.95
C SER A 2 17.80 -12.78 10.31
N SER A 3 17.54 -14.03 10.65
CA SER A 3 18.29 -15.15 10.11
C SER A 3 17.54 -15.82 8.96
N GLY A 4 16.94 -15.01 8.11
CA GLY A 4 16.20 -15.53 6.98
C GLY A 4 15.28 -16.67 7.37
N SER A 5 14.57 -16.50 8.48
CA SER A 5 13.65 -17.51 8.97
C SER A 5 12.21 -17.01 8.96
N SER A 6 11.84 -16.31 7.88
CA SER A 6 10.49 -15.77 7.75
C SER A 6 10.21 -15.39 6.30
N GLY A 7 8.93 -15.28 5.97
CA GLY A 7 8.54 -14.91 4.62
C GLY A 7 7.92 -13.52 4.54
N THR A 8 6.68 -13.46 4.07
CA THR A 8 5.98 -12.19 3.95
C THR A 8 5.61 -11.62 5.31
N LEU A 9 5.91 -10.34 5.52
CA LEU A 9 5.61 -9.68 6.78
C LEU A 9 4.15 -9.26 6.84
N ARG A 10 3.62 -8.79 5.71
CA ARG A 10 2.24 -8.34 5.64
C ARG A 10 1.57 -8.86 4.37
N GLU A 11 0.26 -9.05 4.44
CA GLU A 11 -0.49 -9.54 3.29
C GLU A 11 -1.99 -9.21 3.44
N GLY A 12 -2.60 -8.77 2.34
CA GLY A 12 -4.01 -8.43 2.37
C GLY A 12 -4.40 -7.51 1.23
N TRP A 13 -5.68 -7.54 0.87
CA TRP A 13 -6.18 -6.69 -0.21
C TRP A 13 -6.00 -5.21 0.12
N VAL A 14 -5.26 -4.51 -0.73
CA VAL A 14 -5.01 -3.09 -0.53
C VAL A 14 -5.07 -2.33 -1.85
N VAL A 15 -5.68 -1.15 -1.82
CA VAL A 15 -5.80 -0.32 -3.01
C VAL A 15 -4.89 0.90 -2.93
N HIS A 16 -4.36 1.31 -4.08
CA HIS A 16 -3.47 2.47 -4.14
C HIS A 16 -3.57 3.16 -5.50
N TYR A 17 -3.01 4.37 -5.59
CA TYR A 17 -3.04 5.12 -6.83
C TYR A 17 -2.03 6.27 -6.79
N SER A 18 -1.54 6.66 -7.96
CA SER A 18 -0.57 7.75 -8.05
C SER A 18 -1.26 9.08 -8.37
N ASN A 19 -0.47 10.14 -8.49
CA ASN A 19 -1.00 11.47 -8.79
C ASN A 19 -0.75 11.84 -10.24
N LYS A 20 -0.83 10.85 -11.13
CA LYS A 20 -0.61 11.08 -12.55
C LYS A 20 -1.76 10.52 -13.37
N ASP A 21 -2.19 9.31 -13.05
CA ASP A 21 -3.28 8.67 -13.76
C ASP A 21 -4.43 8.32 -12.80
N THR A 22 -4.15 8.37 -11.51
CA THR A 22 -5.14 8.06 -10.48
C THR A 22 -5.89 6.78 -10.83
N LEU A 23 -5.14 5.72 -11.11
CA LEU A 23 -5.73 4.44 -11.45
C LEU A 23 -5.78 3.52 -10.24
N ARG A 24 -6.72 3.79 -9.33
CA ARG A 24 -6.87 3.00 -8.12
C ARG A 24 -7.03 1.52 -8.46
N LYS A 25 -6.09 0.71 -7.96
CA LYS A 25 -6.12 -0.73 -8.22
C LYS A 25 -6.07 -1.51 -6.91
N ARG A 26 -7.04 -2.39 -6.70
CA ARG A 26 -7.10 -3.20 -5.50
C ARG A 26 -6.55 -4.61 -5.76
N HIS A 27 -5.62 -5.04 -4.93
CA HIS A 27 -5.01 -6.35 -5.06
C HIS A 27 -4.37 -6.80 -3.76
N TYR A 28 -4.23 -8.10 -3.59
CA TYR A 28 -3.62 -8.66 -2.38
C TYR A 28 -2.16 -8.23 -2.25
N TRP A 29 -1.94 -7.12 -1.56
CA TRP A 29 -0.58 -6.60 -1.37
C TRP A 29 0.24 -7.54 -0.49
N ARG A 30 1.54 -7.59 -0.74
CA ARG A 30 2.44 -8.45 0.03
C ARG A 30 3.74 -7.73 0.35
N LEU A 31 4.08 -7.67 1.64
CA LEU A 31 5.30 -7.00 2.07
C LEU A 31 6.30 -8.01 2.62
N ASP A 32 7.58 -7.72 2.43
CA ASP A 32 8.64 -8.60 2.91
C ASP A 32 9.78 -7.80 3.52
N CYS A 33 10.87 -8.48 3.84
CA CYS A 33 12.04 -7.83 4.43
C CYS A 33 12.97 -7.28 3.36
N LYS A 34 12.48 -7.26 2.12
CA LYS A 34 13.28 -6.76 1.00
C LYS A 34 12.45 -5.81 0.13
N CYS A 35 11.26 -6.24 -0.24
CA CYS A 35 10.37 -5.43 -1.07
C CYS A 35 8.91 -5.79 -0.83
N ILE A 36 8.01 -5.06 -1.47
CA ILE A 36 6.58 -5.30 -1.33
C ILE A 36 5.98 -5.82 -2.64
N THR A 37 5.77 -7.14 -2.70
CA THR A 37 5.21 -7.76 -3.89
C THR A 37 3.71 -7.50 -3.98
N LEU A 38 3.21 -7.34 -5.21
CA LEU A 38 1.80 -7.09 -5.43
C LEU A 38 1.15 -8.22 -6.22
N PHE A 39 0.07 -8.78 -5.70
CA PHE A 39 -0.64 -9.86 -6.36
C PHE A 39 -2.03 -9.43 -6.79
N GLN A 40 -2.20 -9.20 -8.09
CA GLN A 40 -3.49 -8.77 -8.64
C GLN A 40 -4.64 -9.39 -7.85
N ASN A 41 -4.53 -10.70 -7.58
CA ASN A 41 -5.57 -11.40 -6.85
C ASN A 41 -4.95 -12.38 -5.85
N ASN A 42 -5.80 -13.16 -5.18
CA ASN A 42 -5.34 -14.12 -4.19
C ASN A 42 -5.14 -15.49 -4.83
N THR A 43 -5.66 -15.65 -6.05
CA THR A 43 -5.54 -16.92 -6.76
C THR A 43 -4.82 -16.73 -8.09
N THR A 44 -4.73 -15.49 -8.54
CA THR A 44 -4.06 -15.17 -9.80
C THR A 44 -2.81 -16.02 -9.98
N ASN A 45 -2.59 -16.47 -11.22
CA ASN A 45 -1.43 -17.30 -11.53
C ASN A 45 -0.15 -16.64 -11.04
N ARG A 46 0.20 -15.50 -11.65
CA ARG A 46 1.40 -14.77 -11.27
C ARG A 46 1.04 -13.47 -10.53
N TYR A 47 2.06 -12.68 -10.22
CA TYR A 47 1.85 -11.43 -9.51
C TYR A 47 1.56 -10.29 -10.48
N TYR A 48 1.15 -9.14 -9.94
CA TYR A 48 0.84 -7.99 -10.76
C TYR A 48 2.05 -7.07 -10.91
N LYS A 49 2.63 -6.68 -9.79
CA LYS A 49 3.80 -5.81 -9.78
C LYS A 49 4.60 -5.98 -8.49
N GLU A 50 5.74 -5.29 -8.42
CA GLU A 50 6.59 -5.35 -7.24
C GLU A 50 7.11 -3.98 -6.86
N ILE A 51 6.92 -3.59 -5.61
CA ILE A 51 7.37 -2.29 -5.13
C ILE A 51 8.64 -2.43 -4.29
N PRO A 52 9.80 -2.25 -4.93
CA PRO A 52 11.10 -2.35 -4.27
C PRO A 52 11.35 -1.19 -3.30
N LEU A 53 11.58 -1.52 -2.04
CA LEU A 53 11.84 -0.52 -1.02
C LEU A 53 12.86 0.50 -1.50
N SER A 54 13.72 0.08 -2.42
CA SER A 54 14.75 0.96 -2.97
C SER A 54 14.12 2.11 -3.76
N GLU A 55 13.09 1.80 -4.53
CA GLU A 55 12.42 2.80 -5.34
C GLU A 55 11.79 3.87 -4.45
N ILE A 56 11.14 3.44 -3.37
CA ILE A 56 10.50 4.36 -2.44
C ILE A 56 11.47 5.45 -1.99
N LEU A 57 11.00 6.69 -2.02
CA LEU A 57 11.83 7.83 -1.61
C LEU A 57 11.51 8.25 -0.18
N THR A 58 10.21 8.32 0.13
CA THR A 58 9.77 8.71 1.47
C THR A 58 8.33 8.27 1.72
N VAL A 59 8.00 8.07 2.99
CA VAL A 59 6.66 7.66 3.37
C VAL A 59 6.00 8.68 4.28
N GLU A 60 4.82 9.16 3.87
CA GLU A 60 4.09 10.16 4.65
C GLU A 60 2.64 9.72 4.86
N SER A 61 1.92 10.46 5.69
CA SER A 61 0.53 10.16 5.97
C SER A 61 -0.40 10.98 5.08
N ALA A 62 -1.57 10.43 4.78
CA ALA A 62 -2.56 11.10 3.95
C ALA A 62 -2.74 12.55 4.39
N GLN A 63 -2.30 13.48 3.55
CA GLN A 63 -2.41 14.90 3.86
C GLN A 63 -2.93 15.68 2.66
N ASN A 64 -2.62 15.19 1.47
CA ASN A 64 -3.05 15.83 0.23
C ASN A 64 -4.12 15.01 -0.47
N PHE A 65 -5.29 15.63 -0.67
CA PHE A 65 -6.40 14.96 -1.33
C PHE A 65 -6.90 15.78 -2.51
N SER A 66 -5.98 16.42 -3.22
CA SER A 66 -6.33 17.24 -4.38
C SER A 66 -6.36 16.40 -5.65
N LEU A 67 -6.72 15.13 -5.50
CA LEU A 67 -6.78 14.21 -6.64
C LEU A 67 -8.16 13.54 -6.72
N VAL A 68 -8.50 12.78 -5.69
CA VAL A 68 -9.78 12.09 -5.64
C VAL A 68 -10.88 13.01 -5.13
N PRO A 69 -12.11 12.76 -5.58
CA PRO A 69 -13.28 13.56 -5.18
C PRO A 69 -13.66 13.32 -3.73
N PRO A 70 -14.58 14.15 -3.22
CA PRO A 70 -15.06 14.07 -1.83
C PRO A 70 -15.91 12.82 -1.59
N GLY A 71 -16.30 12.16 -2.68
CA GLY A 71 -17.11 10.96 -2.56
C GLY A 71 -16.29 9.69 -2.65
N THR A 72 -15.03 9.83 -3.08
CA THR A 72 -14.14 8.69 -3.22
C THR A 72 -13.27 8.52 -1.98
N ASN A 73 -13.49 7.43 -1.25
CA ASN A 73 -12.73 7.16 -0.04
C ASN A 73 -11.29 7.64 -0.18
N PRO A 74 -10.81 8.37 0.84
CA PRO A 74 -9.45 8.92 0.86
C PRO A 74 -8.39 7.81 1.01
N HIS A 75 -7.15 8.24 1.22
CA HIS A 75 -6.05 7.29 1.39
C HIS A 75 -5.51 7.33 2.81
N CYS A 76 -4.64 6.37 3.14
CA CYS A 76 -4.06 6.30 4.48
C CYS A 76 -2.66 6.91 4.49
N PHE A 77 -1.78 6.39 3.65
CA PHE A 77 -0.41 6.89 3.58
C PHE A 77 0.03 7.04 2.13
N GLU A 78 1.06 7.85 1.91
CA GLU A 78 1.58 8.08 0.57
C GLU A 78 3.02 7.59 0.45
N ILE A 79 3.29 6.82 -0.61
CA ILE A 79 4.63 6.29 -0.84
C ILE A 79 5.33 7.04 -1.96
N VAL A 80 5.88 8.21 -1.62
CA VAL A 80 6.60 9.02 -2.61
C VAL A 80 7.66 8.21 -3.33
N THR A 81 7.37 7.84 -4.58
CA THR A 81 8.30 7.06 -5.38
C THR A 81 9.01 7.93 -6.41
N ALA A 82 9.94 7.33 -7.14
CA ALA A 82 10.69 8.07 -8.16
C ALA A 82 9.86 8.22 -9.44
N ASN A 83 8.59 7.87 -9.36
CA ASN A 83 7.70 7.97 -10.51
C ASN A 83 6.54 8.91 -10.21
N ALA A 84 6.03 8.85 -9.00
CA ALA A 84 4.91 9.70 -8.58
C ALA A 84 4.56 9.48 -7.12
N THR A 85 3.55 10.19 -6.64
CA THR A 85 3.11 10.07 -5.25
C THR A 85 2.00 9.04 -5.12
N TYR A 86 2.30 7.93 -4.46
CA TYR A 86 1.33 6.86 -4.27
C TYR A 86 0.35 7.22 -3.16
N PHE A 87 -0.85 6.64 -3.23
CA PHE A 87 -1.89 6.90 -2.23
C PHE A 87 -2.56 5.60 -1.79
N VAL A 88 -1.98 4.97 -0.77
CA VAL A 88 -2.52 3.72 -0.25
C VAL A 88 -3.43 3.97 0.94
N GLY A 89 -4.63 3.38 0.90
CA GLY A 89 -5.58 3.55 1.98
C GLY A 89 -6.84 2.72 1.79
N GLU A 90 -7.83 3.29 1.12
CA GLU A 90 -9.08 2.59 0.87
C GLU A 90 -9.63 2.93 -0.52
N MET A 91 -10.51 2.08 -1.02
CA MET A 91 -11.11 2.29 -2.33
C MET A 91 -12.55 2.76 -2.20
N PRO A 92 -13.02 3.52 -3.20
CA PRO A 92 -14.38 4.05 -3.22
C PRO A 92 -15.43 2.96 -3.45
N GLY A 93 -16.48 2.98 -2.63
CA GLY A 93 -17.53 1.99 -2.75
C GLY A 93 -18.42 1.92 -1.53
N GLY A 94 -18.85 3.09 -1.06
CA GLY A 94 -19.71 3.14 0.11
C GLY A 94 -20.48 4.44 0.20
N THR A 95 -21.34 4.55 1.21
CA THR A 95 -22.16 5.74 1.40
C THR A 95 -22.02 6.27 2.82
N PRO A 96 -22.08 7.60 2.97
CA PRO A 96 -21.97 8.26 4.29
C PRO A 96 -23.20 8.02 5.16
N GLY A 97 -23.20 6.88 5.87
CA GLY A 97 -24.32 6.55 6.72
C GLY A 97 -23.89 5.78 7.95
N GLY A 98 -23.43 4.55 7.75
CA GLY A 98 -23.01 3.71 8.86
C GLY A 98 -22.73 2.28 8.44
N PRO A 99 -21.77 2.11 7.52
CA PRO A 99 -21.40 0.78 7.02
C PRO A 99 -20.67 -0.05 8.07
N SER A 100 -20.62 -1.37 7.84
CA SER A 100 -19.96 -2.27 8.77
C SER A 100 -18.82 -3.02 8.09
N GLY A 101 -17.90 -3.54 8.89
CA GLY A 101 -16.77 -4.28 8.34
C GLY A 101 -15.44 -3.66 8.71
N GLN A 102 -14.48 -4.51 9.07
CA GLN A 102 -13.15 -4.03 9.45
C GLN A 102 -12.38 -3.52 8.23
N GLY A 103 -12.65 -2.29 7.83
CA GLY A 103 -11.98 -1.71 6.68
C GLY A 103 -11.66 -0.24 6.87
N ALA A 104 -11.07 0.09 8.01
CA ALA A 104 -10.72 1.48 8.32
C ALA A 104 -9.31 1.57 8.88
N GLU A 105 -9.09 0.94 10.02
CA GLU A 105 -7.78 0.95 10.67
C GLU A 105 -6.82 -0.01 9.98
N ALA A 106 -7.36 -1.11 9.46
CA ALA A 106 -6.55 -2.10 8.77
C ALA A 106 -5.43 -1.44 7.98
N ALA A 107 -5.72 -0.28 7.41
CA ALA A 107 -4.73 0.45 6.63
C ALA A 107 -3.56 0.90 7.49
N ARG A 108 -3.87 1.56 8.61
CA ARG A 108 -2.85 2.04 9.53
C ARG A 108 -1.74 1.02 9.69
N GLY A 109 -2.11 -0.25 9.71
CA GLY A 109 -1.13 -1.31 9.86
C GLY A 109 -0.07 -1.28 8.78
N TRP A 110 -0.50 -1.12 7.54
CA TRP A 110 0.43 -1.07 6.41
C TRP A 110 1.39 0.10 6.55
N GLU A 111 0.86 1.26 6.91
CA GLU A 111 1.67 2.46 7.07
C GLU A 111 2.90 2.17 7.92
N THR A 112 2.67 1.56 9.09
CA THR A 112 3.77 1.23 10.00
C THR A 112 4.58 0.05 9.48
N ALA A 113 3.88 -0.99 9.04
CA ALA A 113 4.54 -2.19 8.52
C ALA A 113 5.51 -1.82 7.39
N ILE A 114 4.96 -1.31 6.29
CA ILE A 114 5.78 -0.92 5.14
C ILE A 114 7.01 -0.15 5.59
N ARG A 115 6.81 0.81 6.49
CA ARG A 115 7.91 1.62 6.99
C ARG A 115 8.92 0.76 7.75
N GLN A 116 8.41 -0.20 8.51
CA GLN A 116 9.27 -1.09 9.29
C GLN A 116 10.24 -1.84 8.38
N ALA A 117 9.69 -2.47 7.34
CA ALA A 117 10.51 -3.23 6.40
C ALA A 117 11.52 -2.32 5.70
N LEU A 118 11.12 -1.08 5.45
CA LEU A 118 12.00 -0.13 4.79
C LEU A 118 13.09 0.37 5.74
N MET A 119 12.97 -0.01 7.00
CA MET A 119 13.95 0.40 8.01
C MET A 119 15.36 0.06 7.56
N SER A 120 15.49 -0.97 6.73
CA SER A 120 16.79 -1.39 6.22
C SER A 120 17.11 -0.71 4.90
N GLY A 121 16.10 -0.58 4.04
CA GLY A 121 16.28 0.06 2.75
C GLY A 121 17.60 -0.36 2.09
N PRO A 122 17.58 -1.49 1.40
CA PRO A 122 18.77 -2.02 0.71
C PRO A 122 19.15 -1.17 -0.50
N SER A 123 18.41 -0.09 -0.73
CA SER A 123 18.67 0.80 -1.85
C SER A 123 20.16 0.90 -2.13
N SER A 124 20.93 1.10 -1.05
CA SER A 124 22.39 1.23 -1.18
C SER A 124 23.09 0.12 -0.40
N GLY A 125 23.93 -0.64 -1.09
CA GLY A 125 24.66 -1.72 -0.45
C GLY A 125 25.75 -2.30 -1.33
N GLY A 1 13.98 -10.50 16.82
CA GLY A 1 14.07 -11.95 16.76
C GLY A 1 13.97 -12.49 15.35
N SER A 2 12.79 -13.03 15.02
CA SER A 2 12.56 -13.59 13.70
C SER A 2 11.82 -12.59 12.81
N SER A 3 12.28 -12.45 11.57
CA SER A 3 11.66 -11.52 10.62
C SER A 3 10.94 -12.29 9.52
N GLY A 4 9.61 -12.29 9.58
CA GLY A 4 8.81 -12.98 8.58
C GLY A 4 8.73 -14.47 8.84
N SER A 5 7.54 -14.94 9.23
CA SER A 5 7.34 -16.35 9.52
C SER A 5 7.17 -17.15 8.22
N SER A 6 6.33 -16.63 7.32
CA SER A 6 6.08 -17.30 6.05
C SER A 6 6.64 -16.48 4.89
N GLY A 7 7.84 -15.94 5.08
CA GLY A 7 8.47 -15.15 4.05
C GLY A 7 7.66 -13.91 3.69
N THR A 8 6.70 -13.57 4.54
CA THR A 8 5.85 -12.41 4.31
C THR A 8 5.47 -11.74 5.62
N LEU A 9 5.57 -10.41 5.66
CA LEU A 9 5.23 -9.65 6.85
C LEU A 9 3.76 -9.26 6.85
N ARG A 10 3.28 -8.77 5.71
CA ARG A 10 1.89 -8.37 5.58
C ARG A 10 1.29 -8.88 4.27
N GLU A 11 -0.02 -9.06 4.26
CA GLU A 11 -0.71 -9.55 3.07
C GLU A 11 -2.22 -9.31 3.19
N GLY A 12 -2.82 -8.80 2.11
CA GLY A 12 -4.24 -8.54 2.11
C GLY A 12 -4.65 -7.58 1.00
N TRP A 13 -5.94 -7.55 0.70
CA TRP A 13 -6.47 -6.67 -0.34
C TRP A 13 -6.22 -5.21 0.01
N VAL A 14 -5.45 -4.52 -0.83
CA VAL A 14 -5.14 -3.12 -0.60
C VAL A 14 -5.16 -2.34 -1.91
N VAL A 15 -5.71 -1.13 -1.86
CA VAL A 15 -5.79 -0.27 -3.05
C VAL A 15 -4.75 0.84 -2.99
N HIS A 16 -4.37 1.35 -4.16
CA HIS A 16 -3.39 2.42 -4.24
C HIS A 16 -3.54 3.20 -5.54
N TYR A 17 -3.04 4.43 -5.56
CA TYR A 17 -3.11 5.28 -6.74
C TYR A 17 -2.08 6.40 -6.68
N SER A 18 -1.78 6.98 -7.84
CA SER A 18 -0.80 8.06 -7.92
C SER A 18 -1.48 9.37 -8.28
N ASN A 19 -0.67 10.41 -8.50
CA ASN A 19 -1.19 11.73 -8.85
C ASN A 19 -0.97 12.03 -10.32
N LYS A 20 -1.18 11.03 -11.17
CA LYS A 20 -1.00 11.19 -12.61
C LYS A 20 -2.24 10.74 -13.36
N ASP A 21 -2.79 9.59 -12.98
CA ASP A 21 -3.98 9.04 -13.62
C ASP A 21 -5.06 8.75 -12.59
N THR A 22 -4.67 8.68 -11.32
CA THR A 22 -5.61 8.41 -10.24
C THR A 22 -6.47 7.19 -10.56
N LEU A 23 -5.82 6.09 -10.91
CA LEU A 23 -6.52 4.86 -11.24
C LEU A 23 -6.39 3.84 -10.12
N ARG A 24 -7.00 4.14 -8.98
CA ARG A 24 -6.95 3.25 -7.83
C ARG A 24 -7.02 1.78 -8.27
N LYS A 25 -5.98 1.02 -7.94
CA LYS A 25 -5.93 -0.39 -8.30
C LYS A 25 -6.06 -1.27 -7.06
N ARG A 26 -6.95 -2.26 -7.15
CA ARG A 26 -7.18 -3.17 -6.03
C ARG A 26 -6.57 -4.54 -6.32
N HIS A 27 -5.80 -5.05 -5.36
CA HIS A 27 -5.16 -6.35 -5.51
C HIS A 27 -4.55 -6.81 -4.18
N TYR A 28 -4.35 -8.11 -4.05
CA TYR A 28 -3.79 -8.68 -2.84
C TYR A 28 -2.34 -8.24 -2.66
N TRP A 29 -2.14 -7.18 -1.87
CA TRP A 29 -0.80 -6.66 -1.62
C TRP A 29 0.00 -7.62 -0.74
N ARG A 30 1.32 -7.51 -0.81
CA ARG A 30 2.20 -8.37 -0.02
C ARG A 30 3.48 -7.63 0.36
N LEU A 31 3.76 -7.58 1.66
CA LEU A 31 4.96 -6.91 2.15
C LEU A 31 5.95 -7.91 2.74
N ASP A 32 7.23 -7.70 2.49
CA ASP A 32 8.28 -8.59 2.99
C ASP A 32 9.40 -7.77 3.63
N CYS A 33 10.47 -8.47 4.02
CA CYS A 33 11.61 -7.83 4.64
C CYS A 33 12.58 -7.29 3.59
N LYS A 34 12.13 -7.27 2.34
CA LYS A 34 12.95 -6.79 1.24
C LYS A 34 12.16 -5.83 0.34
N CYS A 35 10.98 -6.26 -0.06
CA CYS A 35 10.13 -5.45 -0.92
C CYS A 35 8.65 -5.80 -0.72
N ILE A 36 7.78 -5.06 -1.38
CA ILE A 36 6.34 -5.29 -1.26
C ILE A 36 5.78 -5.86 -2.57
N THR A 37 5.56 -7.17 -2.59
CA THR A 37 5.03 -7.83 -3.77
C THR A 37 3.51 -7.66 -3.87
N LEU A 38 2.99 -7.72 -5.08
CA LEU A 38 1.56 -7.57 -5.31
C LEU A 38 0.99 -8.78 -6.03
N PHE A 39 -0.34 -8.90 -6.01
CA PHE A 39 -1.02 -10.02 -6.65
C PHE A 39 -2.40 -9.61 -7.15
N GLN A 40 -2.54 -9.52 -8.47
CA GLN A 40 -3.81 -9.14 -9.08
C GLN A 40 -4.99 -9.62 -8.24
N ASN A 41 -4.93 -10.88 -7.80
CA ASN A 41 -5.98 -11.46 -6.99
C ASN A 41 -5.41 -12.47 -5.99
N ASN A 42 -6.29 -13.14 -5.27
CA ASN A 42 -5.88 -14.14 -4.28
C ASN A 42 -5.55 -15.47 -4.95
N THR A 43 -6.19 -15.72 -6.09
CA THR A 43 -5.97 -16.96 -6.84
C THR A 43 -4.74 -16.84 -7.74
N THR A 44 -4.57 -15.68 -8.36
CA THR A 44 -3.44 -15.44 -9.25
C THR A 44 -2.20 -16.19 -8.77
N ASN A 45 -1.48 -16.79 -9.72
CA ASN A 45 -0.27 -17.53 -9.39
C ASN A 45 0.96 -16.64 -9.49
N ARG A 46 1.14 -16.02 -10.66
CA ARG A 46 2.29 -15.14 -10.89
C ARG A 46 1.97 -13.72 -10.44
N TYR A 47 2.78 -13.19 -9.54
CA TYR A 47 2.60 -11.84 -9.04
C TYR A 47 2.22 -10.89 -10.17
N TYR A 48 1.77 -9.69 -9.80
CA TYR A 48 1.38 -8.68 -10.77
C TYR A 48 2.40 -7.54 -10.83
N LYS A 49 2.83 -7.09 -9.65
CA LYS A 49 3.81 -6.02 -9.56
C LYS A 49 4.62 -6.13 -8.27
N GLU A 50 5.83 -5.57 -8.30
CA GLU A 50 6.71 -5.60 -7.12
C GLU A 50 7.20 -4.21 -6.77
N ILE A 51 6.94 -3.78 -5.55
CA ILE A 51 7.36 -2.47 -5.07
C ILE A 51 8.59 -2.56 -4.19
N PRO A 52 9.77 -2.35 -4.79
CA PRO A 52 11.05 -2.42 -4.07
C PRO A 52 11.23 -1.24 -3.11
N LEU A 53 11.45 -1.55 -1.84
CA LEU A 53 11.64 -0.52 -0.82
C LEU A 53 12.64 0.53 -1.29
N SER A 54 13.54 0.13 -2.17
CA SER A 54 14.56 1.04 -2.70
C SER A 54 13.91 2.17 -3.49
N GLU A 55 12.95 1.83 -4.33
CA GLU A 55 12.25 2.81 -5.15
C GLU A 55 11.59 3.88 -4.27
N ILE A 56 10.94 3.43 -3.19
CA ILE A 56 10.28 4.35 -2.27
C ILE A 56 11.23 5.45 -1.81
N LEU A 57 10.83 6.70 -2.02
CA LEU A 57 11.64 7.84 -1.62
C LEU A 57 11.31 8.27 -0.20
N THR A 58 10.02 8.41 0.09
CA THR A 58 9.57 8.81 1.42
C THR A 58 8.18 8.27 1.72
N VAL A 59 7.81 8.28 2.99
CA VAL A 59 6.50 7.79 3.41
C VAL A 59 5.87 8.73 4.43
N GLU A 60 4.70 9.26 4.09
CA GLU A 60 3.99 10.16 4.98
C GLU A 60 2.52 9.77 5.11
N SER A 61 1.81 10.40 6.03
CA SER A 61 0.41 10.12 6.26
C SER A 61 -0.49 11.02 5.41
N ALA A 62 -1.60 10.47 4.95
CA ALA A 62 -2.54 11.22 4.12
C ALA A 62 -2.66 12.66 4.61
N GLN A 63 -2.24 13.61 3.78
CA GLN A 63 -2.30 15.02 4.13
C GLN A 63 -2.85 15.84 2.96
N ASN A 64 -2.56 15.40 1.75
CA ASN A 64 -3.01 16.10 0.55
C ASN A 64 -4.07 15.29 -0.18
N PHE A 65 -5.22 15.91 -0.42
CA PHE A 65 -6.33 15.24 -1.10
C PHE A 65 -6.80 16.07 -2.30
N SER A 66 -5.90 16.88 -2.84
CA SER A 66 -6.21 17.72 -3.98
C SER A 66 -6.62 16.88 -5.20
N LEU A 67 -6.09 15.66 -5.26
CA LEU A 67 -6.39 14.75 -6.36
C LEU A 67 -7.87 14.36 -6.35
N VAL A 68 -8.25 13.54 -5.37
CA VAL A 68 -9.63 13.09 -5.24
C VAL A 68 -10.51 14.18 -4.63
N PRO A 69 -11.79 14.21 -5.05
CA PRO A 69 -12.76 15.19 -4.56
C PRO A 69 -13.13 14.96 -3.10
N PRO A 70 -13.85 15.93 -2.51
CA PRO A 70 -14.28 15.85 -1.11
C PRO A 70 -15.36 14.79 -0.89
N GLY A 71 -14.98 13.68 -0.28
CA GLY A 71 -15.92 12.61 -0.02
C GLY A 71 -15.47 11.28 -0.61
N THR A 72 -14.64 11.35 -1.65
CA THR A 72 -14.14 10.15 -2.29
C THR A 72 -13.16 9.40 -1.39
N ASN A 73 -13.39 8.11 -1.22
CA ASN A 73 -12.53 7.28 -0.38
C ASN A 73 -11.09 7.77 -0.43
N PRO A 74 -10.67 8.49 0.63
CA PRO A 74 -9.31 9.03 0.72
C PRO A 74 -8.26 7.94 0.92
N HIS A 75 -7.04 8.35 1.25
CA HIS A 75 -5.95 7.40 1.47
C HIS A 75 -5.48 7.45 2.92
N CYS A 76 -4.56 6.57 3.26
CA CYS A 76 -4.02 6.50 4.62
C CYS A 76 -2.59 7.02 4.67
N PHE A 77 -1.77 6.53 3.74
CA PHE A 77 -0.37 6.95 3.67
C PHE A 77 0.10 7.07 2.22
N GLU A 78 1.06 7.95 2.00
CA GLU A 78 1.59 8.17 0.65
C GLU A 78 3.02 7.62 0.53
N ILE A 79 3.29 6.93 -0.57
CA ILE A 79 4.62 6.35 -0.80
C ILE A 79 5.33 7.08 -1.93
N VAL A 80 5.84 8.28 -1.65
CA VAL A 80 6.54 9.07 -2.64
C VAL A 80 7.60 8.23 -3.35
N THR A 81 7.23 7.69 -4.51
CA THR A 81 8.15 6.87 -5.29
C THR A 81 8.89 7.71 -6.32
N ALA A 82 9.79 7.07 -7.07
CA ALA A 82 10.56 7.75 -8.09
C ALA A 82 9.78 7.88 -9.39
N ASN A 83 8.46 7.71 -9.29
CA ASN A 83 7.60 7.81 -10.47
C ASN A 83 6.42 8.75 -10.21
N ALA A 84 5.90 8.71 -8.99
CA ALA A 84 4.77 9.55 -8.61
C ALA A 84 4.40 9.35 -7.14
N THR A 85 3.53 10.22 -6.63
CA THR A 85 3.10 10.14 -5.24
C THR A 85 1.98 9.11 -5.07
N TYR A 86 2.28 8.00 -4.42
CA TYR A 86 1.30 6.95 -4.20
C TYR A 86 0.33 7.33 -3.08
N PHE A 87 -0.88 6.80 -3.15
CA PHE A 87 -1.90 7.09 -2.15
C PHE A 87 -2.61 5.80 -1.72
N VAL A 88 -2.01 5.10 -0.76
CA VAL A 88 -2.59 3.85 -0.26
C VAL A 88 -3.47 4.11 0.96
N GLY A 89 -4.68 3.57 0.93
CA GLY A 89 -5.60 3.74 2.05
C GLY A 89 -6.96 3.15 1.77
N GLU A 90 -8.01 3.93 2.04
CA GLU A 90 -9.37 3.47 1.83
C GLU A 90 -9.49 2.73 0.50
N MET A 91 -10.55 1.94 0.36
CA MET A 91 -10.78 1.18 -0.86
C MET A 91 -12.04 1.68 -1.58
N PRO A 92 -12.06 1.52 -2.91
CA PRO A 92 -13.20 1.95 -3.74
C PRO A 92 -14.42 1.08 -3.53
N GLY A 93 -15.59 1.63 -3.82
CA GLY A 93 -16.83 0.88 -3.66
C GLY A 93 -16.68 -0.58 -4.02
N GLY A 94 -16.89 -1.46 -3.04
CA GLY A 94 -16.77 -2.89 -3.28
C GLY A 94 -18.04 -3.64 -2.94
N THR A 95 -18.19 -4.83 -3.52
CA THR A 95 -19.37 -5.65 -3.28
C THR A 95 -19.27 -6.39 -1.95
N PRO A 96 -20.42 -6.70 -1.36
CA PRO A 96 -20.50 -7.41 -0.07
C PRO A 96 -20.04 -8.86 -0.19
N GLY A 97 -19.19 -9.29 0.73
CA GLY A 97 -18.70 -10.65 0.71
C GLY A 97 -17.20 -10.74 0.93
N GLY A 98 -16.80 -10.85 2.20
CA GLY A 98 -15.39 -10.93 2.53
C GLY A 98 -15.10 -10.52 3.96
N PRO A 99 -15.20 -11.49 4.88
CA PRO A 99 -14.95 -11.24 6.31
C PRO A 99 -13.47 -10.98 6.61
N SER A 100 -12.66 -10.97 5.55
CA SER A 100 -11.23 -10.73 5.70
C SER A 100 -10.97 -9.53 6.61
N GLY A 101 -9.75 -9.45 7.13
CA GLY A 101 -9.39 -8.35 8.01
C GLY A 101 -9.32 -7.03 7.28
N GLN A 102 -10.47 -6.42 7.04
CA GLN A 102 -10.53 -5.14 6.35
C GLN A 102 -11.26 -4.10 7.18
N GLY A 103 -11.04 -2.83 6.88
CA GLY A 103 -11.70 -1.75 7.60
C GLY A 103 -10.87 -0.47 7.61
N ALA A 104 -10.78 0.15 8.78
CA ALA A 104 -10.01 1.39 8.91
C ALA A 104 -8.58 1.12 9.31
N GLU A 105 -8.40 0.56 10.52
CA GLU A 105 -7.07 0.24 11.02
C GLU A 105 -6.30 -0.61 10.02
N ALA A 106 -7.00 -1.53 9.36
CA ALA A 106 -6.37 -2.40 8.38
C ALA A 106 -5.31 -1.66 7.57
N ALA A 107 -5.49 -0.35 7.44
CA ALA A 107 -4.54 0.48 6.71
C ALA A 107 -3.40 0.95 7.60
N ARG A 108 -3.75 1.48 8.77
CA ARG A 108 -2.76 1.97 9.72
C ARG A 108 -1.63 0.96 9.90
N GLY A 109 -1.96 -0.32 9.72
CA GLY A 109 -0.97 -1.37 9.88
C GLY A 109 0.10 -1.31 8.81
N TRP A 110 -0.31 -1.07 7.57
CA TRP A 110 0.63 -1.00 6.45
C TRP A 110 1.57 0.19 6.61
N GLU A 111 1.01 1.34 6.94
CA GLU A 111 1.80 2.55 7.12
C GLU A 111 3.04 2.27 7.96
N THR A 112 2.84 1.64 9.12
CA THR A 112 3.95 1.31 10.01
C THR A 112 4.79 0.17 9.43
N ALA A 113 4.14 -0.94 9.13
CA ALA A 113 4.82 -2.10 8.58
C ALA A 113 5.78 -1.70 7.45
N ILE A 114 5.22 -1.11 6.40
CA ILE A 114 6.01 -0.67 5.25
C ILE A 114 7.25 0.09 5.71
N ARG A 115 7.06 1.05 6.60
CA ARG A 115 8.16 1.85 7.12
C ARG A 115 9.18 0.98 7.82
N GLN A 116 8.71 0.00 8.58
CA GLN A 116 9.59 -0.91 9.29
C GLN A 116 10.49 -1.67 8.33
N ALA A 117 9.88 -2.28 7.31
CA ALA A 117 10.63 -3.03 6.32
C ALA A 117 11.57 -2.13 5.54
N LEU A 118 11.11 -0.93 5.22
CA LEU A 118 11.91 0.02 4.47
C LEU A 118 13.09 0.51 5.31
N MET A 119 13.10 0.16 6.59
CA MET A 119 14.17 0.56 7.49
C MET A 119 15.53 0.34 6.84
N SER A 120 15.62 -0.67 5.98
CA SER A 120 16.87 -1.00 5.32
C SER A 120 17.07 -0.12 4.09
N GLY A 121 15.98 0.13 3.36
CA GLY A 121 16.06 0.96 2.18
C GLY A 121 16.53 2.38 2.48
N PRO A 122 16.59 3.22 1.44
CA PRO A 122 17.03 4.61 1.58
C PRO A 122 16.02 5.47 2.34
N SER A 123 16.27 5.67 3.63
CA SER A 123 15.37 6.46 4.46
C SER A 123 16.13 7.61 5.12
N SER A 124 17.00 8.25 4.36
CA SER A 124 17.80 9.37 4.87
C SER A 124 18.80 8.89 5.91
N GLY A 125 19.44 7.76 5.63
CA GLY A 125 20.42 7.21 6.55
C GLY A 125 21.52 6.44 5.84
N GLY A 1 21.61 -7.93 9.98
CA GLY A 1 20.58 -7.29 9.18
C GLY A 1 19.68 -8.29 8.49
N SER A 2 18.86 -8.99 9.27
CA SER A 2 17.94 -9.98 8.73
C SER A 2 18.72 -11.13 8.08
N SER A 3 19.78 -11.57 8.74
CA SER A 3 20.60 -12.66 8.23
C SER A 3 19.79 -13.94 8.08
N GLY A 4 19.91 -14.59 6.94
CA GLY A 4 19.18 -15.82 6.69
C GLY A 4 18.19 -15.68 5.56
N SER A 5 16.91 -15.65 5.89
CA SER A 5 15.85 -15.52 4.89
C SER A 5 14.50 -15.28 5.55
N SER A 6 13.92 -14.11 5.27
CA SER A 6 12.63 -13.74 5.84
C SER A 6 11.51 -13.95 4.82
N GLY A 7 10.30 -14.19 5.32
CA GLY A 7 9.16 -14.40 4.44
C GLY A 7 8.29 -13.16 4.31
N THR A 8 7.00 -13.38 4.09
CA THR A 8 6.06 -12.27 3.95
C THR A 8 5.73 -11.64 5.30
N LEU A 9 5.89 -10.32 5.39
CA LEU A 9 5.61 -9.61 6.62
C LEU A 9 4.13 -9.21 6.70
N ARG A 10 3.59 -8.77 5.57
CA ARG A 10 2.18 -8.36 5.51
C ARG A 10 1.51 -8.92 4.26
N GLU A 11 0.19 -9.08 4.32
CA GLU A 11 -0.57 -9.61 3.19
C GLU A 11 -2.05 -9.26 3.33
N GLY A 12 -2.64 -8.74 2.24
CA GLY A 12 -4.04 -8.38 2.27
C GLY A 12 -4.41 -7.46 1.12
N TRP A 13 -5.67 -7.56 0.68
CA TRP A 13 -6.14 -6.72 -0.43
C TRP A 13 -6.07 -5.24 -0.05
N VAL A 14 -5.32 -4.48 -0.84
CA VAL A 14 -5.17 -3.05 -0.59
C VAL A 14 -5.28 -2.26 -1.90
N VAL A 15 -5.86 -1.06 -1.81
CA VAL A 15 -6.02 -0.21 -2.97
C VAL A 15 -5.08 0.98 -2.92
N HIS A 16 -4.68 1.47 -4.10
CA HIS A 16 -3.78 2.60 -4.19
C HIS A 16 -3.88 3.27 -5.56
N TYR A 17 -3.21 4.42 -5.70
CA TYR A 17 -3.24 5.16 -6.95
C TYR A 17 -2.19 6.27 -6.95
N SER A 18 -1.59 6.51 -8.11
CA SER A 18 -0.56 7.53 -8.25
C SER A 18 -1.19 8.88 -8.60
N ASN A 19 -0.35 9.90 -8.73
CA ASN A 19 -0.82 11.24 -9.07
C ASN A 19 -0.55 11.57 -10.54
N LYS A 20 -0.68 10.56 -11.39
CA LYS A 20 -0.44 10.74 -12.82
C LYS A 20 -1.60 10.15 -13.63
N ASP A 21 -2.09 9.00 -13.21
CA ASP A 21 -3.19 8.33 -13.89
C ASP A 21 -4.35 8.08 -12.94
N THR A 22 -4.07 8.10 -11.63
CA THR A 22 -5.08 7.88 -10.62
C THR A 22 -5.93 6.65 -10.95
N LEU A 23 -5.26 5.53 -11.23
CA LEU A 23 -5.95 4.30 -11.56
C LEU A 23 -6.11 3.42 -10.32
N ARG A 24 -6.99 3.83 -9.42
CA ARG A 24 -7.24 3.08 -8.19
C ARG A 24 -7.39 1.59 -8.49
N LYS A 25 -6.59 0.78 -7.81
CA LYS A 25 -6.63 -0.67 -7.99
C LYS A 25 -6.38 -1.40 -6.68
N ARG A 26 -7.26 -2.32 -6.34
CA ARG A 26 -7.14 -3.08 -5.10
C ARG A 26 -6.60 -4.49 -5.38
N HIS A 27 -5.42 -4.79 -4.85
CA HIS A 27 -4.79 -6.09 -5.04
C HIS A 27 -4.21 -6.61 -3.74
N TYR A 28 -4.02 -7.92 -3.67
CA TYR A 28 -3.46 -8.55 -2.47
C TYR A 28 -2.06 -8.04 -2.19
N TRP A 29 -1.97 -6.81 -1.69
CA TRP A 29 -0.69 -6.20 -1.37
C TRP A 29 0.11 -7.08 -0.41
N ARG A 30 1.31 -7.47 -0.81
CA ARG A 30 2.17 -8.30 0.02
C ARG A 30 3.49 -7.61 0.30
N LEU A 31 3.82 -7.47 1.59
CA LEU A 31 5.06 -6.83 1.99
C LEU A 31 6.06 -7.85 2.53
N ASP A 32 7.33 -7.67 2.19
CA ASP A 32 8.38 -8.58 2.64
C ASP A 32 9.53 -7.81 3.29
N CYS A 33 10.60 -8.52 3.61
CA CYS A 33 11.76 -7.90 4.24
C CYS A 33 12.70 -7.30 3.19
N LYS A 34 12.21 -7.20 1.96
CA LYS A 34 13.00 -6.65 0.87
C LYS A 34 12.17 -5.67 0.04
N CYS A 35 10.99 -6.09 -0.38
CA CYS A 35 10.11 -5.25 -1.17
C CYS A 35 8.65 -5.66 -0.99
N ILE A 36 7.75 -4.87 -1.56
CA ILE A 36 6.32 -5.15 -1.46
C ILE A 36 5.78 -5.74 -2.76
N THR A 37 5.52 -7.04 -2.77
CA THR A 37 5.00 -7.71 -3.95
C THR A 37 3.48 -7.67 -3.97
N LEU A 38 2.91 -7.62 -5.18
CA LEU A 38 1.46 -7.57 -5.35
C LEU A 38 0.95 -8.88 -5.96
N PHE A 39 -0.37 -8.97 -6.10
CA PHE A 39 -0.98 -10.16 -6.67
C PHE A 39 -2.38 -9.85 -7.21
N GLN A 40 -2.49 -9.81 -8.54
CA GLN A 40 -3.77 -9.53 -9.18
C GLN A 40 -4.93 -10.16 -8.42
N ASN A 41 -4.86 -11.48 -8.25
CA ASN A 41 -5.90 -12.21 -7.53
C ASN A 41 -5.31 -13.34 -6.71
N ASN A 42 -5.82 -13.52 -5.50
CA ASN A 42 -5.33 -14.57 -4.61
C ASN A 42 -5.17 -15.89 -5.37
N THR A 43 -5.86 -16.00 -6.49
CA THR A 43 -5.81 -17.21 -7.31
C THR A 43 -4.81 -17.06 -8.45
N THR A 44 -3.67 -16.45 -8.15
CA THR A 44 -2.62 -16.23 -9.15
C THR A 44 -1.31 -16.88 -8.73
N ASN A 45 -0.50 -17.27 -9.72
CA ASN A 45 0.78 -17.90 -9.44
C ASN A 45 1.91 -16.88 -9.52
N ARG A 46 1.92 -16.09 -10.58
CA ARG A 46 2.95 -15.07 -10.78
C ARG A 46 2.44 -13.71 -10.33
N TYR A 47 3.22 -13.04 -9.47
CA TYR A 47 2.86 -11.73 -8.96
C TYR A 47 2.43 -10.81 -10.11
N TYR A 48 2.02 -9.59 -9.76
CA TYR A 48 1.58 -8.62 -10.75
C TYR A 48 2.47 -7.38 -10.72
N LYS A 49 2.72 -6.86 -9.52
CA LYS A 49 3.55 -5.68 -9.36
C LYS A 49 4.56 -5.88 -8.23
N GLU A 50 5.69 -5.19 -8.32
CA GLU A 50 6.73 -5.30 -7.30
C GLU A 50 7.25 -3.91 -6.92
N ILE A 51 7.03 -3.52 -5.67
CA ILE A 51 7.49 -2.23 -5.17
C ILE A 51 8.72 -2.38 -4.29
N PRO A 52 9.91 -2.22 -4.90
CA PRO A 52 11.18 -2.34 -4.19
C PRO A 52 11.42 -1.17 -3.24
N LEU A 53 11.61 -1.49 -1.96
CA LEU A 53 11.85 -0.46 -0.95
C LEU A 53 12.84 0.58 -1.45
N SER A 54 13.73 0.16 -2.35
CA SER A 54 14.72 1.07 -2.90
C SER A 54 14.07 2.21 -3.66
N GLU A 55 13.04 1.88 -4.44
CA GLU A 55 12.32 2.87 -5.22
C GLU A 55 11.71 3.95 -4.32
N ILE A 56 11.18 3.51 -3.18
CA ILE A 56 10.57 4.43 -2.22
C ILE A 56 11.56 5.50 -1.78
N LEU A 57 11.12 6.75 -1.82
CA LEU A 57 11.96 7.87 -1.41
C LEU A 57 11.62 8.34 -0.01
N THR A 58 10.32 8.40 0.29
CA THR A 58 9.85 8.82 1.60
C THR A 58 8.42 8.37 1.85
N VAL A 59 8.07 8.20 3.13
CA VAL A 59 6.72 7.77 3.49
C VAL A 59 6.04 8.79 4.39
N GLU A 60 4.90 9.30 3.94
CA GLU A 60 4.15 10.29 4.70
C GLU A 60 2.69 9.87 4.86
N SER A 61 1.94 10.65 5.63
CA SER A 61 0.53 10.36 5.85
C SER A 61 -0.36 11.20 4.95
N ALA A 62 -1.52 10.66 4.59
CA ALA A 62 -2.45 11.37 3.72
C ALA A 62 -2.60 12.83 4.13
N GLN A 63 -2.09 13.72 3.29
CA GLN A 63 -2.16 15.16 3.57
C GLN A 63 -2.60 15.93 2.33
N ASN A 64 -2.27 15.39 1.16
CA ASN A 64 -2.63 16.04 -0.09
C ASN A 64 -3.79 15.30 -0.77
N PHE A 65 -4.91 16.01 -0.95
CA PHE A 65 -6.09 15.42 -1.57
C PHE A 65 -6.63 16.33 -2.67
N SER A 66 -5.72 16.87 -3.48
CA SER A 66 -6.10 17.77 -4.57
C SER A 66 -6.46 16.97 -5.82
N LEU A 67 -5.89 15.79 -5.94
CA LEU A 67 -6.16 14.93 -7.09
C LEU A 67 -7.64 14.57 -7.17
N VAL A 68 -8.10 13.75 -6.24
CA VAL A 68 -9.50 13.33 -6.20
C VAL A 68 -10.39 14.46 -5.70
N PRO A 69 -11.67 14.44 -6.14
CA PRO A 69 -12.65 15.46 -5.75
C PRO A 69 -13.04 15.34 -4.28
N PRO A 70 -13.81 16.32 -3.78
CA PRO A 70 -14.27 16.35 -2.40
C PRO A 70 -15.31 15.27 -2.11
N GLY A 71 -14.98 14.35 -1.21
CA GLY A 71 -15.90 13.29 -0.87
C GLY A 71 -15.37 11.92 -1.24
N THR A 72 -14.34 11.90 -2.08
CA THR A 72 -13.73 10.65 -2.53
C THR A 72 -12.88 10.03 -1.43
N ASN A 73 -13.23 8.81 -1.03
CA ASN A 73 -12.49 8.11 0.01
C ASN A 73 -11.00 8.45 -0.05
N PRO A 74 -10.50 9.15 0.97
CA PRO A 74 -9.09 9.55 1.06
C PRO A 74 -8.17 8.37 1.30
N HIS A 75 -6.87 8.62 1.31
CA HIS A 75 -5.88 7.58 1.53
C HIS A 75 -5.34 7.64 2.95
N CYS A 76 -4.50 6.67 3.31
CA CYS A 76 -3.92 6.62 4.65
C CYS A 76 -2.50 7.19 4.63
N PHE A 77 -1.67 6.66 3.75
CA PHE A 77 -0.28 7.11 3.64
C PHE A 77 0.15 7.20 2.18
N GLU A 78 1.14 8.04 1.92
CA GLU A 78 1.64 8.22 0.56
C GLU A 78 3.08 7.71 0.43
N ILE A 79 3.33 6.93 -0.62
CA ILE A 79 4.66 6.39 -0.85
C ILE A 79 5.38 7.13 -1.96
N VAL A 80 5.98 8.26 -1.61
CA VAL A 80 6.71 9.08 -2.58
C VAL A 80 7.82 8.27 -3.25
N THR A 81 7.59 7.92 -4.51
CA THR A 81 8.56 7.15 -5.28
C THR A 81 9.29 8.02 -6.30
N ALA A 82 10.19 7.42 -7.06
CA ALA A 82 10.94 8.15 -8.07
C ALA A 82 10.16 8.21 -9.39
N ASN A 83 8.89 7.83 -9.34
CA ASN A 83 8.04 7.86 -10.52
C ASN A 83 6.83 8.74 -10.31
N ALA A 84 6.26 8.68 -9.11
CA ALA A 84 5.09 9.48 -8.77
C ALA A 84 4.67 9.26 -7.32
N THR A 85 3.75 10.09 -6.84
CA THR A 85 3.27 9.99 -5.47
C THR A 85 2.16 8.94 -5.35
N TYR A 86 2.40 7.93 -4.52
CA TYR A 86 1.42 6.87 -4.33
C TYR A 86 0.37 7.27 -3.30
N PHE A 87 -0.82 6.69 -3.42
CA PHE A 87 -1.92 7.00 -2.50
C PHE A 87 -2.61 5.72 -2.04
N VAL A 88 -2.07 5.11 -0.99
CA VAL A 88 -2.64 3.87 -0.45
C VAL A 88 -3.60 4.17 0.71
N GLY A 89 -4.73 3.48 0.72
CA GLY A 89 -5.71 3.69 1.78
C GLY A 89 -7.01 2.98 1.50
N GLU A 90 -8.01 3.72 1.02
CA GLU A 90 -9.31 3.16 0.72
C GLU A 90 -9.79 3.59 -0.65
N MET A 91 -10.63 2.76 -1.28
CA MET A 91 -11.15 3.07 -2.61
C MET A 91 -12.62 3.48 -2.53
N PRO A 92 -13.06 4.30 -3.50
CA PRO A 92 -14.44 4.78 -3.56
C PRO A 92 -15.42 3.66 -3.92
N GLY A 93 -16.47 3.52 -3.10
CA GLY A 93 -17.46 2.50 -3.35
C GLY A 93 -18.34 2.82 -4.54
N GLY A 94 -19.52 3.36 -4.27
CA GLY A 94 -20.44 3.69 -5.35
C GLY A 94 -21.48 2.62 -5.58
N THR A 95 -21.07 1.36 -5.48
CA THR A 95 -21.98 0.24 -5.69
C THR A 95 -23.31 0.47 -5.00
N PRO A 96 -24.39 -0.06 -5.58
CA PRO A 96 -25.74 0.07 -5.04
C PRO A 96 -25.92 -0.71 -3.74
N GLY A 97 -24.84 -1.30 -3.26
CA GLY A 97 -24.91 -2.08 -2.04
C GLY A 97 -25.04 -1.21 -0.80
N GLY A 98 -24.24 -0.15 -0.73
CA GLY A 98 -24.28 0.74 0.40
C GLY A 98 -22.90 1.06 0.95
N PRO A 99 -22.78 2.19 1.66
CA PRO A 99 -21.51 2.63 2.24
C PRO A 99 -21.07 1.74 3.40
N SER A 100 -20.31 0.70 3.06
CA SER A 100 -19.81 -0.23 4.08
C SER A 100 -18.30 -0.39 3.96
N GLY A 101 -17.60 -0.12 5.06
CA GLY A 101 -16.16 -0.24 5.07
C GLY A 101 -15.54 0.22 6.38
N GLN A 102 -14.31 -0.20 6.64
CA GLN A 102 -13.61 0.16 7.86
C GLN A 102 -12.51 1.18 7.57
N GLY A 103 -11.60 0.82 6.68
CA GLY A 103 -10.50 1.70 6.34
C GLY A 103 -10.00 2.50 7.53
N ALA A 104 -9.66 1.79 8.61
CA ALA A 104 -9.17 2.44 9.81
C ALA A 104 -7.95 1.72 10.36
N GLU A 105 -8.14 0.46 10.75
CA GLU A 105 -7.05 -0.34 11.31
C GLU A 105 -6.35 -1.15 10.21
N ALA A 106 -7.10 -1.47 9.16
CA ALA A 106 -6.56 -2.23 8.04
C ALA A 106 -5.44 -1.46 7.35
N ALA A 107 -5.56 -0.13 7.34
CA ALA A 107 -4.55 0.72 6.70
C ALA A 107 -3.42 1.04 7.67
N ARG A 108 -3.77 1.59 8.83
CA ARG A 108 -2.78 1.94 9.84
C ARG A 108 -1.69 0.87 9.93
N GLY A 109 -2.11 -0.40 9.88
CA GLY A 109 -1.15 -1.49 9.96
C GLY A 109 -0.10 -1.42 8.87
N TRP A 110 -0.54 -1.08 7.66
CA TRP A 110 0.36 -0.99 6.51
C TRP A 110 1.35 0.16 6.70
N GLU A 111 0.83 1.35 6.98
CA GLU A 111 1.67 2.52 7.18
C GLU A 111 2.91 2.18 7.98
N THR A 112 2.71 1.52 9.12
CA THR A 112 3.82 1.12 9.98
C THR A 112 4.57 -0.07 9.41
N ALA A 113 3.82 -1.12 9.05
CA ALA A 113 4.43 -2.31 8.48
C ALA A 113 5.40 -1.97 7.36
N ILE A 114 4.87 -1.37 6.29
CA ILE A 114 5.69 -0.99 5.15
C ILE A 114 6.94 -0.23 5.60
N ARG A 115 6.75 0.73 6.49
CA ARG A 115 7.86 1.53 7.01
C ARG A 115 8.86 0.64 7.75
N GLN A 116 8.36 -0.32 8.50
CA GLN A 116 9.21 -1.23 9.26
C GLN A 116 10.18 -1.97 8.33
N ALA A 117 9.64 -2.54 7.26
CA ALA A 117 10.45 -3.28 6.30
C ALA A 117 11.46 -2.36 5.63
N LEU A 118 11.06 -1.12 5.37
CA LEU A 118 11.94 -0.14 4.73
C LEU A 118 13.06 0.29 5.68
N MET A 119 12.96 -0.14 6.94
CA MET A 119 13.97 0.19 7.93
C MET A 119 15.37 -0.12 7.42
N SER A 120 15.47 -1.11 6.54
CA SER A 120 16.75 -1.52 5.98
C SER A 120 17.07 -0.70 4.74
N GLY A 121 16.06 -0.46 3.91
CA GLY A 121 16.26 0.30 2.70
C GLY A 121 16.77 -0.54 1.55
N PRO A 122 17.43 0.09 0.57
CA PRO A 122 17.99 -0.60 -0.59
C PRO A 122 19.19 -1.47 -0.24
N SER A 123 19.43 -1.62 1.06
CA SER A 123 20.55 -2.43 1.54
C SER A 123 20.84 -3.57 0.57
N SER A 124 22.12 -3.81 0.32
CA SER A 124 22.53 -4.88 -0.59
C SER A 124 22.38 -6.24 0.08
N GLY A 125 22.95 -6.38 1.26
CA GLY A 125 22.86 -7.64 1.99
C GLY A 125 21.43 -8.04 2.29
N GLY A 1 11.73 -24.33 -9.45
CA GLY A 1 12.29 -23.88 -8.19
C GLY A 1 11.43 -24.25 -7.01
N SER A 2 11.38 -25.54 -6.67
CA SER A 2 10.57 -26.02 -5.56
C SER A 2 11.10 -25.47 -4.24
N SER A 3 12.37 -25.72 -3.96
CA SER A 3 12.99 -25.25 -2.72
C SER A 3 12.82 -23.74 -2.57
N GLY A 4 12.53 -23.31 -1.34
CA GLY A 4 12.35 -21.90 -1.09
C GLY A 4 11.94 -21.62 0.35
N SER A 5 12.13 -20.38 0.79
CA SER A 5 11.79 -19.99 2.15
C SER A 5 10.68 -18.94 2.16
N SER A 6 10.20 -18.60 3.35
CA SER A 6 9.14 -17.61 3.48
C SER A 6 9.41 -16.68 4.66
N GLY A 7 8.72 -15.54 4.67
CA GLY A 7 8.91 -14.58 5.74
C GLY A 7 8.14 -13.30 5.51
N THR A 8 7.03 -13.39 4.78
CA THR A 8 6.21 -12.23 4.47
C THR A 8 5.79 -11.50 5.75
N LEU A 9 5.98 -10.19 5.77
CA LEU A 9 5.62 -9.38 6.93
C LEU A 9 4.12 -9.08 6.96
N ARG A 10 3.61 -8.62 5.82
CA ARG A 10 2.19 -8.29 5.71
C ARG A 10 1.63 -8.81 4.39
N GLU A 11 0.32 -9.05 4.37
CA GLU A 11 -0.35 -9.56 3.17
C GLU A 11 -1.86 -9.37 3.28
N GLY A 12 -2.47 -8.84 2.22
CA GLY A 12 -3.90 -8.63 2.21
C GLY A 12 -4.35 -7.70 1.09
N TRP A 13 -5.63 -7.75 0.76
CA TRP A 13 -6.17 -6.90 -0.29
C TRP A 13 -6.01 -5.43 0.05
N VAL A 14 -5.34 -4.69 -0.82
CA VAL A 14 -5.12 -3.26 -0.60
C VAL A 14 -5.24 -2.49 -1.90
N VAL A 15 -5.66 -1.23 -1.81
CA VAL A 15 -5.82 -0.38 -2.98
C VAL A 15 -4.88 0.81 -2.93
N HIS A 16 -4.51 1.31 -4.11
CA HIS A 16 -3.60 2.45 -4.19
C HIS A 16 -3.80 3.21 -5.51
N TYR A 17 -3.13 4.35 -5.64
CA TYR A 17 -3.23 5.16 -6.84
C TYR A 17 -2.21 6.28 -6.85
N SER A 18 -1.66 6.59 -8.02
CA SER A 18 -0.67 7.64 -8.14
C SER A 18 -1.33 8.98 -8.44
N ASN A 19 -0.51 10.01 -8.62
CA ASN A 19 -1.01 11.34 -8.92
C ASN A 19 -0.81 11.70 -10.38
N LYS A 20 -0.99 10.72 -11.25
CA LYS A 20 -0.84 10.93 -12.69
C LYS A 20 -2.04 10.40 -13.46
N ASP A 21 -2.52 9.23 -13.06
CA ASP A 21 -3.68 8.61 -13.70
C ASP A 21 -4.72 8.19 -12.67
N THR A 22 -4.38 8.34 -11.39
CA THR A 22 -5.28 7.97 -10.31
C THR A 22 -6.10 6.74 -10.67
N LEU A 23 -5.41 5.66 -11.04
CA LEU A 23 -6.08 4.43 -11.42
C LEU A 23 -6.25 3.51 -10.20
N ARG A 24 -7.10 3.92 -9.27
CA ARG A 24 -7.36 3.14 -8.07
C ARG A 24 -7.55 1.67 -8.41
N LYS A 25 -6.59 0.84 -8.01
CA LYS A 25 -6.66 -0.59 -8.27
C LYS A 25 -6.50 -1.38 -6.98
N ARG A 26 -7.29 -2.44 -6.84
CA ARG A 26 -7.26 -3.28 -5.65
C ARG A 26 -6.66 -4.65 -5.97
N HIS A 27 -5.82 -5.16 -5.08
CA HIS A 27 -5.18 -6.45 -5.27
C HIS A 27 -4.47 -6.90 -3.98
N TYR A 28 -4.30 -8.21 -3.85
CA TYR A 28 -3.65 -8.78 -2.67
C TYR A 28 -2.22 -8.26 -2.54
N TRP A 29 -2.04 -7.21 -1.74
CA TRP A 29 -0.72 -6.62 -1.54
C TRP A 29 0.14 -7.51 -0.65
N ARG A 30 1.42 -7.62 -1.00
CA ARG A 30 2.35 -8.45 -0.24
C ARG A 30 3.58 -7.65 0.16
N LEU A 31 3.87 -7.63 1.46
CA LEU A 31 5.03 -6.90 1.96
C LEU A 31 6.05 -7.86 2.60
N ASP A 32 7.30 -7.71 2.21
CA ASP A 32 8.37 -8.56 2.74
C ASP A 32 9.48 -7.72 3.35
N CYS A 33 10.57 -8.37 3.74
CA CYS A 33 11.70 -7.68 4.33
C CYS A 33 12.61 -7.08 3.26
N LYS A 34 12.26 -7.33 2.01
CA LYS A 34 13.03 -6.81 0.88
C LYS A 34 12.21 -5.81 0.07
N CYS A 35 11.03 -6.23 -0.35
CA CYS A 35 10.15 -5.37 -1.15
C CYS A 35 8.70 -5.79 -0.97
N ILE A 36 7.79 -4.96 -1.50
CA ILE A 36 6.36 -5.25 -1.40
C ILE A 36 5.81 -5.77 -2.73
N THR A 37 5.65 -7.09 -2.81
CA THR A 37 5.14 -7.72 -4.02
C THR A 37 3.63 -7.60 -4.10
N LEU A 38 3.09 -7.70 -5.32
CA LEU A 38 1.66 -7.60 -5.53
C LEU A 38 1.12 -8.83 -6.25
N PHE A 39 -0.15 -9.13 -6.03
CA PHE A 39 -0.78 -10.28 -6.67
C PHE A 39 -2.21 -9.96 -7.09
N GLN A 40 -2.43 -9.89 -8.40
CA GLN A 40 -3.76 -9.59 -8.94
C GLN A 40 -4.85 -10.24 -8.09
N ASN A 41 -4.84 -11.56 -8.04
CA ASN A 41 -5.83 -12.30 -7.25
C ASN A 41 -5.15 -13.21 -6.24
N ASN A 42 -5.79 -13.37 -5.08
CA ASN A 42 -5.25 -14.22 -4.02
C ASN A 42 -4.87 -15.59 -4.57
N THR A 43 -5.39 -15.92 -5.75
CA THR A 43 -5.10 -17.21 -6.38
C THR A 43 -4.36 -17.02 -7.70
N THR A 44 -3.46 -16.03 -7.73
CA THR A 44 -2.69 -15.75 -8.94
C THR A 44 -1.29 -16.32 -8.82
N ASN A 45 -0.90 -17.14 -9.80
CA ASN A 45 0.41 -17.76 -9.82
C ASN A 45 1.52 -16.69 -9.88
N ARG A 46 1.59 -16.00 -11.02
CA ARG A 46 2.59 -14.96 -11.22
C ARG A 46 2.14 -13.65 -10.58
N TYR A 47 3.10 -12.91 -10.02
CA TYR A 47 2.80 -11.64 -9.38
C TYR A 47 2.28 -10.62 -10.40
N TYR A 48 1.72 -9.52 -9.90
CA TYR A 48 1.20 -8.47 -10.76
C TYR A 48 2.11 -7.25 -10.75
N LYS A 49 2.58 -6.88 -9.56
CA LYS A 49 3.46 -5.73 -9.42
C LYS A 49 4.47 -5.96 -8.29
N GLU A 50 5.55 -5.20 -8.31
CA GLU A 50 6.59 -5.31 -7.28
C GLU A 50 7.14 -3.93 -6.91
N ILE A 51 6.92 -3.54 -5.66
CA ILE A 51 7.40 -2.24 -5.18
C ILE A 51 8.63 -2.41 -4.30
N PRO A 52 9.82 -2.29 -4.91
CA PRO A 52 11.09 -2.41 -4.20
C PRO A 52 11.35 -1.25 -3.26
N LEU A 53 11.55 -1.55 -1.99
CA LEU A 53 11.80 -0.52 -0.99
C LEU A 53 12.84 0.48 -1.49
N SER A 54 13.68 0.05 -2.43
CA SER A 54 14.71 0.91 -2.99
C SER A 54 14.09 2.09 -3.72
N GLU A 55 13.05 1.83 -4.51
CA GLU A 55 12.37 2.87 -5.26
C GLU A 55 11.75 3.90 -4.32
N ILE A 56 11.07 3.42 -3.29
CA ILE A 56 10.42 4.30 -2.32
C ILE A 56 11.41 5.33 -1.80
N LEU A 57 11.04 6.61 -1.94
CA LEU A 57 11.89 7.70 -1.48
C LEU A 57 11.59 8.05 -0.03
N THR A 58 10.30 8.18 0.28
CA THR A 58 9.87 8.51 1.65
C THR A 58 8.41 8.12 1.87
N VAL A 59 8.05 7.89 3.12
CA VAL A 59 6.69 7.51 3.48
C VAL A 59 6.07 8.53 4.42
N GLU A 60 4.92 9.08 4.03
CA GLU A 60 4.23 10.07 4.84
C GLU A 60 2.76 9.68 5.02
N SER A 61 2.06 10.43 5.87
CA SER A 61 0.65 10.17 6.13
C SER A 61 -0.24 11.09 5.28
N ALA A 62 -1.36 10.55 4.82
CA ALA A 62 -2.29 11.31 4.01
C ALA A 62 -2.33 12.78 4.44
N GLN A 63 -1.85 13.65 3.56
CA GLN A 63 -1.83 15.08 3.85
C GLN A 63 -2.33 15.89 2.66
N ASN A 64 -2.09 15.37 1.46
CA ASN A 64 -2.52 16.04 0.24
C ASN A 64 -3.60 15.25 -0.47
N PHE A 65 -4.77 15.87 -0.63
CA PHE A 65 -5.90 15.21 -1.30
C PHE A 65 -6.41 16.06 -2.46
N SER A 66 -5.49 16.78 -3.10
CA SER A 66 -5.85 17.63 -4.23
C SER A 66 -6.32 16.79 -5.42
N LEU A 67 -5.78 15.59 -5.53
CA LEU A 67 -6.15 14.69 -6.62
C LEU A 67 -7.63 14.35 -6.57
N VAL A 68 -8.02 13.58 -5.55
CA VAL A 68 -9.42 13.19 -5.39
C VAL A 68 -10.25 14.34 -4.82
N PRO A 69 -11.54 14.36 -5.18
CA PRO A 69 -12.47 15.40 -4.71
C PRO A 69 -12.79 15.26 -3.23
N PRO A 70 -13.46 16.28 -2.67
CA PRO A 70 -13.84 16.30 -1.26
C PRO A 70 -14.92 15.28 -0.92
N GLY A 71 -15.30 14.48 -1.93
CA GLY A 71 -16.32 13.48 -1.72
C GLY A 71 -15.87 12.10 -2.15
N THR A 72 -14.57 11.84 -2.05
CA THR A 72 -14.01 10.55 -2.43
C THR A 72 -13.05 10.03 -1.36
N ASN A 73 -13.38 8.86 -0.82
CA ASN A 73 -12.55 8.25 0.20
C ASN A 73 -11.07 8.55 -0.02
N PRO A 74 -10.45 9.27 0.93
CA PRO A 74 -9.03 9.65 0.85
C PRO A 74 -8.11 8.45 1.02
N HIS A 75 -6.84 8.71 1.30
CA HIS A 75 -5.86 7.66 1.48
C HIS A 75 -5.32 7.66 2.91
N CYS A 76 -4.54 6.63 3.24
CA CYS A 76 -3.98 6.51 4.58
C CYS A 76 -2.55 7.06 4.61
N PHE A 77 -1.69 6.53 3.74
CA PHE A 77 -0.31 6.96 3.68
C PHE A 77 0.15 7.12 2.23
N GLU A 78 1.15 7.95 2.03
CA GLU A 78 1.69 8.20 0.68
C GLU A 78 3.12 7.69 0.56
N ILE A 79 3.37 6.88 -0.47
CA ILE A 79 4.71 6.34 -0.69
C ILE A 79 5.42 7.08 -1.81
N VAL A 80 5.98 8.24 -1.48
CA VAL A 80 6.69 9.05 -2.46
C VAL A 80 7.76 8.23 -3.17
N THR A 81 7.48 7.85 -4.42
CA THR A 81 8.41 7.06 -5.21
C THR A 81 9.17 7.94 -6.20
N ALA A 82 10.06 7.32 -6.96
CA ALA A 82 10.85 8.05 -7.96
C ALA A 82 10.10 8.15 -9.28
N ASN A 83 8.79 7.98 -9.22
CA ASN A 83 7.95 8.04 -10.42
C ASN A 83 6.71 8.90 -10.18
N ALA A 84 6.16 8.80 -8.97
CA ALA A 84 4.98 9.56 -8.60
C ALA A 84 4.60 9.33 -7.15
N THR A 85 3.70 10.16 -6.64
CA THR A 85 3.24 10.05 -5.25
C THR A 85 2.14 9.00 -5.12
N TYR A 86 2.39 7.99 -4.29
CA TYR A 86 1.41 6.93 -4.07
C TYR A 86 0.38 7.34 -3.02
N PHE A 87 -0.82 6.80 -3.14
CA PHE A 87 -1.90 7.11 -2.21
C PHE A 87 -2.62 5.83 -1.77
N VAL A 88 -2.05 5.15 -0.80
CA VAL A 88 -2.63 3.91 -0.28
C VAL A 88 -3.54 4.19 0.92
N GLY A 89 -4.76 3.68 0.87
CA GLY A 89 -5.70 3.89 1.96
C GLY A 89 -7.02 3.17 1.73
N GLU A 90 -8.04 3.94 1.36
CA GLU A 90 -9.37 3.39 1.11
C GLU A 90 -9.82 3.68 -0.32
N MET A 91 -10.70 2.84 -0.84
CA MET A 91 -11.22 3.00 -2.20
C MET A 91 -12.70 3.34 -2.17
N PRO A 92 -13.17 4.04 -3.21
CA PRO A 92 -14.57 4.45 -3.33
C PRO A 92 -15.48 3.26 -3.61
N GLY A 93 -16.78 3.53 -3.71
CA GLY A 93 -17.75 2.48 -3.97
C GLY A 93 -18.41 1.97 -2.70
N GLY A 94 -19.73 1.96 -2.69
CA GLY A 94 -20.46 1.49 -1.54
C GLY A 94 -21.82 0.91 -1.89
N THR A 95 -22.13 -0.24 -1.30
CA THR A 95 -23.41 -0.90 -1.57
C THR A 95 -24.48 -0.46 -0.58
N PRO A 96 -25.75 -0.52 -0.99
CA PRO A 96 -26.89 -0.13 -0.16
C PRO A 96 -27.11 -1.10 1.00
N GLY A 97 -26.23 -2.09 1.12
CA GLY A 97 -26.35 -3.07 2.17
C GLY A 97 -25.21 -3.02 3.16
N GLY A 98 -24.01 -3.38 2.69
CA GLY A 98 -22.84 -3.37 3.56
C GLY A 98 -21.78 -2.41 3.06
N PRO A 99 -20.95 -1.92 4.00
CA PRO A 99 -19.87 -0.97 3.68
C PRO A 99 -18.74 -1.63 2.89
N SER A 100 -18.48 -2.90 3.17
CA SER A 100 -17.43 -3.64 2.49
C SER A 100 -16.18 -2.78 2.34
N GLY A 101 -15.83 -2.05 3.40
CA GLY A 101 -14.65 -1.20 3.36
C GLY A 101 -14.51 -0.36 4.62
N GLN A 102 -13.42 -0.56 5.33
CA GLN A 102 -13.16 0.18 6.57
C GLN A 102 -12.04 1.19 6.37
N GLY A 103 -10.96 0.74 5.72
CA GLY A 103 -9.83 1.62 5.48
C GLY A 103 -9.56 2.56 6.64
N ALA A 104 -9.48 2.00 7.85
CA ALA A 104 -9.23 2.81 9.04
C ALA A 104 -8.18 2.15 9.93
N GLU A 105 -8.43 0.91 10.32
CA GLU A 105 -7.50 0.17 11.17
C GLU A 105 -6.51 -0.63 10.34
N ALA A 106 -7.03 -1.26 9.28
CA ALA A 106 -6.19 -2.06 8.40
C ALA A 106 -5.14 -1.21 7.70
N ALA A 107 -5.56 -0.08 7.16
CA ALA A 107 -4.65 0.84 6.47
C ALA A 107 -3.51 1.26 7.39
N ARG A 108 -3.85 1.78 8.57
CA ARG A 108 -2.85 2.23 9.53
C ARG A 108 -1.74 1.20 9.67
N GLY A 109 -2.12 -0.05 9.93
CA GLY A 109 -1.13 -1.11 10.08
C GLY A 109 -0.10 -1.10 8.98
N TRP A 110 -0.55 -0.87 7.75
CA TRP A 110 0.35 -0.85 6.60
C TRP A 110 1.35 0.29 6.72
N GLU A 111 0.84 1.51 6.95
CA GLU A 111 1.70 2.68 7.10
C GLU A 111 2.93 2.36 7.93
N THR A 112 2.72 1.77 9.10
CA THR A 112 3.81 1.42 9.99
C THR A 112 4.58 0.20 9.47
N ALA A 113 3.87 -0.89 9.24
CA ALA A 113 4.48 -2.11 8.73
C ALA A 113 5.45 -1.80 7.60
N ILE A 114 4.94 -1.23 6.52
CA ILE A 114 5.77 -0.89 5.37
C ILE A 114 7.02 -0.15 5.80
N ARG A 115 6.85 0.90 6.58
CA ARG A 115 7.97 1.70 7.07
C ARG A 115 9.00 0.81 7.78
N GLN A 116 8.50 -0.13 8.58
CA GLN A 116 9.38 -1.04 9.31
C GLN A 116 10.27 -1.83 8.35
N ALA A 117 9.66 -2.39 7.31
CA ALA A 117 10.40 -3.17 6.33
C ALA A 117 11.40 -2.30 5.58
N LEU A 118 11.05 -1.04 5.37
CA LEU A 118 11.91 -0.10 4.66
C LEU A 118 13.11 0.29 5.53
N MET A 119 13.09 -0.14 6.79
CA MET A 119 14.17 0.16 7.72
C MET A 119 15.51 -0.26 7.13
N SER A 120 15.47 -1.11 6.12
CA SER A 120 16.69 -1.59 5.47
C SER A 120 17.19 -0.59 4.44
N GLY A 121 16.71 0.65 4.53
CA GLY A 121 17.11 1.68 3.59
C GLY A 121 18.60 1.65 3.31
N PRO A 122 19.40 1.88 4.36
CA PRO A 122 20.86 1.89 4.24
C PRO A 122 21.44 0.50 4.00
N SER A 123 22.53 0.44 3.24
CA SER A 123 23.17 -0.83 2.92
C SER A 123 23.78 -1.45 4.17
N SER A 124 22.96 -2.21 4.89
CA SER A 124 23.42 -2.87 6.12
C SER A 124 24.46 -3.95 5.80
N GLY A 125 24.08 -4.89 4.94
CA GLY A 125 24.98 -5.96 4.57
C GLY A 125 24.25 -7.14 3.94
N GLY A 1 14.23 -2.99 14.94
CA GLY A 1 12.83 -3.33 14.75
C GLY A 1 12.62 -4.30 13.60
N SER A 2 12.68 -5.60 13.92
CA SER A 2 12.50 -6.63 12.90
C SER A 2 12.27 -7.99 13.55
N SER A 3 11.12 -8.59 13.26
CA SER A 3 10.77 -9.90 13.82
C SER A 3 11.47 -11.01 13.05
N GLY A 4 11.27 -11.05 11.75
CA GLY A 4 11.89 -12.08 10.93
C GLY A 4 12.22 -11.59 9.53
N SER A 5 13.27 -12.15 8.95
CA SER A 5 13.69 -11.76 7.61
C SER A 5 12.90 -12.50 6.54
N SER A 6 13.01 -13.82 6.53
CA SER A 6 12.30 -14.65 5.56
C SER A 6 10.83 -14.74 5.91
N GLY A 7 9.98 -14.57 4.90
CA GLY A 7 8.54 -14.64 5.12
C GLY A 7 7.85 -13.32 4.84
N THR A 8 6.56 -13.39 4.51
CA THR A 8 5.79 -12.19 4.22
C THR A 8 5.36 -11.48 5.51
N LEU A 9 5.78 -10.23 5.65
CA LEU A 9 5.44 -9.45 6.84
C LEU A 9 3.97 -9.05 6.82
N ARG A 10 3.49 -8.63 5.66
CA ARG A 10 2.09 -8.22 5.52
C ARG A 10 1.49 -8.79 4.23
N GLU A 11 0.18 -9.01 4.25
CA GLU A 11 -0.52 -9.55 3.08
C GLU A 11 -2.02 -9.33 3.20
N GLY A 12 -2.62 -8.82 2.13
CA GLY A 12 -4.06 -8.58 2.13
C GLY A 12 -4.48 -7.63 1.03
N TRP A 13 -5.78 -7.60 0.76
CA TRP A 13 -6.32 -6.73 -0.28
C TRP A 13 -6.07 -5.26 0.06
N VAL A 14 -5.35 -4.57 -0.82
CA VAL A 14 -5.05 -3.16 -0.61
C VAL A 14 -5.16 -2.38 -1.92
N VAL A 15 -5.67 -1.15 -1.82
CA VAL A 15 -5.82 -0.29 -2.99
C VAL A 15 -4.84 0.87 -2.97
N HIS A 16 -4.48 1.35 -4.15
CA HIS A 16 -3.54 2.46 -4.25
C HIS A 16 -3.72 3.19 -5.58
N TYR A 17 -3.04 4.33 -5.73
CA TYR A 17 -3.13 5.13 -6.94
C TYR A 17 -2.11 6.26 -6.93
N SER A 18 -1.55 6.55 -8.09
CA SER A 18 -0.56 7.62 -8.22
C SER A 18 -1.22 8.96 -8.51
N ASN A 19 -0.42 10.01 -8.55
CA ASN A 19 -0.93 11.35 -8.82
C ASN A 19 -0.71 11.74 -10.27
N LYS A 20 -0.75 10.75 -11.16
CA LYS A 20 -0.54 10.99 -12.58
C LYS A 20 -1.75 10.53 -13.39
N ASP A 21 -2.28 9.36 -13.05
CA ASP A 21 -3.43 8.80 -13.74
C ASP A 21 -4.54 8.45 -12.75
N THR A 22 -4.23 8.54 -11.46
CA THR A 22 -5.19 8.24 -10.41
C THR A 22 -6.06 7.04 -10.80
N LEU A 23 -5.42 5.94 -11.18
CA LEU A 23 -6.12 4.74 -11.57
C LEU A 23 -6.16 3.73 -10.43
N ARG A 24 -6.97 4.02 -9.42
CA ARG A 24 -7.10 3.13 -8.26
C ARG A 24 -7.19 1.68 -8.70
N LYS A 25 -6.34 0.84 -8.12
CA LYS A 25 -6.32 -0.59 -8.45
C LYS A 25 -6.23 -1.43 -7.18
N ARG A 26 -7.24 -2.27 -6.97
CA ARG A 26 -7.27 -3.14 -5.80
C ARG A 26 -6.71 -4.52 -6.14
N HIS A 27 -5.90 -5.06 -5.22
CA HIS A 27 -5.29 -6.37 -5.42
C HIS A 27 -4.61 -6.85 -4.14
N TYR A 28 -4.44 -8.16 -4.02
CA TYR A 28 -3.80 -8.75 -2.85
C TYR A 28 -2.36 -8.29 -2.71
N TRP A 29 -2.14 -7.29 -1.88
CA TRP A 29 -0.80 -6.75 -1.66
C TRP A 29 0.03 -7.69 -0.77
N ARG A 30 1.35 -7.54 -0.85
CA ARG A 30 2.24 -8.38 -0.06
C ARG A 30 3.53 -7.62 0.28
N LEU A 31 3.84 -7.53 1.57
CA LEU A 31 5.05 -6.84 2.01
C LEU A 31 6.06 -7.82 2.58
N ASP A 32 7.34 -7.61 2.27
CA ASP A 32 8.40 -8.48 2.76
C ASP A 32 9.57 -7.65 3.31
N CYS A 33 10.65 -8.33 3.66
CA CYS A 33 11.83 -7.66 4.19
C CYS A 33 12.69 -7.09 3.07
N LYS A 34 12.29 -7.35 1.84
CA LYS A 34 13.03 -6.86 0.68
C LYS A 34 12.20 -5.84 -0.09
N CYS A 35 10.98 -6.21 -0.47
CA CYS A 35 10.11 -5.33 -1.21
C CYS A 35 8.64 -5.69 -0.98
N ILE A 36 7.74 -4.92 -1.57
CA ILE A 36 6.30 -5.15 -1.42
C ILE A 36 5.71 -5.72 -2.70
N THR A 37 5.59 -7.05 -2.75
CA THR A 37 5.03 -7.73 -3.92
C THR A 37 3.51 -7.59 -3.96
N LEU A 38 2.95 -7.63 -5.16
CA LEU A 38 1.51 -7.52 -5.34
C LEU A 38 0.94 -8.76 -6.02
N PHE A 39 -0.38 -8.86 -6.04
CA PHE A 39 -1.05 -10.00 -6.65
C PHE A 39 -2.47 -9.64 -7.08
N GLN A 40 -2.70 -9.60 -8.40
CA GLN A 40 -4.02 -9.27 -8.93
C GLN A 40 -5.12 -9.76 -8.01
N ASN A 41 -5.24 -11.09 -7.90
CA ASN A 41 -6.26 -11.70 -7.05
C ASN A 41 -5.65 -12.77 -6.16
N ASN A 42 -6.47 -13.31 -5.26
CA ASN A 42 -6.01 -14.36 -4.35
C ASN A 42 -5.98 -15.71 -5.05
N THR A 43 -6.55 -15.77 -6.25
CA THR A 43 -6.58 -17.00 -7.02
C THR A 43 -5.59 -16.96 -8.18
N THR A 44 -4.51 -16.18 -8.01
CA THR A 44 -3.50 -16.05 -9.04
C THR A 44 -2.18 -16.67 -8.60
N ASN A 45 -1.30 -16.93 -9.56
CA ASN A 45 0.00 -17.53 -9.26
C ASN A 45 1.09 -16.47 -9.26
N ARG A 46 1.46 -16.01 -10.45
CA ARG A 46 2.50 -15.00 -10.58
C ARG A 46 2.07 -13.69 -9.94
N TYR A 47 3.04 -12.84 -9.61
CA TYR A 47 2.76 -11.56 -8.98
C TYR A 47 2.10 -10.59 -9.96
N TYR A 48 1.90 -9.36 -9.53
CA TYR A 48 1.28 -8.34 -10.37
C TYR A 48 2.10 -7.06 -10.39
N LYS A 49 2.65 -6.71 -9.23
CA LYS A 49 3.47 -5.51 -9.11
C LYS A 49 4.50 -5.66 -7.99
N GLU A 50 5.75 -5.31 -8.29
CA GLU A 50 6.83 -5.40 -7.30
C GLU A 50 7.36 -4.03 -6.94
N ILE A 51 7.10 -3.59 -5.72
CA ILE A 51 7.55 -2.29 -5.25
C ILE A 51 8.75 -2.43 -4.33
N PRO A 52 9.96 -2.30 -4.91
CA PRO A 52 11.21 -2.40 -4.14
C PRO A 52 11.42 -1.22 -3.21
N LEU A 53 11.59 -1.51 -1.92
CA LEU A 53 11.80 -0.48 -0.93
C LEU A 53 12.82 0.55 -1.41
N SER A 54 13.76 0.09 -2.23
CA SER A 54 14.80 0.97 -2.76
C SER A 54 14.18 2.13 -3.53
N GLU A 55 13.13 1.83 -4.28
CA GLU A 55 12.45 2.86 -5.07
C GLU A 55 11.81 3.91 -4.17
N ILE A 56 11.24 3.47 -3.06
CA ILE A 56 10.60 4.38 -2.12
C ILE A 56 11.57 5.46 -1.66
N LEU A 57 11.13 6.71 -1.73
CA LEU A 57 11.96 7.83 -1.31
C LEU A 57 11.59 8.28 0.10
N THR A 58 10.30 8.27 0.41
CA THR A 58 9.83 8.68 1.72
C THR A 58 8.39 8.23 1.95
N VAL A 59 8.00 8.08 3.21
CA VAL A 59 6.65 7.66 3.56
C VAL A 59 5.97 8.70 4.43
N GLU A 60 4.82 9.18 3.98
CA GLU A 60 4.05 10.18 4.71
C GLU A 60 2.60 9.74 4.89
N SER A 61 1.85 10.50 5.68
CA SER A 61 0.45 10.18 5.94
C SER A 61 -0.46 11.05 5.08
N ALA A 62 -1.59 10.48 4.66
CA ALA A 62 -2.56 11.21 3.84
C ALA A 62 -2.69 12.66 4.30
N GLN A 63 -2.21 13.58 3.47
CA GLN A 63 -2.27 15.00 3.79
C GLN A 63 -2.80 15.81 2.60
N ASN A 64 -2.54 15.30 1.39
CA ASN A 64 -2.98 15.97 0.17
C ASN A 64 -4.23 15.32 -0.38
N PHE A 65 -5.29 16.10 -0.54
CA PHE A 65 -6.56 15.59 -1.06
C PHE A 65 -7.06 16.47 -2.20
N SER A 66 -6.16 16.82 -3.12
CA SER A 66 -6.52 17.66 -4.26
C SER A 66 -6.83 16.81 -5.48
N LEU A 67 -6.25 15.61 -5.53
CA LEU A 67 -6.47 14.70 -6.65
C LEU A 67 -7.92 14.23 -6.70
N VAL A 68 -8.32 13.47 -5.69
CA VAL A 68 -9.69 12.95 -5.62
C VAL A 68 -10.66 14.04 -5.19
N PRO A 69 -11.91 13.94 -5.66
CA PRO A 69 -12.96 14.91 -5.34
C PRO A 69 -13.41 14.82 -3.89
N PRO A 70 -14.19 15.82 -3.45
CA PRO A 70 -14.71 15.88 -2.08
C PRO A 70 -15.75 14.80 -1.80
N GLY A 71 -15.37 13.81 -1.00
CA GLY A 71 -16.28 12.72 -0.68
C GLY A 71 -15.73 11.36 -1.04
N THR A 72 -14.87 11.33 -2.06
CA THR A 72 -14.27 10.08 -2.52
C THR A 72 -13.31 9.53 -1.47
N ASN A 73 -13.61 8.32 -0.99
CA ASN A 73 -12.76 7.68 0.01
C ASN A 73 -11.30 8.03 -0.19
N PRO A 74 -10.72 8.77 0.77
CA PRO A 74 -9.32 9.19 0.71
C PRO A 74 -8.36 8.02 0.90
N HIS A 75 -7.10 8.34 1.19
CA HIS A 75 -6.08 7.32 1.40
C HIS A 75 -5.58 7.34 2.84
N CYS A 76 -4.61 6.48 3.13
CA CYS A 76 -4.04 6.40 4.48
C CYS A 76 -2.63 6.98 4.51
N PHE A 77 -1.76 6.46 3.65
CA PHE A 77 -0.38 6.94 3.58
C PHE A 77 0.07 7.07 2.14
N GLU A 78 1.06 7.94 1.91
CA GLU A 78 1.59 8.16 0.57
C GLU A 78 3.02 7.66 0.47
N ILE A 79 3.29 6.86 -0.56
CA ILE A 79 4.63 6.32 -0.77
C ILE A 79 5.36 7.08 -1.87
N VAL A 80 5.98 8.19 -1.49
CA VAL A 80 6.72 9.01 -2.46
C VAL A 80 7.81 8.20 -3.14
N THR A 81 7.57 7.82 -4.38
CA THR A 81 8.54 7.05 -5.15
C THR A 81 9.26 7.92 -6.17
N ALA A 82 10.15 7.30 -6.94
CA ALA A 82 10.90 8.02 -7.96
C ALA A 82 10.14 8.09 -9.28
N ASN A 83 8.82 7.96 -9.20
CA ASN A 83 7.98 8.00 -10.39
C ASN A 83 6.75 8.88 -10.15
N ALA A 84 6.20 8.80 -8.94
CA ALA A 84 5.03 9.60 -8.59
C ALA A 84 4.64 9.40 -7.13
N THR A 85 3.60 10.08 -6.69
CA THR A 85 3.13 9.97 -5.32
C THR A 85 2.05 8.91 -5.19
N TYR A 86 2.32 7.88 -4.39
CA TYR A 86 1.36 6.80 -4.19
C TYR A 86 0.30 7.20 -3.17
N PHE A 87 -0.87 6.58 -3.27
CA PHE A 87 -1.96 6.87 -2.36
C PHE A 87 -2.63 5.58 -1.89
N VAL A 88 -2.10 5.01 -0.80
CA VAL A 88 -2.63 3.78 -0.25
C VAL A 88 -3.48 4.06 0.99
N GLY A 89 -4.71 3.54 0.99
CA GLY A 89 -5.60 3.75 2.11
C GLY A 89 -6.92 3.02 1.96
N GLU A 90 -7.99 3.79 1.74
CA GLU A 90 -9.32 3.21 1.57
C GLU A 90 -9.64 3.02 0.09
N MET A 91 -10.64 2.18 -0.19
CA MET A 91 -11.06 1.92 -1.57
C MET A 91 -12.40 2.57 -1.85
N PRO A 92 -12.63 2.91 -3.14
CA PRO A 92 -13.89 3.54 -3.57
C PRO A 92 -15.07 2.59 -3.51
N GLY A 93 -15.69 2.50 -2.34
CA GLY A 93 -16.83 1.62 -2.17
C GLY A 93 -17.21 1.43 -0.71
N GLY A 94 -17.19 2.52 0.05
CA GLY A 94 -17.53 2.44 1.46
C GLY A 94 -18.69 1.52 1.73
N THR A 95 -18.82 1.07 2.97
CA THR A 95 -19.89 0.17 3.36
C THR A 95 -20.40 0.47 4.76
N PRO A 96 -21.66 0.13 5.02
CA PRO A 96 -22.29 0.36 6.33
C PRO A 96 -21.72 -0.54 7.42
N GLY A 97 -20.66 -0.08 8.06
CA GLY A 97 -20.04 -0.86 9.11
C GLY A 97 -19.82 -0.05 10.38
N GLY A 98 -18.60 0.44 10.56
CA GLY A 98 -18.29 1.23 11.75
C GLY A 98 -17.66 2.55 11.41
N PRO A 99 -16.36 2.52 11.05
CA PRO A 99 -15.60 3.72 10.70
C PRO A 99 -16.06 4.33 9.37
N SER A 100 -15.84 5.63 9.21
CA SER A 100 -16.24 6.32 7.99
C SER A 100 -15.01 6.90 7.29
N GLY A 101 -15.13 7.09 5.98
CA GLY A 101 -14.03 7.63 5.20
C GLY A 101 -12.88 6.66 5.07
N GLN A 102 -11.87 6.83 5.91
CA GLN A 102 -10.70 5.96 5.89
C GLN A 102 -11.02 4.60 6.50
N GLY A 103 -10.28 3.57 6.06
CA GLY A 103 -10.51 2.23 6.57
C GLY A 103 -9.94 2.04 7.96
N ALA A 104 -10.46 1.05 8.68
CA ALA A 104 -10.00 0.76 10.04
C ALA A 104 -8.48 0.56 10.06
N GLU A 105 -7.96 0.21 11.23
CA GLU A 105 -6.53 -0.01 11.39
C GLU A 105 -5.96 -0.75 10.18
N ALA A 106 -6.81 -1.50 9.51
CA ALA A 106 -6.39 -2.26 8.33
C ALA A 106 -5.34 -1.50 7.53
N ALA A 107 -5.55 -0.20 7.38
CA ALA A 107 -4.62 0.65 6.64
C ALA A 107 -3.46 1.09 7.52
N ARG A 108 -3.77 1.74 8.63
CA ARG A 108 -2.76 2.21 9.56
C ARG A 108 -1.63 1.18 9.72
N GLY A 109 -2.02 -0.09 9.78
CA GLY A 109 -1.04 -1.15 9.93
C GLY A 109 -0.01 -1.16 8.82
N TRP A 110 -0.47 -0.91 7.60
CA TRP A 110 0.42 -0.89 6.44
C TRP A 110 1.43 0.26 6.55
N GLU A 111 0.93 1.44 6.89
CA GLU A 111 1.78 2.62 7.04
C GLU A 111 3.01 2.30 7.89
N THR A 112 2.77 1.78 9.08
CA THR A 112 3.86 1.44 9.99
C THR A 112 4.65 0.24 9.48
N ALA A 113 3.95 -0.85 9.21
CA ALA A 113 4.59 -2.06 8.71
C ALA A 113 5.54 -1.75 7.56
N ILE A 114 5.00 -1.22 6.47
CA ILE A 114 5.79 -0.88 5.31
C ILE A 114 7.06 -0.13 5.72
N ARG A 115 6.89 0.90 6.54
CA ARG A 115 8.01 1.71 7.01
C ARG A 115 9.01 0.86 7.78
N GLN A 116 8.47 -0.07 8.58
CA GLN A 116 9.32 -0.95 9.39
C GLN A 116 10.19 -1.83 8.50
N ALA A 117 9.60 -2.34 7.41
CA ALA A 117 10.33 -3.19 6.48
C ALA A 117 11.32 -2.38 5.65
N LEU A 118 11.07 -1.08 5.52
CA LEU A 118 11.94 -0.20 4.76
C LEU A 118 13.18 0.18 5.57
N MET A 119 13.15 -0.14 6.86
CA MET A 119 14.27 0.16 7.74
C MET A 119 15.49 -0.66 7.37
N SER A 120 15.27 -1.75 6.65
CA SER A 120 16.35 -2.63 6.23
C SER A 120 17.20 -1.97 5.15
N GLY A 121 16.55 -1.26 4.23
CA GLY A 121 17.25 -0.59 3.17
C GLY A 121 18.46 0.19 3.67
N PRO A 122 19.35 0.57 2.73
CA PRO A 122 20.57 1.32 3.07
C PRO A 122 20.26 2.75 3.50
N SER A 123 20.02 2.94 4.80
CA SER A 123 19.72 4.25 5.35
C SER A 123 20.53 4.52 6.60
N SER A 124 21.66 5.22 6.44
CA SER A 124 22.52 5.54 7.57
C SER A 124 21.76 6.30 8.65
N GLY A 125 22.34 6.36 9.84
CA GLY A 125 21.70 7.05 10.95
C GLY A 125 20.82 6.14 11.77
N GLY A 1 9.11 -4.75 15.87
CA GLY A 1 9.76 -5.42 14.76
C GLY A 1 8.97 -6.62 14.27
N SER A 2 9.60 -7.44 13.43
CA SER A 2 8.95 -8.61 12.88
C SER A 2 9.94 -9.47 12.10
N SER A 3 9.63 -10.76 11.98
CA SER A 3 10.50 -11.70 11.28
C SER A 3 9.76 -12.35 10.12
N GLY A 4 10.47 -13.18 9.36
CA GLY A 4 9.87 -13.86 8.23
C GLY A 4 10.90 -14.45 7.30
N SER A 5 11.66 -15.44 7.80
CA SER A 5 12.69 -16.09 7.00
C SER A 5 12.18 -16.40 5.59
N SER A 6 12.64 -15.62 4.62
CA SER A 6 12.23 -15.80 3.23
C SER A 6 10.72 -15.96 3.13
N GLY A 7 9.98 -15.10 3.85
CA GLY A 7 8.54 -15.17 3.83
C GLY A 7 7.90 -13.80 3.64
N THR A 8 6.64 -13.68 4.03
CA THR A 8 5.91 -12.41 3.90
C THR A 8 5.53 -11.86 5.27
N LEU A 9 5.76 -10.56 5.46
CA LEU A 9 5.43 -9.91 6.72
C LEU A 9 3.95 -9.58 6.80
N ARG A 10 3.42 -9.00 5.71
CA ARG A 10 2.02 -8.63 5.65
C ARG A 10 1.40 -9.05 4.32
N GLU A 11 0.08 -9.21 4.32
CA GLU A 11 -0.63 -9.62 3.12
C GLU A 11 -2.13 -9.34 3.25
N GLY A 12 -2.74 -8.89 2.16
CA GLY A 12 -4.16 -8.59 2.17
C GLY A 12 -4.57 -7.62 1.08
N TRP A 13 -5.85 -7.62 0.74
CA TRP A 13 -6.36 -6.74 -0.30
C TRP A 13 -6.15 -5.27 0.07
N VAL A 14 -5.50 -4.53 -0.83
CA VAL A 14 -5.23 -3.11 -0.59
C VAL A 14 -5.36 -2.31 -1.88
N VAL A 15 -5.81 -1.07 -1.75
CA VAL A 15 -5.97 -0.19 -2.91
C VAL A 15 -4.98 0.97 -2.86
N HIS A 16 -4.49 1.37 -4.03
CA HIS A 16 -3.54 2.47 -4.12
C HIS A 16 -3.68 3.21 -5.45
N TYR A 17 -3.01 4.34 -5.57
CA TYR A 17 -3.07 5.14 -6.79
C TYR A 17 -2.02 6.24 -6.77
N SER A 18 -1.69 6.76 -7.96
CA SER A 18 -0.70 7.82 -8.07
C SER A 18 -1.37 9.17 -8.28
N ASN A 19 -0.56 10.22 -8.36
CA ASN A 19 -1.06 11.57 -8.56
C ASN A 19 -1.60 11.75 -9.97
N LYS A 20 -1.03 11.00 -10.91
CA LYS A 20 -1.45 11.07 -12.31
C LYS A 20 -2.60 10.11 -12.58
N ASP A 21 -2.31 8.82 -12.49
CA ASP A 21 -3.33 7.79 -12.72
C ASP A 21 -4.04 7.42 -11.43
N THR A 22 -5.12 8.14 -11.12
CA THR A 22 -5.88 7.89 -9.91
C THR A 22 -6.86 6.74 -10.11
N LEU A 23 -6.39 5.65 -10.72
CA LEU A 23 -7.22 4.49 -10.97
C LEU A 23 -7.14 3.50 -9.80
N ARG A 24 -7.53 3.96 -8.62
CA ARG A 24 -7.51 3.12 -7.43
C ARG A 24 -7.67 1.65 -7.80
N LYS A 25 -6.59 0.89 -7.69
CA LYS A 25 -6.61 -0.53 -8.01
C LYS A 25 -6.40 -1.37 -6.76
N ARG A 26 -7.37 -2.23 -6.46
CA ARG A 26 -7.29 -3.09 -5.29
C ARG A 26 -6.79 -4.48 -5.67
N HIS A 27 -5.94 -5.05 -4.82
CA HIS A 27 -5.39 -6.38 -5.07
C HIS A 27 -4.66 -6.91 -3.84
N TYR A 28 -4.46 -8.22 -3.79
CA TYR A 28 -3.78 -8.84 -2.66
C TYR A 28 -2.34 -8.36 -2.57
N TRP A 29 -2.11 -7.37 -1.70
CA TRP A 29 -0.78 -6.82 -1.51
C TRP A 29 0.09 -7.74 -0.68
N ARG A 30 1.39 -7.72 -0.92
CA ARG A 30 2.33 -8.56 -0.19
C ARG A 30 3.57 -7.78 0.22
N LEU A 31 3.87 -7.78 1.51
CA LEU A 31 5.03 -7.07 2.03
C LEU A 31 6.06 -8.03 2.60
N ASP A 32 7.34 -7.77 2.33
CA ASP A 32 8.41 -8.61 2.82
C ASP A 32 9.54 -7.78 3.41
N CYS A 33 10.64 -8.44 3.77
CA CYS A 33 11.79 -7.74 4.35
C CYS A 33 12.66 -7.14 3.26
N LYS A 34 12.30 -7.41 2.00
CA LYS A 34 13.07 -6.89 0.87
C LYS A 34 12.23 -5.88 0.08
N CYS A 35 11.03 -6.29 -0.30
CA CYS A 35 10.14 -5.42 -1.07
C CYS A 35 8.67 -5.81 -0.84
N ILE A 36 7.76 -5.06 -1.45
CA ILE A 36 6.34 -5.32 -1.32
C ILE A 36 5.75 -5.84 -2.62
N THR A 37 5.58 -7.16 -2.72
CA THR A 37 5.03 -7.78 -3.91
C THR A 37 3.52 -7.55 -4.00
N LEU A 38 3.00 -7.59 -5.21
CA LEU A 38 1.57 -7.39 -5.44
C LEU A 38 1.00 -8.49 -6.33
N PHE A 39 -0.27 -8.83 -6.11
CA PHE A 39 -0.93 -9.86 -6.90
C PHE A 39 -2.35 -9.43 -7.29
N GLN A 40 -2.53 -9.09 -8.56
CA GLN A 40 -3.83 -8.66 -9.06
C GLN A 40 -4.95 -9.40 -8.35
N ASN A 41 -4.70 -10.66 -8.00
CA ASN A 41 -5.70 -11.47 -7.33
C ASN A 41 -5.04 -12.45 -6.36
N ASN A 42 -5.66 -12.66 -5.20
CA ASN A 42 -5.13 -13.57 -4.20
C ASN A 42 -4.67 -14.87 -4.83
N THR A 43 -5.24 -15.20 -5.98
CA THR A 43 -4.89 -16.42 -6.68
C THR A 43 -4.66 -16.16 -8.17
N THR A 44 -3.58 -15.45 -8.48
CA THR A 44 -3.25 -15.13 -9.86
C THR A 44 -1.86 -15.62 -10.22
N ASN A 45 -1.58 -15.70 -11.52
CA ASN A 45 -0.28 -16.16 -12.00
C ASN A 45 0.86 -15.41 -11.31
N ARG A 46 2.09 -15.70 -11.71
CA ARG A 46 3.25 -15.05 -11.12
C ARG A 46 2.94 -13.61 -10.77
N TYR A 47 3.60 -13.10 -9.72
CA TYR A 47 3.40 -11.73 -9.27
C TYR A 47 3.14 -10.81 -10.45
N TYR A 48 2.35 -9.76 -10.22
CA TYR A 48 2.02 -8.81 -11.26
C TYR A 48 2.76 -7.49 -11.04
N LYS A 49 2.76 -7.02 -9.80
CA LYS A 49 3.43 -5.76 -9.45
C LYS A 49 4.38 -5.97 -8.28
N GLU A 50 5.45 -5.18 -8.24
CA GLU A 50 6.43 -5.27 -7.16
C GLU A 50 6.93 -3.88 -6.76
N ILE A 51 6.78 -3.55 -5.49
CA ILE A 51 7.21 -2.26 -4.97
C ILE A 51 8.45 -2.40 -4.10
N PRO A 52 9.63 -2.22 -4.71
CA PRO A 52 10.91 -2.32 -4.01
C PRO A 52 11.12 -1.16 -3.03
N LEU A 53 11.29 -1.50 -1.76
CA LEU A 53 11.51 -0.49 -0.72
C LEU A 53 12.62 0.47 -1.13
N SER A 54 13.51 0.01 -2.01
CA SER A 54 14.62 0.83 -2.48
C SER A 54 14.11 2.00 -3.31
N GLU A 55 13.04 1.77 -4.07
CA GLU A 55 12.46 2.81 -4.91
C GLU A 55 11.82 3.91 -4.06
N ILE A 56 11.16 3.50 -2.98
CA ILE A 56 10.51 4.45 -2.09
C ILE A 56 11.47 5.55 -1.66
N LEU A 57 11.08 6.79 -1.87
CA LEU A 57 11.90 7.94 -1.49
C LEU A 57 11.57 8.41 -0.07
N THR A 58 10.28 8.47 0.24
CA THR A 58 9.84 8.89 1.55
C THR A 58 8.40 8.46 1.82
N VAL A 59 8.06 8.34 3.10
CA VAL A 59 6.71 7.93 3.49
C VAL A 59 6.05 8.97 4.38
N GLU A 60 4.90 9.47 3.94
CA GLU A 60 4.17 10.48 4.70
C GLU A 60 2.72 10.07 4.90
N SER A 61 2.01 10.79 5.77
CA SER A 61 0.61 10.50 6.04
C SER A 61 -0.30 11.34 5.17
N ALA A 62 -1.43 10.76 4.77
CA ALA A 62 -2.40 11.47 3.93
C ALA A 62 -2.60 12.90 4.40
N GLN A 63 -2.21 13.86 3.57
CA GLN A 63 -2.34 15.27 3.90
C GLN A 63 -2.90 16.06 2.72
N ASN A 64 -2.60 15.61 1.51
CA ASN A 64 -3.07 16.28 0.30
C ASN A 64 -4.32 15.59 -0.23
N PHE A 65 -5.36 16.38 -0.50
CA PHE A 65 -6.62 15.86 -1.01
C PHE A 65 -7.12 16.70 -2.19
N SER A 66 -6.23 16.95 -3.15
CA SER A 66 -6.58 17.74 -4.32
C SER A 66 -6.93 16.84 -5.50
N LEU A 67 -6.43 15.61 -5.47
CA LEU A 67 -6.69 14.65 -6.54
C LEU A 67 -8.12 14.12 -6.47
N VAL A 68 -8.40 13.32 -5.44
CA VAL A 68 -9.73 12.75 -5.27
C VAL A 68 -10.73 13.82 -4.85
N PRO A 69 -12.00 13.64 -5.25
CA PRO A 69 -13.07 14.58 -4.93
C PRO A 69 -13.43 14.56 -3.45
N PRO A 70 -14.26 15.53 -3.03
CA PRO A 70 -14.70 15.64 -1.63
C PRO A 70 -15.65 14.52 -1.23
N GLY A 71 -15.89 13.59 -2.15
CA GLY A 71 -16.78 12.48 -1.88
C GLY A 71 -16.16 11.14 -2.24
N THR A 72 -14.84 11.05 -2.10
CA THR A 72 -14.14 9.81 -2.42
C THR A 72 -13.16 9.44 -1.31
N ASN A 73 -13.40 8.30 -0.67
CA ASN A 73 -12.55 7.83 0.42
C ASN A 73 -11.09 8.18 0.15
N PRO A 74 -10.49 8.99 1.06
CA PRO A 74 -9.10 9.41 0.94
C PRO A 74 -8.12 8.26 1.17
N HIS A 75 -6.84 8.60 1.22
CA HIS A 75 -5.80 7.59 1.44
C HIS A 75 -5.24 7.67 2.85
N CYS A 76 -4.50 6.65 3.25
CA CYS A 76 -3.91 6.60 4.58
C CYS A 76 -2.51 7.22 4.58
N PHE A 77 -1.63 6.64 3.76
CA PHE A 77 -0.26 7.13 3.66
C PHE A 77 0.18 7.25 2.21
N GLU A 78 1.21 8.05 1.97
CA GLU A 78 1.73 8.24 0.62
C GLU A 78 3.17 7.75 0.51
N ILE A 79 3.43 6.93 -0.51
CA ILE A 79 4.77 6.39 -0.72
C ILE A 79 5.48 7.11 -1.86
N VAL A 80 5.98 8.31 -1.56
CA VAL A 80 6.68 9.11 -2.56
C VAL A 80 7.76 8.28 -3.27
N THR A 81 7.48 7.90 -4.51
CA THR A 81 8.41 7.10 -5.29
C THR A 81 9.13 7.97 -6.32
N ALA A 82 9.96 7.33 -7.15
CA ALA A 82 10.71 8.04 -8.18
C ALA A 82 9.91 8.13 -9.47
N ASN A 83 8.67 7.67 -9.42
CA ASN A 83 7.79 7.70 -10.59
C ASN A 83 6.59 8.61 -10.34
N ALA A 84 6.06 8.56 -9.12
CA ALA A 84 4.91 9.38 -8.76
C ALA A 84 4.54 9.19 -7.29
N THR A 85 3.66 10.05 -6.78
CA THR A 85 3.23 9.98 -5.40
C THR A 85 2.15 8.92 -5.21
N TYR A 86 2.47 7.87 -4.47
CA TYR A 86 1.53 6.79 -4.22
C TYR A 86 0.49 7.19 -3.17
N PHE A 87 -0.70 6.62 -3.29
CA PHE A 87 -1.78 6.93 -2.35
C PHE A 87 -2.49 5.66 -1.91
N VAL A 88 -1.94 5.01 -0.88
CA VAL A 88 -2.52 3.78 -0.36
C VAL A 88 -3.54 4.08 0.74
N GLY A 89 -4.69 3.41 0.67
CA GLY A 89 -5.72 3.62 1.67
C GLY A 89 -7.00 2.86 1.35
N GLU A 90 -8.10 3.59 1.24
CA GLU A 90 -9.39 2.99 0.93
C GLU A 90 -9.92 3.49 -0.41
N MET A 91 -10.84 2.73 -0.99
CA MET A 91 -11.43 3.09 -2.28
C MET A 91 -12.90 3.47 -2.12
N PRO A 92 -13.39 4.34 -3.01
CA PRO A 92 -14.78 4.80 -2.99
C PRO A 92 -15.76 3.71 -3.37
N GLY A 93 -16.73 3.44 -2.49
CA GLY A 93 -17.71 2.42 -2.75
C GLY A 93 -18.50 2.03 -1.51
N GLY A 94 -19.13 0.86 -1.55
CA GLY A 94 -19.90 0.39 -0.42
C GLY A 94 -20.35 -1.04 -0.57
N THR A 95 -19.97 -1.88 0.39
CA THR A 95 -20.33 -3.30 0.36
C THR A 95 -21.68 -3.53 1.03
N PRO A 96 -22.39 -4.57 0.58
CA PRO A 96 -23.71 -4.94 1.13
C PRO A 96 -23.61 -5.49 2.54
N GLY A 97 -22.38 -5.76 2.99
CA GLY A 97 -22.17 -6.29 4.31
C GLY A 97 -21.71 -7.73 4.30
N GLY A 98 -20.41 -7.94 4.10
CA GLY A 98 -19.87 -9.28 4.05
C GLY A 98 -18.99 -9.59 5.24
N PRO A 99 -18.12 -10.60 5.10
CA PRO A 99 -17.21 -11.02 6.17
C PRO A 99 -16.12 -9.99 6.43
N SER A 100 -15.60 -9.40 5.36
CA SER A 100 -14.54 -8.39 5.49
C SER A 100 -14.78 -7.24 4.51
N GLY A 101 -14.77 -6.02 5.04
CA GLY A 101 -14.99 -4.85 4.21
C GLY A 101 -14.16 -3.66 4.66
N GLN A 102 -14.75 -2.47 4.59
CA GLN A 102 -14.06 -1.25 5.00
C GLN A 102 -13.61 -1.33 6.45
N GLY A 103 -12.54 -0.61 6.78
CA GLY A 103 -12.02 -0.62 8.13
C GLY A 103 -11.20 0.62 8.44
N ALA A 104 -10.42 0.56 9.51
CA ALA A 104 -9.59 1.68 9.92
C ALA A 104 -8.14 1.24 10.13
N GLU A 105 -7.92 0.35 11.08
CA GLU A 105 -6.58 -0.15 11.37
C GLU A 105 -5.95 -0.77 10.14
N ALA A 106 -6.75 -1.50 9.37
CA ALA A 106 -6.27 -2.15 8.15
C ALA A 106 -5.23 -1.29 7.45
N ALA A 107 -5.59 -0.04 7.15
CA ALA A 107 -4.68 0.87 6.48
C ALA A 107 -3.53 1.27 7.40
N ARG A 108 -3.86 1.65 8.63
CA ARG A 108 -2.86 2.06 9.61
C ARG A 108 -1.71 1.05 9.65
N GLY A 109 -2.04 -0.19 9.98
CA GLY A 109 -1.03 -1.24 10.06
C GLY A 109 -0.02 -1.14 8.94
N TRP A 110 -0.50 -1.02 7.70
CA TRP A 110 0.36 -0.94 6.54
C TRP A 110 1.36 0.21 6.70
N GLU A 111 0.85 1.40 6.98
CA GLU A 111 1.70 2.58 7.16
C GLU A 111 2.94 2.23 7.96
N THR A 112 2.75 1.77 9.19
CA THR A 112 3.86 1.40 10.06
C THR A 112 4.65 0.23 9.48
N ALA A 113 3.96 -0.89 9.28
CA ALA A 113 4.60 -2.09 8.74
C ALA A 113 5.51 -1.73 7.56
N ILE A 114 4.93 -1.26 6.48
CA ILE A 114 5.69 -0.89 5.29
C ILE A 114 6.94 -0.10 5.68
N ARG A 115 6.77 0.87 6.57
CA ARG A 115 7.89 1.70 7.02
C ARG A 115 8.94 0.85 7.74
N GLN A 116 8.47 -0.11 8.53
CA GLN A 116 9.37 -0.99 9.28
C GLN A 116 10.20 -1.84 8.33
N ALA A 117 9.56 -2.35 7.29
CA ALA A 117 10.25 -3.19 6.30
C ALA A 117 11.17 -2.35 5.42
N LEU A 118 10.89 -1.05 5.35
CA LEU A 118 11.71 -0.14 4.54
C LEU A 118 12.98 0.25 5.28
N MET A 119 13.06 -0.11 6.56
CA MET A 119 14.23 0.21 7.37
C MET A 119 15.43 -0.62 6.93
N SER A 120 15.17 -1.68 6.17
CA SER A 120 16.24 -2.55 5.69
C SER A 120 16.91 -1.97 4.47
N GLY A 121 16.11 -1.38 3.59
CA GLY A 121 16.64 -0.79 2.37
C GLY A 121 17.93 -0.03 2.61
N PRO A 122 17.85 1.03 3.45
CA PRO A 122 19.02 1.85 3.79
C PRO A 122 20.03 1.11 4.65
N SER A 123 20.92 0.37 4.01
CA SER A 123 21.94 -0.39 4.73
C SER A 123 23.07 -0.80 3.79
N SER A 124 24.16 -1.28 4.37
CA SER A 124 25.32 -1.70 3.59
C SER A 124 25.30 -3.21 3.35
N GLY A 125 24.67 -3.62 2.25
CA GLY A 125 24.58 -5.03 1.92
C GLY A 125 23.15 -5.47 1.67
N GLY A 1 10.73 -9.16 17.78
CA GLY A 1 9.45 -9.61 18.32
C GLY A 1 8.69 -10.48 17.36
N SER A 2 7.55 -9.98 16.88
CA SER A 2 6.72 -10.74 15.95
C SER A 2 6.87 -10.19 14.53
N SER A 3 7.83 -10.73 13.80
CA SER A 3 8.09 -10.31 12.43
C SER A 3 7.76 -11.42 11.43
N GLY A 4 6.48 -11.53 11.09
CA GLY A 4 6.05 -12.56 10.16
C GLY A 4 6.70 -13.90 10.43
N SER A 5 6.65 -14.79 9.44
CA SER A 5 7.24 -16.12 9.58
C SER A 5 8.30 -16.36 8.52
N SER A 6 9.50 -15.81 8.76
CA SER A 6 10.60 -15.96 7.81
C SER A 6 10.11 -15.88 6.37
N GLY A 7 9.21 -14.94 6.12
CA GLY A 7 8.67 -14.78 4.78
C GLY A 7 8.02 -13.41 4.58
N THR A 8 6.70 -13.40 4.49
CA THR A 8 5.95 -12.16 4.30
C THR A 8 5.64 -11.49 5.64
N LEU A 9 5.79 -10.18 5.69
CA LEU A 9 5.51 -9.42 6.91
C LEU A 9 4.04 -9.02 6.97
N ARG A 10 3.51 -8.57 5.84
CA ARG A 10 2.11 -8.15 5.77
C ARG A 10 1.43 -8.71 4.52
N GLU A 11 0.12 -8.88 4.59
CA GLU A 11 -0.64 -9.40 3.47
C GLU A 11 -2.11 -9.03 3.58
N GLY A 12 -2.75 -8.79 2.43
CA GLY A 12 -4.15 -8.42 2.43
C GLY A 12 -4.50 -7.48 1.29
N TRP A 13 -5.78 -7.45 0.92
CA TRP A 13 -6.23 -6.59 -0.17
C TRP A 13 -5.99 -5.12 0.17
N VAL A 14 -5.35 -4.41 -0.75
CA VAL A 14 -5.06 -2.99 -0.56
C VAL A 14 -5.16 -2.23 -1.87
N VAL A 15 -5.60 -0.98 -1.78
CA VAL A 15 -5.75 -0.13 -2.96
C VAL A 15 -4.77 1.04 -2.92
N HIS A 16 -4.31 1.45 -4.10
CA HIS A 16 -3.37 2.56 -4.21
C HIS A 16 -3.51 3.27 -5.55
N TYR A 17 -2.96 4.47 -5.64
CA TYR A 17 -3.02 5.26 -6.87
C TYR A 17 -1.97 6.36 -6.88
N SER A 18 -1.63 6.84 -8.07
CA SER A 18 -0.64 7.91 -8.21
C SER A 18 -1.32 9.25 -8.43
N ASN A 19 -0.51 10.28 -8.67
CA ASN A 19 -1.02 11.63 -8.91
C ASN A 19 -0.90 12.00 -10.38
N LYS A 20 -1.22 11.05 -11.26
CA LYS A 20 -1.14 11.28 -12.70
C LYS A 20 -2.41 10.79 -13.39
N ASP A 21 -2.83 9.59 -13.05
CA ASP A 21 -4.04 9.01 -13.65
C ASP A 21 -4.97 8.47 -12.56
N THR A 22 -4.51 8.52 -11.31
CA THR A 22 -5.29 8.03 -10.19
C THR A 22 -6.06 6.77 -10.56
N LEU A 23 -5.35 5.78 -11.09
CA LEU A 23 -5.97 4.52 -11.49
C LEU A 23 -6.05 3.55 -10.31
N ARG A 24 -6.67 4.00 -9.22
CA ARG A 24 -6.80 3.17 -8.03
C ARG A 24 -6.79 1.69 -8.40
N LYS A 25 -5.73 1.00 -7.99
CA LYS A 25 -5.59 -0.42 -8.27
C LYS A 25 -5.82 -1.25 -7.01
N ARG A 26 -6.68 -2.26 -7.12
CA ARG A 26 -6.99 -3.12 -5.99
C ARG A 26 -6.44 -4.53 -6.22
N HIS A 27 -5.67 -5.02 -5.25
CA HIS A 27 -5.08 -6.35 -5.34
C HIS A 27 -4.46 -6.76 -4.01
N TYR A 28 -4.36 -8.08 -3.80
CA TYR A 28 -3.78 -8.60 -2.56
C TYR A 28 -2.32 -8.18 -2.41
N TRP A 29 -2.11 -7.05 -1.74
CA TRP A 29 -0.76 -6.54 -1.53
C TRP A 29 0.04 -7.48 -0.64
N ARG A 30 1.36 -7.45 -0.80
CA ARG A 30 2.25 -8.30 -0.01
C ARG A 30 3.55 -7.58 0.32
N LEU A 31 3.87 -7.49 1.60
CA LEU A 31 5.09 -6.83 2.05
C LEU A 31 6.08 -7.83 2.63
N ASP A 32 7.36 -7.61 2.39
CA ASP A 32 8.41 -8.48 2.89
C ASP A 32 9.56 -7.68 3.49
N CYS A 33 10.63 -8.37 3.86
CA CYS A 33 11.79 -7.73 4.45
C CYS A 33 12.74 -7.23 3.38
N LYS A 34 12.25 -7.20 2.13
CA LYS A 34 13.06 -6.74 1.01
C LYS A 34 12.26 -5.80 0.11
N CYS A 35 11.06 -6.24 -0.26
CA CYS A 35 10.20 -5.43 -1.12
C CYS A 35 8.73 -5.77 -0.88
N ILE A 36 7.84 -5.02 -1.52
CA ILE A 36 6.40 -5.25 -1.38
C ILE A 36 5.81 -5.81 -2.66
N THR A 37 5.60 -7.12 -2.69
CA THR A 37 5.02 -7.78 -3.86
C THR A 37 3.51 -7.63 -3.89
N LEU A 38 2.93 -7.71 -5.08
CA LEU A 38 1.49 -7.59 -5.25
C LEU A 38 0.92 -8.79 -5.99
N PHE A 39 -0.38 -9.03 -5.81
CA PHE A 39 -1.04 -10.15 -6.46
C PHE A 39 -2.43 -9.75 -6.94
N GLN A 40 -2.60 -9.66 -8.25
CA GLN A 40 -3.89 -9.29 -8.84
C GLN A 40 -5.04 -9.84 -8.00
N ASN A 41 -5.07 -11.15 -7.82
CA ASN A 41 -6.12 -11.79 -7.06
C ASN A 41 -5.54 -12.86 -6.12
N ASN A 42 -6.17 -13.02 -4.96
CA ASN A 42 -5.71 -14.01 -3.98
C ASN A 42 -5.50 -15.37 -4.64
N THR A 43 -6.10 -15.55 -5.81
CA THR A 43 -5.97 -16.81 -6.55
C THR A 43 -5.34 -16.59 -7.91
N THR A 44 -4.33 -15.72 -7.96
CA THR A 44 -3.63 -15.43 -9.21
C THR A 44 -2.37 -16.27 -9.34
N ASN A 45 -2.20 -16.91 -10.49
CA ASN A 45 -1.03 -17.74 -10.75
C ASN A 45 0.24 -17.03 -10.33
N ARG A 46 0.64 -16.01 -11.10
CA ARG A 46 1.84 -15.25 -10.80
C ARG A 46 1.49 -13.85 -10.29
N TYR A 47 2.45 -13.20 -9.66
CA TYR A 47 2.25 -11.87 -9.12
C TYR A 47 1.83 -10.89 -10.20
N TYR A 48 1.52 -9.65 -9.81
CA TYR A 48 1.11 -8.62 -10.75
C TYR A 48 2.14 -7.51 -10.83
N LYS A 49 2.58 -7.04 -9.68
CA LYS A 49 3.58 -5.98 -9.60
C LYS A 49 4.40 -6.08 -8.32
N GLU A 50 5.61 -5.53 -8.37
CA GLU A 50 6.51 -5.56 -7.21
C GLU A 50 7.03 -4.17 -6.90
N ILE A 51 6.81 -3.72 -5.67
CA ILE A 51 7.26 -2.41 -5.23
C ILE A 51 8.51 -2.51 -4.37
N PRO A 52 9.68 -2.28 -4.99
CA PRO A 52 10.97 -2.34 -4.30
C PRO A 52 11.16 -1.20 -3.31
N LEU A 53 11.56 -1.53 -2.10
CA LEU A 53 11.78 -0.53 -1.06
C LEU A 53 12.77 0.53 -1.53
N SER A 54 13.70 0.12 -2.38
CA SER A 54 14.72 1.03 -2.91
C SER A 54 14.07 2.16 -3.70
N GLU A 55 12.99 1.85 -4.39
CA GLU A 55 12.28 2.84 -5.19
C GLU A 55 11.65 3.91 -4.30
N ILE A 56 11.05 3.48 -3.19
CA ILE A 56 10.42 4.40 -2.26
C ILE A 56 11.40 5.47 -1.80
N LEU A 57 10.99 6.74 -1.94
CA LEU A 57 11.83 7.86 -1.54
C LEU A 57 11.51 8.29 -0.11
N THR A 58 10.22 8.40 0.19
CA THR A 58 9.78 8.81 1.52
C THR A 58 8.34 8.40 1.78
N VAL A 59 7.97 8.27 3.04
CA VAL A 59 6.61 7.89 3.42
C VAL A 59 5.96 8.96 4.27
N GLU A 60 4.77 9.40 3.87
CA GLU A 60 4.03 10.42 4.60
C GLU A 60 2.58 10.01 4.80
N SER A 61 1.87 10.78 5.62
CA SER A 61 0.46 10.48 5.90
C SER A 61 -0.45 11.30 4.98
N ALA A 62 -1.65 10.77 4.74
CA ALA A 62 -2.61 11.44 3.88
C ALA A 62 -2.83 12.89 4.31
N GLN A 63 -2.43 13.82 3.45
CA GLN A 63 -2.57 15.24 3.75
C GLN A 63 -3.14 15.99 2.55
N ASN A 64 -2.82 15.51 1.35
CA ASN A 64 -3.29 16.14 0.12
C ASN A 64 -4.55 15.45 -0.39
N PHE A 65 -5.59 16.23 -0.64
CA PHE A 65 -6.86 15.69 -1.14
C PHE A 65 -7.34 16.49 -2.35
N SER A 66 -6.42 16.78 -3.27
CA SER A 66 -6.77 17.54 -4.47
C SER A 66 -7.09 16.60 -5.63
N LEU A 67 -6.48 15.42 -5.62
CA LEU A 67 -6.71 14.43 -6.66
C LEU A 67 -8.15 13.95 -6.65
N VAL A 68 -8.53 13.25 -5.58
CA VAL A 68 -9.88 12.74 -5.44
C VAL A 68 -10.84 13.82 -4.94
N PRO A 69 -12.10 13.73 -5.37
CA PRO A 69 -13.14 14.68 -4.98
C PRO A 69 -13.53 14.56 -3.51
N PRO A 70 -14.29 15.54 -3.01
CA PRO A 70 -14.74 15.56 -1.61
C PRO A 70 -15.78 14.48 -1.33
N GLY A 71 -15.36 13.42 -0.65
CA GLY A 71 -16.26 12.33 -0.32
C GLY A 71 -15.72 10.98 -0.75
N THR A 72 -14.92 10.98 -1.82
CA THR A 72 -14.34 9.74 -2.33
C THR A 72 -13.30 9.18 -1.36
N ASN A 73 -13.54 7.95 -0.90
CA ASN A 73 -12.63 7.29 0.02
C ASN A 73 -11.19 7.70 -0.26
N PRO A 74 -10.64 8.58 0.60
CA PRO A 74 -9.27 9.06 0.47
C PRO A 74 -8.24 7.98 0.77
N HIS A 75 -6.99 8.39 0.97
CA HIS A 75 -5.91 7.45 1.26
C HIS A 75 -5.44 7.61 2.70
N CYS A 76 -4.61 6.67 3.16
CA CYS A 76 -4.08 6.71 4.52
C CYS A 76 -2.66 7.27 4.53
N PHE A 77 -1.80 6.70 3.69
CA PHE A 77 -0.41 7.13 3.61
C PHE A 77 0.06 7.19 2.16
N GLU A 78 1.06 8.03 1.90
CA GLU A 78 1.59 8.18 0.55
C GLU A 78 3.04 7.69 0.48
N ILE A 79 3.36 6.97 -0.58
CA ILE A 79 4.71 6.45 -0.77
C ILE A 79 5.43 7.16 -1.91
N VAL A 80 5.93 8.35 -1.64
CA VAL A 80 6.63 9.14 -2.64
C VAL A 80 7.71 8.30 -3.34
N THR A 81 7.44 7.92 -4.59
CA THR A 81 8.38 7.12 -5.36
C THR A 81 9.12 7.97 -6.38
N ALA A 82 10.04 7.35 -7.11
CA ALA A 82 10.82 8.05 -8.11
C ALA A 82 10.05 8.15 -9.43
N ASN A 83 8.73 8.01 -9.35
CA ASN A 83 7.89 8.08 -10.53
C ASN A 83 6.66 8.95 -10.27
N ALA A 84 6.13 8.87 -9.05
CA ALA A 84 4.96 9.65 -8.67
C ALA A 84 4.62 9.43 -7.20
N THR A 85 3.69 10.23 -6.70
CA THR A 85 3.26 10.13 -5.31
C THR A 85 2.18 9.08 -5.14
N TYR A 86 2.50 8.03 -4.39
CA TYR A 86 1.55 6.94 -4.15
C TYR A 86 0.49 7.36 -3.13
N PHE A 87 -0.70 6.78 -3.25
CA PHE A 87 -1.79 7.09 -2.35
C PHE A 87 -2.49 5.81 -1.88
N VAL A 88 -1.93 5.17 -0.88
CA VAL A 88 -2.50 3.94 -0.34
C VAL A 88 -3.39 4.22 0.86
N GLY A 89 -4.54 3.55 0.92
CA GLY A 89 -5.46 3.74 2.02
C GLY A 89 -6.71 2.89 1.87
N GLU A 90 -7.84 3.55 1.60
CA GLU A 90 -9.11 2.84 1.45
C GLU A 90 -9.45 2.66 -0.03
N MET A 91 -10.41 1.78 -0.30
CA MET A 91 -10.84 1.53 -1.68
C MET A 91 -12.13 2.27 -2.00
N PRO A 92 -12.35 2.55 -3.29
CA PRO A 92 -13.54 3.26 -3.75
C PRO A 92 -14.80 2.41 -3.63
N GLY A 93 -15.92 3.06 -3.30
CA GLY A 93 -17.17 2.35 -3.15
C GLY A 93 -18.37 3.28 -3.15
N GLY A 94 -19.28 3.06 -2.20
CA GLY A 94 -20.46 3.89 -2.10
C GLY A 94 -21.11 3.82 -0.73
N THR A 95 -20.35 4.19 0.30
CA THR A 95 -20.86 4.16 1.66
C THR A 95 -20.36 5.37 2.46
N PRO A 96 -21.19 5.82 3.41
CA PRO A 96 -20.86 6.97 4.26
C PRO A 96 -19.73 6.68 5.24
N GLY A 97 -19.18 5.47 5.15
CA GLY A 97 -18.10 5.07 6.03
C GLY A 97 -18.55 4.90 7.47
N GLY A 98 -18.84 3.66 7.85
CA GLY A 98 -19.28 3.38 9.19
C GLY A 98 -18.24 2.65 10.01
N PRO A 99 -18.27 2.85 11.34
CA PRO A 99 -17.32 2.21 12.26
C PRO A 99 -17.56 0.71 12.39
N SER A 100 -18.84 0.32 12.41
CA SER A 100 -19.20 -1.08 12.53
C SER A 100 -19.01 -1.81 11.20
N GLY A 101 -17.78 -2.19 10.92
CA GLY A 101 -17.48 -2.89 9.67
C GLY A 101 -16.00 -3.20 9.52
N GLN A 102 -15.40 -2.69 8.45
CA GLN A 102 -13.98 -2.92 8.19
C GLN A 102 -13.37 -1.74 7.44
N GLY A 103 -12.05 -1.68 7.42
CA GLY A 103 -11.36 -0.60 6.74
C GLY A 103 -10.92 0.49 7.68
N ALA A 104 -10.25 0.11 8.77
CA ALA A 104 -9.78 1.06 9.76
C ALA A 104 -8.35 0.75 10.18
N GLU A 105 -8.14 -0.46 10.70
CA GLU A 105 -6.81 -0.88 11.14
C GLU A 105 -5.99 -1.42 9.96
N ALA A 106 -6.67 -2.10 9.05
CA ALA A 106 -6.01 -2.67 7.88
C ALA A 106 -4.93 -1.73 7.35
N ALA A 107 -5.34 -0.54 6.92
CA ALA A 107 -4.41 0.45 6.40
C ALA A 107 -3.38 0.85 7.45
N ARG A 108 -3.84 1.03 8.68
CA ARG A 108 -2.96 1.42 9.77
C ARG A 108 -1.75 0.51 9.84
N GLY A 109 -1.99 -0.79 9.98
CA GLY A 109 -0.90 -1.75 10.05
C GLY A 109 0.11 -1.56 8.94
N TRP A 110 -0.37 -1.16 7.78
CA TRP A 110 0.50 -0.94 6.62
C TRP A 110 1.39 0.27 6.83
N GLU A 111 0.78 1.43 7.02
CA GLU A 111 1.53 2.67 7.23
C GLU A 111 2.78 2.41 8.07
N THR A 112 2.60 1.68 9.17
CA THR A 112 3.71 1.37 10.05
C THR A 112 4.54 0.21 9.52
N ALA A 113 3.85 -0.88 9.16
CA ALA A 113 4.53 -2.06 8.62
C ALA A 113 5.48 -1.68 7.49
N ILE A 114 4.92 -1.17 6.40
CA ILE A 114 5.72 -0.77 5.25
C ILE A 114 6.95 0.03 5.68
N ARG A 115 6.73 1.02 6.54
CA ARG A 115 7.82 1.86 7.03
C ARG A 115 8.86 1.02 7.77
N GLN A 116 8.38 0.06 8.55
CA GLN A 116 9.28 -0.81 9.32
C GLN A 116 10.16 -1.63 8.39
N ALA A 117 9.54 -2.29 7.42
CA ALA A 117 10.27 -3.12 6.46
C ALA A 117 11.25 -2.27 5.64
N LEU A 118 10.85 -1.03 5.35
CA LEU A 118 11.69 -0.13 4.58
C LEU A 118 12.86 0.37 5.42
N MET A 119 12.86 0.05 6.70
CA MET A 119 13.92 0.45 7.60
C MET A 119 15.27 0.00 7.09
N SER A 120 15.27 -1.08 6.31
CA SER A 120 16.50 -1.62 5.75
C SER A 120 16.53 -1.46 4.22
N GLY A 121 15.70 -0.56 3.71
CA GLY A 121 15.65 -0.34 2.28
C GLY A 121 16.97 0.13 1.72
N PRO A 122 17.49 -0.62 0.73
CA PRO A 122 18.77 -0.29 0.08
C PRO A 122 18.67 0.96 -0.78
N SER A 123 19.81 1.64 -0.97
CA SER A 123 19.86 2.85 -1.77
C SER A 123 20.13 2.52 -3.23
N SER A 124 20.04 3.54 -4.08
CA SER A 124 20.26 3.36 -5.52
C SER A 124 21.48 4.14 -5.97
N GLY A 125 22.54 3.42 -6.34
CA GLY A 125 23.76 4.07 -6.79
C GLY A 125 23.80 4.25 -8.29
N GLY A 1 17.41 -18.95 11.27
CA GLY A 1 17.50 -17.54 11.60
C GLY A 1 16.16 -16.94 11.99
N SER A 2 16.13 -15.62 12.16
CA SER A 2 14.90 -14.93 12.53
C SER A 2 13.72 -15.46 11.74
N SER A 3 13.88 -15.54 10.42
CA SER A 3 12.82 -16.02 9.54
C SER A 3 12.28 -17.36 10.02
N GLY A 4 10.98 -17.42 10.26
CA GLY A 4 10.36 -18.65 10.73
C GLY A 4 9.51 -19.31 9.66
N SER A 5 8.21 -19.39 9.90
CA SER A 5 7.29 -20.00 8.95
C SER A 5 6.46 -18.94 8.23
N SER A 6 7.12 -17.86 7.84
CA SER A 6 6.45 -16.77 7.14
C SER A 6 7.43 -16.00 6.27
N GLY A 7 7.04 -15.72 5.03
CA GLY A 7 7.90 -14.98 4.13
C GLY A 7 7.34 -13.61 3.78
N THR A 8 6.27 -13.22 4.46
CA THR A 8 5.64 -11.93 4.22
C THR A 8 5.22 -11.27 5.52
N LEU A 9 5.63 -10.02 5.71
CA LEU A 9 5.30 -9.27 6.92
C LEU A 9 3.82 -8.91 6.93
N ARG A 10 3.33 -8.39 5.82
CA ARG A 10 1.92 -8.00 5.71
C ARG A 10 1.33 -8.46 4.39
N GLU A 11 0.02 -8.69 4.39
CA GLU A 11 -0.67 -9.14 3.17
C GLU A 11 -2.18 -8.95 3.31
N GLY A 12 -2.81 -8.48 2.24
CA GLY A 12 -4.24 -8.27 2.26
C GLY A 12 -4.70 -7.33 1.15
N TRP A 13 -6.01 -7.29 0.92
CA TRP A 13 -6.57 -6.44 -0.12
C TRP A 13 -6.28 -4.97 0.16
N VAL A 14 -5.48 -4.36 -0.71
CA VAL A 14 -5.12 -2.96 -0.57
C VAL A 14 -5.29 -2.20 -1.88
N VAL A 15 -5.53 -0.90 -1.78
CA VAL A 15 -5.72 -0.07 -2.95
C VAL A 15 -4.72 1.09 -2.97
N HIS A 16 -4.22 1.41 -4.16
CA HIS A 16 -3.25 2.50 -4.31
C HIS A 16 -3.50 3.26 -5.61
N TYR A 17 -2.94 4.47 -5.70
CA TYR A 17 -3.10 5.30 -6.87
C TYR A 17 -2.13 6.49 -6.84
N SER A 18 -1.65 6.87 -8.01
CA SER A 18 -0.72 7.99 -8.12
C SER A 18 -1.46 9.30 -8.36
N ASN A 19 -0.70 10.39 -8.52
CA ASN A 19 -1.29 11.69 -8.75
C ASN A 19 -1.22 12.07 -10.22
N LYS A 20 -1.39 11.08 -11.09
CA LYS A 20 -1.35 11.30 -12.53
C LYS A 20 -2.50 10.57 -13.23
N ASP A 21 -2.64 9.29 -12.93
CA ASP A 21 -3.70 8.48 -13.52
C ASP A 21 -4.84 8.27 -12.53
N THR A 22 -4.51 8.22 -11.25
CA THR A 22 -5.50 8.03 -10.20
C THR A 22 -6.39 6.83 -10.51
N LEU A 23 -5.77 5.70 -10.82
CA LEU A 23 -6.50 4.48 -11.13
C LEU A 23 -6.47 3.50 -9.96
N ARG A 24 -7.05 3.91 -8.84
CA ARG A 24 -7.09 3.07 -7.65
C ARG A 24 -7.00 1.60 -8.01
N LYS A 25 -5.81 1.04 -7.85
CA LYS A 25 -5.58 -0.37 -8.16
C LYS A 25 -5.80 -1.25 -6.93
N ARG A 26 -6.77 -2.15 -7.03
CA ARG A 26 -7.08 -3.05 -5.92
C ARG A 26 -6.55 -4.45 -6.19
N HIS A 27 -5.75 -4.97 -5.26
CA HIS A 27 -5.17 -6.30 -5.40
C HIS A 27 -4.51 -6.75 -4.09
N TYR A 28 -4.43 -8.06 -3.90
CA TYR A 28 -3.83 -8.61 -2.69
C TYR A 28 -2.35 -8.20 -2.57
N TRP A 29 -2.11 -7.13 -1.82
CA TRP A 29 -0.76 -6.63 -1.63
C TRP A 29 0.05 -7.58 -0.75
N ARG A 30 1.37 -7.48 -0.86
CA ARG A 30 2.26 -8.33 -0.07
C ARG A 30 3.55 -7.60 0.29
N LEU A 31 3.85 -7.54 1.58
CA LEU A 31 5.05 -6.86 2.06
C LEU A 31 6.05 -7.86 2.64
N ASP A 32 7.33 -7.63 2.37
CA ASP A 32 8.37 -8.52 2.87
C ASP A 32 9.54 -7.71 3.44
N CYS A 33 10.61 -8.40 3.82
CA CYS A 33 11.79 -7.74 4.37
C CYS A 33 12.70 -7.22 3.27
N LYS A 34 12.29 -7.45 2.02
CA LYS A 34 13.07 -6.99 0.87
C LYS A 34 12.27 -5.99 0.04
N CYS A 35 11.06 -6.37 -0.33
CA CYS A 35 10.19 -5.52 -1.13
C CYS A 35 8.72 -5.84 -0.89
N ILE A 36 7.85 -5.09 -1.53
CA ILE A 36 6.41 -5.29 -1.39
C ILE A 36 5.80 -5.86 -2.67
N THR A 37 5.58 -7.17 -2.68
CA THR A 37 5.01 -7.84 -3.84
C THR A 37 3.50 -7.65 -3.90
N LEU A 38 2.93 -7.73 -5.10
CA LEU A 38 1.50 -7.58 -5.29
C LEU A 38 0.90 -8.80 -5.96
N PHE A 39 -0.43 -8.91 -5.91
CA PHE A 39 -1.13 -10.03 -6.52
C PHE A 39 -2.52 -9.60 -7.00
N GLN A 40 -2.74 -9.67 -8.31
CA GLN A 40 -4.02 -9.31 -8.89
C GLN A 40 -5.18 -9.77 -8.01
N ASN A 41 -5.08 -11.02 -7.54
CA ASN A 41 -6.12 -11.59 -6.69
C ASN A 41 -5.51 -12.43 -5.58
N ASN A 42 -6.36 -13.10 -4.81
CA ASN A 42 -5.90 -13.94 -3.71
C ASN A 42 -5.68 -15.37 -4.18
N THR A 43 -6.58 -15.86 -5.02
CA THR A 43 -6.48 -17.22 -5.55
C THR A 43 -5.24 -17.38 -6.41
N THR A 44 -4.98 -16.39 -7.26
CA THR A 44 -3.82 -16.41 -8.14
C THR A 44 -2.55 -16.78 -7.38
N ASN A 45 -1.63 -17.46 -8.06
CA ASN A 45 -0.38 -17.87 -7.44
C ASN A 45 0.72 -16.84 -7.69
N ARG A 46 1.01 -16.59 -8.97
CA ARG A 46 2.04 -15.63 -9.34
C ARG A 46 1.71 -14.24 -8.78
N TYR A 47 2.60 -13.28 -9.03
CA TYR A 47 2.40 -11.92 -8.55
C TYR A 47 2.03 -10.99 -9.69
N TYR A 48 1.68 -9.75 -9.35
CA TYR A 48 1.30 -8.75 -10.34
C TYR A 48 2.36 -7.66 -10.44
N LYS A 49 2.74 -7.11 -9.30
CA LYS A 49 3.74 -6.04 -9.26
C LYS A 49 4.60 -6.16 -8.01
N GLU A 50 5.85 -5.72 -8.12
CA GLU A 50 6.78 -5.78 -6.99
C GLU A 50 7.40 -4.41 -6.73
N ILE A 51 6.94 -3.76 -5.67
CA ILE A 51 7.45 -2.43 -5.30
C ILE A 51 8.65 -2.55 -4.38
N PRO A 52 9.84 -2.25 -4.92
CA PRO A 52 11.10 -2.31 -4.15
C PRO A 52 11.18 -1.21 -3.11
N LEU A 53 11.38 -1.60 -1.86
CA LEU A 53 11.48 -0.64 -0.76
C LEU A 53 12.52 0.44 -1.08
N SER A 54 13.44 0.12 -1.99
CA SER A 54 14.48 1.06 -2.38
C SER A 54 13.89 2.24 -3.14
N GLU A 55 13.00 1.94 -4.08
CA GLU A 55 12.35 2.98 -4.88
C GLU A 55 11.69 4.02 -3.98
N ILE A 56 11.04 3.55 -2.92
CA ILE A 56 10.36 4.44 -1.98
C ILE A 56 11.30 5.53 -1.48
N LEU A 57 10.89 6.78 -1.67
CA LEU A 57 11.69 7.92 -1.23
C LEU A 57 11.34 8.32 0.20
N THR A 58 10.04 8.38 0.49
CA THR A 58 9.57 8.75 1.81
C THR A 58 8.14 8.28 2.03
N VAL A 59 7.78 8.03 3.29
CA VAL A 59 6.44 7.58 3.63
C VAL A 59 5.76 8.56 4.59
N GLU A 60 4.62 9.09 4.17
CA GLU A 60 3.87 10.04 4.99
C GLU A 60 2.41 9.61 5.13
N SER A 61 1.66 10.34 5.94
CA SER A 61 0.25 10.03 6.16
C SER A 61 -0.65 10.94 5.32
N ALA A 62 -1.71 10.35 4.79
CA ALA A 62 -2.65 11.11 3.97
C ALA A 62 -2.80 12.54 4.48
N GLN A 63 -2.35 13.50 3.67
CA GLN A 63 -2.42 14.90 4.03
C GLN A 63 -2.92 15.74 2.86
N ASN A 64 -2.60 15.30 1.65
CA ASN A 64 -3.02 16.01 0.44
C ASN A 64 -4.03 15.19 -0.35
N PHE A 65 -5.25 15.72 -0.47
CA PHE A 65 -6.30 15.03 -1.20
C PHE A 65 -6.88 15.93 -2.29
N SER A 66 -6.01 16.74 -2.90
CA SER A 66 -6.44 17.66 -3.96
C SER A 66 -6.87 16.89 -5.19
N LEU A 67 -6.37 15.66 -5.34
CA LEU A 67 -6.71 14.82 -6.48
C LEU A 67 -8.18 14.42 -6.44
N VAL A 68 -8.53 13.54 -5.50
CA VAL A 68 -9.90 13.08 -5.35
C VAL A 68 -10.78 14.17 -4.75
N PRO A 69 -12.08 14.13 -5.07
CA PRO A 69 -13.06 15.10 -4.57
C PRO A 69 -13.32 14.92 -3.08
N PRO A 70 -14.03 15.91 -2.49
CA PRO A 70 -14.37 15.89 -1.06
C PRO A 70 -15.40 14.82 -0.73
N GLY A 71 -15.83 14.07 -1.74
CA GLY A 71 -16.80 13.02 -1.54
C GLY A 71 -16.30 11.66 -1.99
N THR A 72 -14.98 11.48 -1.95
CA THR A 72 -14.37 10.21 -2.35
C THR A 72 -13.39 9.72 -1.31
N ASN A 73 -13.65 8.53 -0.77
CA ASN A 73 -12.77 7.95 0.25
C ASN A 73 -11.32 8.31 -0.02
N PRO A 74 -10.70 9.03 0.93
CA PRO A 74 -9.30 9.46 0.82
C PRO A 74 -8.33 8.28 0.94
N HIS A 75 -7.06 8.60 1.18
CA HIS A 75 -6.04 7.57 1.33
C HIS A 75 -5.50 7.54 2.75
N CYS A 76 -4.83 6.44 3.10
CA CYS A 76 -4.27 6.28 4.45
C CYS A 76 -2.87 6.89 4.52
N PHE A 77 -1.97 6.40 3.67
CA PHE A 77 -0.60 6.90 3.66
C PHE A 77 -0.12 7.10 2.22
N GLU A 78 0.96 7.86 2.06
CA GLU A 78 1.52 8.15 0.75
C GLU A 78 2.95 7.62 0.64
N ILE A 79 3.23 6.91 -0.45
CA ILE A 79 4.55 6.36 -0.67
C ILE A 79 5.30 7.14 -1.74
N VAL A 80 5.80 8.31 -1.37
CA VAL A 80 6.53 9.16 -2.31
C VAL A 80 7.63 8.37 -3.02
N THR A 81 7.41 8.06 -4.29
CA THR A 81 8.37 7.31 -5.07
C THR A 81 9.10 8.21 -6.06
N ALA A 82 9.99 7.62 -6.86
CA ALA A 82 10.73 8.37 -7.86
C ALA A 82 9.99 8.42 -9.19
N ASN A 83 8.67 8.25 -9.12
CA ASN A 83 7.84 8.28 -10.33
C ASN A 83 6.58 9.12 -10.09
N ALA A 84 6.01 9.00 -8.90
CA ALA A 84 4.81 9.75 -8.55
C ALA A 84 4.39 9.48 -7.11
N THR A 85 3.63 10.40 -6.54
CA THR A 85 3.17 10.27 -5.16
C THR A 85 2.08 9.20 -5.05
N TYR A 86 2.35 8.17 -4.28
CA TYR A 86 1.39 7.08 -4.09
C TYR A 86 0.33 7.47 -3.07
N PHE A 87 -0.87 6.91 -3.24
CA PHE A 87 -1.98 7.20 -2.33
C PHE A 87 -2.70 5.92 -1.94
N VAL A 88 -2.15 5.20 -0.98
CA VAL A 88 -2.75 3.95 -0.51
C VAL A 88 -3.68 4.19 0.68
N GLY A 89 -4.85 3.56 0.64
CA GLY A 89 -5.82 3.72 1.71
C GLY A 89 -7.01 2.80 1.56
N GLU A 90 -8.05 3.28 0.89
CA GLU A 90 -9.25 2.49 0.68
C GLU A 90 -9.93 2.86 -0.63
N MET A 91 -11.09 2.26 -0.88
CA MET A 91 -11.83 2.52 -2.11
C MET A 91 -13.09 3.33 -1.82
N PRO A 92 -13.53 4.13 -2.79
CA PRO A 92 -14.73 4.97 -2.66
C PRO A 92 -16.00 4.15 -2.62
N GLY A 93 -16.79 4.31 -1.56
CA GLY A 93 -18.03 3.57 -1.42
C GLY A 93 -18.38 3.28 0.02
N GLY A 94 -17.94 2.12 0.51
CA GLY A 94 -18.22 1.75 1.89
C GLY A 94 -19.64 2.10 2.30
N THR A 95 -20.61 1.57 1.56
CA THR A 95 -22.02 1.82 1.85
C THR A 95 -22.40 1.28 3.23
N PRO A 96 -23.35 1.95 3.90
CA PRO A 96 -23.83 1.56 5.22
C PRO A 96 -24.63 0.27 5.18
N GLY A 97 -23.94 -0.87 5.16
CA GLY A 97 -24.62 -2.15 5.12
C GLY A 97 -24.08 -3.06 4.03
N GLY A 98 -22.75 -3.12 3.91
CA GLY A 98 -22.14 -3.95 2.90
C GLY A 98 -21.55 -5.23 3.48
N PRO A 99 -21.17 -6.16 2.59
CA PRO A 99 -20.58 -7.44 3.00
C PRO A 99 -19.17 -7.28 3.56
N SER A 100 -18.32 -6.58 2.82
CA SER A 100 -16.94 -6.35 3.24
C SER A 100 -16.22 -5.43 2.27
N GLY A 101 -15.05 -4.94 2.67
CA GLY A 101 -14.27 -4.05 1.83
C GLY A 101 -14.02 -2.72 2.49
N GLN A 102 -13.67 -2.74 3.77
CA GLN A 102 -13.39 -1.52 4.52
C GLN A 102 -12.91 -1.84 5.93
N GLY A 103 -11.87 -1.13 6.37
CA GLY A 103 -11.32 -1.36 7.69
C GLY A 103 -10.73 -0.11 8.29
N ALA A 104 -10.33 -0.18 9.57
CA ALA A 104 -9.74 0.95 10.25
C ALA A 104 -8.22 0.80 10.36
N GLU A 105 -7.79 -0.21 11.11
CA GLU A 105 -6.36 -0.46 11.30
C GLU A 105 -5.76 -1.12 10.06
N ALA A 106 -6.58 -1.91 9.36
CA ALA A 106 -6.13 -2.60 8.16
C ALA A 106 -5.13 -1.75 7.38
N ALA A 107 -5.51 -0.51 7.10
CA ALA A 107 -4.65 0.40 6.37
C ALA A 107 -3.48 0.88 7.22
N ARG A 108 -3.81 1.39 8.41
CA ARG A 108 -2.79 1.89 9.33
C ARG A 108 -1.60 0.93 9.40
N GLY A 109 -1.89 -0.35 9.61
CA GLY A 109 -0.83 -1.34 9.68
C GLY A 109 0.19 -1.19 8.57
N TRP A 110 -0.29 -1.19 7.33
CA TRP A 110 0.58 -1.05 6.17
C TRP A 110 1.54 0.12 6.35
N GLU A 111 0.98 1.29 6.66
CA GLU A 111 1.78 2.49 6.85
C GLU A 111 3.02 2.19 7.68
N THR A 112 2.81 1.74 8.91
CA THR A 112 3.90 1.41 9.81
C THR A 112 4.76 0.28 9.25
N ALA A 113 4.13 -0.88 9.05
CA ALA A 113 4.83 -2.04 8.53
C ALA A 113 5.76 -1.65 7.38
N ILE A 114 5.18 -1.20 6.27
CA ILE A 114 5.96 -0.79 5.11
C ILE A 114 7.20 -0.01 5.53
N ARG A 115 7.01 0.98 6.41
CA ARG A 115 8.10 1.81 6.89
C ARG A 115 9.13 0.96 7.65
N GLN A 116 8.63 0.03 8.46
CA GLN A 116 9.51 -0.84 9.24
C GLN A 116 10.34 -1.74 8.33
N ALA A 117 9.70 -2.27 7.29
CA ALA A 117 10.38 -3.15 6.35
C ALA A 117 11.33 -2.36 5.46
N LEU A 118 11.10 -1.06 5.35
CA LEU A 118 11.93 -0.19 4.53
C LEU A 118 13.20 0.19 5.28
N MET A 119 13.25 -0.11 6.57
CA MET A 119 14.41 0.20 7.39
C MET A 119 15.60 -0.68 7.01
N SER A 120 15.32 -1.76 6.29
CA SER A 120 16.36 -2.69 5.86
C SER A 120 17.33 -2.01 4.91
N GLY A 121 16.80 -1.15 4.04
CA GLY A 121 17.63 -0.45 3.08
C GLY A 121 17.15 -0.63 1.66
N PRO A 122 17.98 -0.19 0.69
CA PRO A 122 17.66 -0.30 -0.74
C PRO A 122 17.70 -1.73 -1.24
N SER A 123 17.95 -2.66 -0.32
CA SER A 123 18.03 -4.08 -0.66
C SER A 123 19.10 -4.34 -1.72
N SER A 124 20.22 -3.63 -1.58
CA SER A 124 21.32 -3.77 -2.53
C SER A 124 22.65 -3.41 -1.86
N GLY A 125 23.46 -4.42 -1.59
CA GLY A 125 24.75 -4.18 -0.96
C GLY A 125 24.91 -4.94 0.33
N GLY A 1 6.20 -11.57 12.60
CA GLY A 1 5.43 -12.80 12.62
C GLY A 1 6.14 -13.92 13.34
N SER A 2 5.65 -15.15 13.15
CA SER A 2 6.25 -16.31 13.80
C SER A 2 6.64 -17.36 12.77
N SER A 3 7.65 -18.16 13.09
CA SER A 3 8.13 -19.21 12.20
C SER A 3 6.95 -19.88 11.50
N GLY A 4 6.95 -19.83 10.16
CA GLY A 4 5.88 -20.45 9.40
C GLY A 4 6.19 -20.51 7.92
N SER A 5 5.22 -20.96 7.13
CA SER A 5 5.40 -21.08 5.68
C SER A 5 5.02 -19.77 4.99
N SER A 6 5.45 -18.65 5.56
CA SER A 6 5.17 -17.34 5.00
C SER A 6 6.27 -16.34 5.34
N GLY A 7 6.95 -15.84 4.30
CA GLY A 7 8.02 -14.90 4.51
C GLY A 7 7.55 -13.45 4.42
N THR A 8 6.33 -13.27 3.93
CA THR A 8 5.75 -11.94 3.79
C THR A 8 5.34 -11.36 5.15
N LEU A 9 5.94 -10.23 5.51
CA LEU A 9 5.64 -9.58 6.77
C LEU A 9 4.16 -9.22 6.86
N ARG A 10 3.67 -8.50 5.86
CA ARG A 10 2.28 -8.08 5.82
C ARG A 10 1.62 -8.50 4.51
N GLU A 11 0.31 -8.73 4.55
CA GLU A 11 -0.43 -9.12 3.37
C GLU A 11 -1.90 -8.71 3.49
N GLY A 12 -2.59 -8.70 2.35
CA GLY A 12 -4.00 -8.33 2.35
C GLY A 12 -4.35 -7.40 1.20
N TRP A 13 -5.62 -7.43 0.78
CA TRP A 13 -6.07 -6.59 -0.31
C TRP A 13 -5.91 -5.11 0.03
N VAL A 14 -5.21 -4.39 -0.83
CA VAL A 14 -4.98 -2.96 -0.61
C VAL A 14 -5.08 -2.18 -1.93
N VAL A 15 -5.57 -0.96 -1.85
CA VAL A 15 -5.71 -0.11 -3.02
C VAL A 15 -4.70 1.03 -3.01
N HIS A 16 -4.30 1.47 -4.20
CA HIS A 16 -3.33 2.56 -4.32
C HIS A 16 -3.47 3.24 -5.68
N TYR A 17 -2.89 4.44 -5.79
CA TYR A 17 -2.95 5.21 -7.03
C TYR A 17 -1.94 6.36 -7.00
N SER A 18 -1.42 6.70 -8.18
CA SER A 18 -0.44 7.77 -8.30
C SER A 18 -1.13 9.09 -8.63
N ASN A 19 -0.40 10.19 -8.50
CA ASN A 19 -0.92 11.52 -8.78
C ASN A 19 -0.71 11.88 -10.24
N LYS A 20 -0.74 10.87 -11.11
CA LYS A 20 -0.55 11.09 -12.54
C LYS A 20 -1.71 10.52 -13.34
N ASP A 21 -2.18 9.34 -12.93
CA ASP A 21 -3.29 8.69 -13.61
C ASP A 21 -4.42 8.39 -12.63
N THR A 22 -4.10 8.38 -11.35
CA THR A 22 -5.08 8.10 -10.31
C THR A 22 -5.89 6.86 -10.64
N LEU A 23 -5.20 5.78 -10.97
CA LEU A 23 -5.86 4.52 -11.31
C LEU A 23 -5.97 3.63 -10.08
N ARG A 24 -6.85 4.00 -9.16
CA ARG A 24 -7.06 3.23 -7.94
C ARG A 24 -7.36 1.76 -8.27
N LYS A 25 -6.45 0.88 -7.85
CA LYS A 25 -6.61 -0.54 -8.10
C LYS A 25 -6.36 -1.35 -6.83
N ARG A 26 -7.34 -2.14 -6.42
CA ARG A 26 -7.21 -2.95 -5.22
C ARG A 26 -6.72 -4.36 -5.57
N HIS A 27 -5.81 -4.88 -4.76
CA HIS A 27 -5.27 -6.21 -4.97
C HIS A 27 -4.55 -6.72 -3.72
N TYR A 28 -4.39 -8.03 -3.64
CA TYR A 28 -3.73 -8.65 -2.49
C TYR A 28 -2.26 -8.23 -2.41
N TRP A 29 -1.99 -7.24 -1.58
CA TRP A 29 -0.63 -6.74 -1.41
C TRP A 29 0.21 -7.69 -0.56
N ARG A 30 1.52 -7.52 -0.60
CA ARG A 30 2.42 -8.36 0.16
C ARG A 30 3.74 -7.64 0.45
N LEU A 31 4.10 -7.55 1.73
CA LEU A 31 5.34 -6.89 2.13
C LEU A 31 6.35 -7.90 2.65
N ASP A 32 7.63 -7.65 2.37
CA ASP A 32 8.70 -8.53 2.81
C ASP A 32 9.85 -7.73 3.40
N CYS A 33 10.97 -8.41 3.65
CA CYS A 33 12.14 -7.76 4.20
C CYS A 33 13.04 -7.21 3.11
N LYS A 34 12.52 -7.22 1.88
CA LYS A 34 13.28 -6.72 0.73
C LYS A 34 12.44 -5.73 -0.08
N CYS A 35 11.23 -6.14 -0.44
CA CYS A 35 10.33 -5.28 -1.22
C CYS A 35 8.87 -5.67 -0.96
N ILE A 36 7.97 -4.91 -1.57
CA ILE A 36 6.54 -5.17 -1.41
C ILE A 36 5.96 -5.82 -2.66
N THR A 37 5.68 -7.11 -2.56
CA THR A 37 5.12 -7.86 -3.69
C THR A 37 3.61 -7.68 -3.76
N LEU A 38 3.08 -7.67 -4.99
CA LEU A 38 1.65 -7.50 -5.21
C LEU A 38 1.07 -8.70 -5.95
N PHE A 39 -0.14 -9.10 -5.56
CA PHE A 39 -0.80 -10.23 -6.20
C PHE A 39 -2.25 -9.88 -6.56
N GLN A 40 -2.56 -9.94 -7.86
CA GLN A 40 -3.90 -9.62 -8.34
C GLN A 40 -4.96 -10.16 -7.38
N ASN A 41 -4.82 -11.43 -7.02
CA ASN A 41 -5.77 -12.08 -6.12
C ASN A 41 -5.03 -12.81 -5.00
N ASN A 42 -5.80 -13.35 -4.05
CA ASN A 42 -5.23 -14.08 -2.93
C ASN A 42 -4.49 -15.33 -3.41
N THR A 43 -5.00 -15.93 -4.49
CA THR A 43 -4.39 -17.13 -5.05
C THR A 43 -4.17 -16.98 -6.55
N THR A 44 -3.69 -15.82 -6.97
CA THR A 44 -3.43 -15.56 -8.38
C THR A 44 -2.16 -16.24 -8.85
N ASN A 45 -2.27 -17.03 -9.91
CA ASN A 45 -1.13 -17.74 -10.47
C ASN A 45 0.15 -16.91 -10.35
N ARG A 46 0.22 -15.82 -11.12
CA ARG A 46 1.38 -14.95 -11.09
C ARG A 46 1.12 -13.74 -10.19
N TYR A 47 2.10 -12.83 -10.14
CA TYR A 47 1.99 -11.63 -9.32
C TYR A 47 1.75 -10.39 -10.18
N TYR A 48 0.99 -9.45 -9.65
CA TYR A 48 0.69 -8.22 -10.37
C TYR A 48 1.96 -7.41 -10.64
N LYS A 49 2.57 -6.94 -9.57
CA LYS A 49 3.80 -6.15 -9.69
C LYS A 49 4.62 -6.23 -8.40
N GLU A 50 5.79 -5.60 -8.42
CA GLU A 50 6.67 -5.60 -7.25
C GLU A 50 7.17 -4.18 -6.95
N ILE A 51 6.90 -3.71 -5.74
CA ILE A 51 7.32 -2.38 -5.33
C ILE A 51 8.56 -2.45 -4.45
N PRO A 52 9.74 -2.22 -5.06
CA PRO A 52 11.02 -2.24 -4.36
C PRO A 52 11.19 -1.07 -3.40
N LEU A 53 11.53 -1.36 -2.16
CA LEU A 53 11.71 -0.32 -1.15
C LEU A 53 12.69 0.74 -1.64
N SER A 54 13.59 0.34 -2.53
CA SER A 54 14.59 1.27 -3.08
C SER A 54 13.91 2.41 -3.82
N GLU A 55 12.83 2.09 -4.54
CA GLU A 55 12.11 3.09 -5.31
C GLU A 55 11.46 4.12 -4.38
N ILE A 56 11.04 3.66 -3.20
CA ILE A 56 10.41 4.54 -2.21
C ILE A 56 11.39 5.61 -1.73
N LEU A 57 10.98 6.87 -1.85
CA LEU A 57 11.82 7.98 -1.42
C LEU A 57 11.49 8.38 0.02
N THR A 58 10.20 8.43 0.33
CA THR A 58 9.76 8.80 1.68
C THR A 58 8.33 8.36 1.93
N VAL A 59 7.99 8.15 3.20
CA VAL A 59 6.64 7.71 3.57
C VAL A 59 5.98 8.73 4.49
N GLU A 60 4.83 9.25 4.07
CA GLU A 60 4.10 10.23 4.86
C GLU A 60 2.64 9.82 5.02
N SER A 61 1.92 10.53 5.88
CA SER A 61 0.52 10.24 6.13
C SER A 61 -0.38 11.09 5.23
N ALA A 62 -1.56 10.57 4.92
CA ALA A 62 -2.51 11.29 4.08
C ALA A 62 -2.67 12.73 4.53
N GLN A 63 -2.22 13.66 3.70
CA GLN A 63 -2.32 15.08 4.02
C GLN A 63 -2.82 15.87 2.81
N ASN A 64 -2.51 15.39 1.62
CA ASN A 64 -2.93 16.05 0.39
C ASN A 64 -4.14 15.37 -0.22
N PHE A 65 -5.23 16.11 -0.36
CA PHE A 65 -6.46 15.56 -0.93
C PHE A 65 -6.95 16.42 -2.09
N SER A 66 -6.02 16.81 -2.96
CA SER A 66 -6.36 17.64 -4.12
C SER A 66 -6.65 16.77 -5.33
N LEU A 67 -6.13 15.55 -5.32
CA LEU A 67 -6.33 14.63 -6.43
C LEU A 67 -7.78 14.13 -6.48
N VAL A 68 -8.14 13.28 -5.52
CA VAL A 68 -9.49 12.74 -5.46
C VAL A 68 -10.49 13.80 -5.00
N PRO A 69 -11.74 13.67 -5.44
CA PRO A 69 -12.81 14.61 -5.08
C PRO A 69 -13.21 14.50 -3.61
N PRO A 70 -14.00 15.47 -3.14
CA PRO A 70 -14.48 15.50 -1.75
C PRO A 70 -15.48 14.40 -1.45
N GLY A 71 -15.73 13.55 -2.44
CA GLY A 71 -16.68 12.45 -2.27
C GLY A 71 -16.10 11.12 -2.66
N THR A 72 -14.78 10.97 -2.51
CA THR A 72 -14.09 9.74 -2.86
C THR A 72 -13.18 9.28 -1.73
N ASN A 73 -13.41 8.08 -1.24
CA ASN A 73 -12.61 7.51 -0.15
C ASN A 73 -11.16 7.97 -0.27
N PRO A 74 -10.69 8.68 0.77
CA PRO A 74 -9.31 9.19 0.81
C PRO A 74 -8.28 8.07 0.96
N HIS A 75 -7.03 8.45 1.18
CA HIS A 75 -5.96 7.49 1.36
C HIS A 75 -5.40 7.52 2.78
N CYS A 76 -4.66 6.50 3.15
CA CYS A 76 -4.07 6.42 4.49
C CYS A 76 -2.69 7.05 4.52
N PHE A 77 -1.78 6.51 3.71
CA PHE A 77 -0.41 7.01 3.64
C PHE A 77 0.02 7.19 2.19
N GLU A 78 1.05 8.01 1.98
CA GLU A 78 1.57 8.27 0.64
C GLU A 78 3.02 7.81 0.52
N ILE A 79 3.28 6.99 -0.50
CA ILE A 79 4.62 6.47 -0.73
C ILE A 79 5.32 7.25 -1.83
N VAL A 80 5.90 8.39 -1.46
CA VAL A 80 6.62 9.23 -2.42
C VAL A 80 7.71 8.45 -3.13
N THR A 81 7.43 8.02 -4.36
CA THR A 81 8.39 7.26 -5.14
C THR A 81 9.14 8.16 -6.12
N ALA A 82 10.02 7.56 -6.91
CA ALA A 82 10.79 8.30 -7.89
C ALA A 82 10.03 8.47 -9.19
N ASN A 83 8.77 8.03 -9.19
CA ASN A 83 7.92 8.13 -10.38
C ASN A 83 6.71 9.01 -10.11
N ALA A 84 6.17 8.91 -8.90
CA ALA A 84 5.01 9.71 -8.51
C ALA A 84 4.64 9.47 -7.05
N THR A 85 3.62 10.19 -6.57
CA THR A 85 3.17 10.05 -5.20
C THR A 85 2.05 9.02 -5.08
N TYR A 86 2.32 7.92 -4.39
CA TYR A 86 1.35 6.87 -4.22
C TYR A 86 0.30 7.25 -3.17
N PHE A 87 -0.89 6.69 -3.29
CA PHE A 87 -1.97 6.98 -2.35
C PHE A 87 -2.69 5.70 -1.92
N VAL A 88 -2.10 5.01 -0.96
CA VAL A 88 -2.67 3.76 -0.47
C VAL A 88 -3.64 4.02 0.70
N GLY A 89 -4.80 3.39 0.63
CA GLY A 89 -5.79 3.56 1.69
C GLY A 89 -7.03 2.73 1.46
N GLU A 90 -8.17 3.39 1.31
CA GLU A 90 -9.44 2.70 1.09
C GLU A 90 -9.93 2.90 -0.35
N MET A 91 -10.70 1.94 -0.84
CA MET A 91 -11.23 2.02 -2.20
C MET A 91 -12.75 1.88 -2.19
N PRO A 92 -13.39 2.40 -3.25
CA PRO A 92 -14.85 2.36 -3.39
C PRO A 92 -15.36 0.95 -3.65
N GLY A 93 -16.35 0.52 -2.88
CA GLY A 93 -16.90 -0.81 -3.05
C GLY A 93 -17.22 -1.48 -1.73
N GLY A 94 -16.29 -2.31 -1.25
CA GLY A 94 -16.49 -3.01 0.00
C GLY A 94 -17.84 -3.70 0.07
N THR A 95 -18.27 -4.04 1.28
CA THR A 95 -19.54 -4.71 1.48
C THR A 95 -20.55 -3.80 2.18
N PRO A 96 -21.84 -3.97 1.84
CA PRO A 96 -22.92 -3.17 2.43
C PRO A 96 -23.16 -3.51 3.90
N GLY A 97 -22.46 -2.80 4.78
CA GLY A 97 -22.61 -3.03 6.20
C GLY A 97 -22.11 -4.41 6.62
N GLY A 98 -20.91 -4.44 7.19
CA GLY A 98 -20.33 -5.71 7.62
C GLY A 98 -18.83 -5.76 7.41
N PRO A 99 -18.12 -6.31 8.41
CA PRO A 99 -16.66 -6.43 8.36
C PRO A 99 -16.20 -7.46 7.34
N SER A 100 -16.04 -7.02 6.09
CA SER A 100 -15.60 -7.90 5.02
C SER A 100 -14.96 -7.10 3.89
N GLY A 101 -13.81 -7.59 3.41
CA GLY A 101 -13.12 -6.91 2.33
C GLY A 101 -12.56 -5.56 2.75
N GLN A 102 -13.36 -4.51 2.57
CA GLN A 102 -12.93 -3.16 2.92
C GLN A 102 -12.87 -3.01 4.44
N GLY A 103 -11.87 -2.26 4.91
CA GLY A 103 -11.72 -2.05 6.34
C GLY A 103 -11.17 -0.67 6.66
N ALA A 104 -10.77 -0.48 7.91
CA ALA A 104 -10.22 0.81 8.35
C ALA A 104 -8.79 0.65 8.84
N GLU A 105 -8.62 -0.10 9.93
CA GLU A 105 -7.30 -0.33 10.51
C GLU A 105 -6.35 -0.95 9.49
N ALA A 106 -6.89 -1.84 8.66
CA ALA A 106 -6.10 -2.51 7.63
C ALA A 106 -5.07 -1.56 7.03
N ALA A 107 -5.41 -0.28 6.98
CA ALA A 107 -4.52 0.73 6.43
C ALA A 107 -3.43 1.12 7.44
N ARG A 108 -3.86 1.54 8.62
CA ARG A 108 -2.92 1.92 9.68
C ARG A 108 -1.85 0.86 9.88
N GLY A 109 -2.20 -0.40 9.58
CA GLY A 109 -1.27 -1.49 9.74
C GLY A 109 -0.17 -1.46 8.70
N TRP A 110 -0.52 -1.08 7.47
CA TRP A 110 0.45 -1.01 6.39
C TRP A 110 1.43 0.14 6.60
N GLU A 111 0.89 1.30 6.96
CA GLU A 111 1.72 2.48 7.18
C GLU A 111 2.95 2.13 8.02
N THR A 112 2.71 1.49 9.16
CA THR A 112 3.80 1.10 10.05
C THR A 112 4.62 -0.03 9.46
N ALA A 113 3.94 -1.12 9.10
CA ALA A 113 4.61 -2.27 8.51
C ALA A 113 5.57 -1.85 7.40
N ILE A 114 5.02 -1.27 6.35
CA ILE A 114 5.82 -0.81 5.22
C ILE A 114 7.05 -0.06 5.69
N ARG A 115 6.87 0.85 6.64
CA ARG A 115 7.96 1.63 7.18
C ARG A 115 8.98 0.74 7.88
N GLN A 116 8.48 -0.26 8.60
CA GLN A 116 9.36 -1.18 9.31
C GLN A 116 10.29 -1.92 8.35
N ALA A 117 9.71 -2.50 7.30
CA ALA A 117 10.49 -3.23 6.31
C ALA A 117 11.47 -2.31 5.59
N LEU A 118 11.08 -1.04 5.45
CA LEU A 118 11.93 -0.06 4.78
C LEU A 118 13.11 0.34 5.67
N MET A 119 13.07 -0.10 6.92
CA MET A 119 14.13 0.20 7.87
C MET A 119 15.50 -0.10 7.28
N SER A 120 15.52 -0.94 6.24
CA SER A 120 16.77 -1.32 5.59
C SER A 120 17.14 -0.30 4.52
N GLY A 121 16.56 0.89 4.61
CA GLY A 121 16.85 1.94 3.65
C GLY A 121 17.48 3.16 4.30
N PRO A 122 18.39 3.81 3.58
CA PRO A 122 19.10 5.01 4.06
C PRO A 122 18.16 6.22 4.17
N SER A 123 18.02 6.74 5.39
CA SER A 123 17.17 7.90 5.62
C SER A 123 17.64 9.10 4.82
N SER A 124 18.92 9.42 4.95
CA SER A 124 19.50 10.56 4.23
C SER A 124 18.98 10.62 2.80
N GLY A 125 19.08 9.51 2.09
CA GLY A 125 18.61 9.46 0.72
C GLY A 125 19.44 8.54 -0.14
#